data_4UU6
# 
_entry.id   4UU6 
# 
_audit_conform.dict_name       mmcif_pdbx.dic 
_audit_conform.dict_version    5.391 
_audit_conform.dict_location   http://mmcif.pdb.org/dictionaries/ascii/mmcif_pdbx.dic 
# 
loop_
_database_2.database_id 
_database_2.database_code 
_database_2.pdbx_database_accession 
_database_2.pdbx_DOI 
PDB   4UU6         pdb_00004uu6 10.2210/pdb4uu6/pdb 
PDBE  EBI-61251    ?            ?                   
WWPDB D_1290061251 ?            ?                   
# 
loop_
_pdbx_audit_revision_history.ordinal 
_pdbx_audit_revision_history.data_content_type 
_pdbx_audit_revision_history.major_revision 
_pdbx_audit_revision_history.minor_revision 
_pdbx_audit_revision_history.revision_date 
1 'Structure model' 1 0 2015-01-14 
2 'Structure model' 1 1 2015-03-11 
3 'Structure model' 1 2 2015-03-25 
4 'Structure model' 1 3 2018-02-28 
5 'Structure model' 1 4 2024-05-08 
# 
_pdbx_audit_revision_details.ordinal             1 
_pdbx_audit_revision_details.revision_ordinal    1 
_pdbx_audit_revision_details.data_content_type   'Structure model' 
_pdbx_audit_revision_details.provider            repository 
_pdbx_audit_revision_details.type                'Initial release' 
_pdbx_audit_revision_details.description         ? 
_pdbx_audit_revision_details.details             ? 
# 
loop_
_pdbx_audit_revision_group.ordinal 
_pdbx_audit_revision_group.revision_ordinal 
_pdbx_audit_revision_group.data_content_type 
_pdbx_audit_revision_group.group 
1 2 'Structure model' 'Database references'  
2 3 'Structure model' 'Database references'  
3 4 'Structure model' 'Database references'  
4 5 'Structure model' 'Data collection'      
5 5 'Structure model' 'Database references'  
6 5 'Structure model' 'Derived calculations' 
7 5 'Structure model' Other                  
# 
loop_
_pdbx_audit_revision_category.ordinal 
_pdbx_audit_revision_category.revision_ordinal 
_pdbx_audit_revision_category.data_content_type 
_pdbx_audit_revision_category.category 
1 4 'Structure model' citation             
2 4 'Structure model' citation_author      
3 5 'Structure model' chem_comp_atom       
4 5 'Structure model' chem_comp_bond       
5 5 'Structure model' database_2           
6 5 'Structure model' pdbx_database_status 
7 5 'Structure model' struct_site          
# 
loop_
_pdbx_audit_revision_item.ordinal 
_pdbx_audit_revision_item.revision_ordinal 
_pdbx_audit_revision_item.data_content_type 
_pdbx_audit_revision_item.item 
1  4 'Structure model' '_citation.country'                    
2  4 'Structure model' '_citation.journal_abbrev'             
3  4 'Structure model' '_citation.journal_id_CSD'             
4  4 'Structure model' '_citation.journal_id_ISSN'            
5  4 'Structure model' '_citation.page_last'                  
6  4 'Structure model' '_citation.title'                      
7  4 'Structure model' '_citation_author.name'                
8  5 'Structure model' '_database_2.pdbx_DOI'                 
9  5 'Structure model' '_database_2.pdbx_database_accession'  
10 5 'Structure model' '_pdbx_database_status.status_code_sf' 
11 5 'Structure model' '_struct_site.pdbx_auth_asym_id'       
12 5 'Structure model' '_struct_site.pdbx_auth_comp_id'       
13 5 'Structure model' '_struct_site.pdbx_auth_seq_id'        
# 
_pdbx_database_status.status_code                     REL 
_pdbx_database_status.entry_id                        4UU6 
_pdbx_database_status.deposit_site                    PDBE 
_pdbx_database_status.process_site                    PDBE 
_pdbx_database_status.SG_entry                        . 
_pdbx_database_status.recvd_initial_deposition_date   2014-07-24 
_pdbx_database_status.pdb_format_compatible           Y 
_pdbx_database_status.status_code_sf                  REL 
_pdbx_database_status.status_code_mr                  ? 
_pdbx_database_status.status_code_cs                  ? 
_pdbx_database_status.methods_development_category    ? 
_pdbx_database_status.status_code_nmr_data            ? 
# 
_pdbx_database_related.db_name        PDB 
_pdbx_database_related.db_id          4UU5 
_pdbx_database_related.content_type   unspecified 
_pdbx_database_related.details        'PDZ-PEPTIDE COMPLEX' 
# 
loop_
_audit_author.name 
_audit_author.pdbx_ordinal 
'Ivanova, M.E.'  1 
'Purkiss, A.G.'  2 
'McDonald, N.Q.' 3 
# 
_citation.id                        primary 
_citation.title                     
'Structures of the human Pals1 PDZ domain with and without ligand suggest gated access of Crb to the PDZ peptide-binding groove.' 
_citation.journal_abbrev            'Acta Crystallogr. D Biol. Crystallogr.' 
_citation.journal_volume            71 
_citation.page_first                555 
_citation.page_last                 564 
_citation.year                      2015 
_citation.journal_id_ASTM           ABCRE6 
_citation.country                   US 
_citation.journal_id_ISSN           1399-0047 
_citation.journal_id_CSD            ? 
_citation.book_publisher            ? 
_citation.pdbx_database_id_PubMed   25760605 
_citation.pdbx_database_id_DOI      10.1107/S139900471402776X 
# 
loop_
_citation_author.citation_id 
_citation_author.name 
_citation_author.ordinal 
_citation_author.identifier_ORCID 
primary 'Ivanova, M.E.'  1 ? 
primary 'Fletcher, G.C.' 2 ? 
primary 
;O'Reilly, N.
;
3 ? 
primary 'Purkiss, A.G.'  4 ? 
primary 'Thompson, B.J.' 5 ? 
primary 'McDonald, N.Q.' 6 ? 
# 
loop_
_entity.id 
_entity.type 
_entity.src_method 
_entity.pdbx_description 
_entity.formula_weight 
_entity.pdbx_number_of_molecules 
_entity.pdbx_ec 
_entity.pdbx_mutation 
_entity.pdbx_fragment 
_entity.details 
1 polymer     man 'MAGUK P55 SUBFAMILY MEMBER 5' 9650.056 1  ? ? 'PDZ DOMAIN, RESIDUES 251-335' ? 
2 non-polymer syn GLYCEROL                       92.094   1  ? ? ?                              ? 
3 non-polymer syn 'CHLORIDE ION'                 35.453   1  ? ? ?                              ? 
4 non-polymer syn 'ACETATE ION'                  59.044   1  ? ? ?                              ? 
5 water       nat water                          18.015   32 ? ? ?                              ? 
# 
_entity_name_com.entity_id   1 
_entity_name_com.name        PALS1 
# 
_entity_poly.entity_id                      1 
_entity_poly.type                           'polypeptide(L)' 
_entity_poly.nstd_linkage                   no 
_entity_poly.nstd_monomer                   no 
_entity_poly.pdbx_seq_one_letter_code       
;GPLGSGETVKIVRIEKARDIPLGATVRNEMDSVIISRIVKGGAAEKSGLLHEGDEVLEINGIEIRGKDVNEVFDLLSDMH
GTLTFVLIPS
;
_entity_poly.pdbx_seq_one_letter_code_can   
;GPLGSGETVKIVRIEKARDIPLGATVRNEMDSVIISRIVKGGAAEKSGLLHEGDEVLEINGIEIRGKDVNEVFDLLSDMH
GTLTFVLIPS
;
_entity_poly.pdbx_strand_id                 A 
_entity_poly.pdbx_target_identifier         ? 
# 
loop_
_pdbx_entity_nonpoly.entity_id 
_pdbx_entity_nonpoly.name 
_pdbx_entity_nonpoly.comp_id 
2 GLYCEROL       GOL 
3 'CHLORIDE ION' CL  
4 'ACETATE ION'  ACT 
5 water          HOH 
# 
loop_
_entity_poly_seq.entity_id 
_entity_poly_seq.num 
_entity_poly_seq.mon_id 
_entity_poly_seq.hetero 
1 1  GLY n 
1 2  PRO n 
1 3  LEU n 
1 4  GLY n 
1 5  SER n 
1 6  GLY n 
1 7  GLU n 
1 8  THR n 
1 9  VAL n 
1 10 LYS n 
1 11 ILE n 
1 12 VAL n 
1 13 ARG n 
1 14 ILE n 
1 15 GLU n 
1 16 LYS n 
1 17 ALA n 
1 18 ARG n 
1 19 ASP n 
1 20 ILE n 
1 21 PRO n 
1 22 LEU n 
1 23 GLY n 
1 24 ALA n 
1 25 THR n 
1 26 VAL n 
1 27 ARG n 
1 28 ASN n 
1 29 GLU n 
1 30 MET n 
1 31 ASP n 
1 32 SER n 
1 33 VAL n 
1 34 ILE n 
1 35 ILE n 
1 36 SER n 
1 37 ARG n 
1 38 ILE n 
1 39 VAL n 
1 40 LYS n 
1 41 GLY n 
1 42 GLY n 
1 43 ALA n 
1 44 ALA n 
1 45 GLU n 
1 46 LYS n 
1 47 SER n 
1 48 GLY n 
1 49 LEU n 
1 50 LEU n 
1 51 HIS n 
1 52 GLU n 
1 53 GLY n 
1 54 ASP n 
1 55 GLU n 
1 56 VAL n 
1 57 LEU n 
1 58 GLU n 
1 59 ILE n 
1 60 ASN n 
1 61 GLY n 
1 62 ILE n 
1 63 GLU n 
1 64 ILE n 
1 65 ARG n 
1 66 GLY n 
1 67 LYS n 
1 68 ASP n 
1 69 VAL n 
1 70 ASN n 
1 71 GLU n 
1 72 VAL n 
1 73 PHE n 
1 74 ASP n 
1 75 LEU n 
1 76 LEU n 
1 77 SER n 
1 78 ASP n 
1 79 MET n 
1 80 HIS n 
1 81 GLY n 
1 82 THR n 
1 83 LEU n 
1 84 THR n 
1 85 PHE n 
1 86 VAL n 
1 87 LEU n 
1 88 ILE n 
1 89 PRO n 
1 90 SER n 
# 
_entity_src_gen.entity_id                          1 
_entity_src_gen.pdbx_src_id                        1 
_entity_src_gen.pdbx_alt_source_flag               sample 
_entity_src_gen.pdbx_seq_type                      ? 
_entity_src_gen.pdbx_beg_seq_num                   ? 
_entity_src_gen.pdbx_end_seq_num                   ? 
_entity_src_gen.gene_src_common_name               HUMAN 
_entity_src_gen.gene_src_genus                     ? 
_entity_src_gen.pdbx_gene_src_gene                 ? 
_entity_src_gen.gene_src_species                   ? 
_entity_src_gen.gene_src_strain                    ? 
_entity_src_gen.gene_src_tissue                    ? 
_entity_src_gen.gene_src_tissue_fraction           ? 
_entity_src_gen.gene_src_details                   ? 
_entity_src_gen.pdbx_gene_src_fragment             ? 
_entity_src_gen.pdbx_gene_src_scientific_name      'HOMO SAPIENS' 
_entity_src_gen.pdbx_gene_src_ncbi_taxonomy_id     9606 
_entity_src_gen.pdbx_gene_src_variant              ? 
_entity_src_gen.pdbx_gene_src_cell_line            ? 
_entity_src_gen.pdbx_gene_src_atcc                 ? 
_entity_src_gen.pdbx_gene_src_organ                ? 
_entity_src_gen.pdbx_gene_src_organelle            ? 
_entity_src_gen.pdbx_gene_src_cell                 ? 
_entity_src_gen.pdbx_gene_src_cellular_location    ? 
_entity_src_gen.host_org_common_name               ? 
_entity_src_gen.pdbx_host_org_scientific_name      'ESCHERICHIA COLI' 
_entity_src_gen.pdbx_host_org_ncbi_taxonomy_id     469008 
_entity_src_gen.host_org_genus                     ? 
_entity_src_gen.pdbx_host_org_gene                 ? 
_entity_src_gen.pdbx_host_org_organ                ? 
_entity_src_gen.host_org_species                   ? 
_entity_src_gen.pdbx_host_org_tissue               ? 
_entity_src_gen.pdbx_host_org_tissue_fraction      ? 
_entity_src_gen.pdbx_host_org_strain               'BL21(DE3)' 
_entity_src_gen.pdbx_host_org_variant              ? 
_entity_src_gen.pdbx_host_org_cell_line            ? 
_entity_src_gen.pdbx_host_org_atcc                 ? 
_entity_src_gen.pdbx_host_org_culture_collection   ? 
_entity_src_gen.pdbx_host_org_cell                 ? 
_entity_src_gen.pdbx_host_org_organelle            ? 
_entity_src_gen.pdbx_host_org_cellular_location    ? 
_entity_src_gen.pdbx_host_org_vector_type          PLASMID 
_entity_src_gen.pdbx_host_org_vector               PGEX-6P-2 
_entity_src_gen.host_org_details                   ? 
_entity_src_gen.expression_system_id               ? 
_entity_src_gen.plasmid_name                       ? 
_entity_src_gen.plasmid_details                    ? 
_entity_src_gen.pdbx_description                   ? 
# 
loop_
_chem_comp.id 
_chem_comp.type 
_chem_comp.mon_nstd_flag 
_chem_comp.name 
_chem_comp.pdbx_synonyms 
_chem_comp.formula 
_chem_comp.formula_weight 
ACT non-polymer         . 'ACETATE ION'   ?                               'C2 H3 O2 -1'    59.044  
ALA 'L-peptide linking' y ALANINE         ?                               'C3 H7 N O2'     89.093  
ARG 'L-peptide linking' y ARGININE        ?                               'C6 H15 N4 O2 1' 175.209 
ASN 'L-peptide linking' y ASPARAGINE      ?                               'C4 H8 N2 O3'    132.118 
ASP 'L-peptide linking' y 'ASPARTIC ACID' ?                               'C4 H7 N O4'     133.103 
CL  non-polymer         . 'CHLORIDE ION'  ?                               'Cl -1'          35.453  
GLU 'L-peptide linking' y 'GLUTAMIC ACID' ?                               'C5 H9 N O4'     147.129 
GLY 'peptide linking'   y GLYCINE         ?                               'C2 H5 N O2'     75.067  
GOL non-polymer         . GLYCEROL        'GLYCERIN; PROPANE-1,2,3-TRIOL' 'C3 H8 O3'       92.094  
HIS 'L-peptide linking' y HISTIDINE       ?                               'C6 H10 N3 O2 1' 156.162 
HOH non-polymer         . WATER           ?                               'H2 O'           18.015  
ILE 'L-peptide linking' y ISOLEUCINE      ?                               'C6 H13 N O2'    131.173 
LEU 'L-peptide linking' y LEUCINE         ?                               'C6 H13 N O2'    131.173 
LYS 'L-peptide linking' y LYSINE          ?                               'C6 H15 N2 O2 1' 147.195 
MET 'L-peptide linking' y METHIONINE      ?                               'C5 H11 N O2 S'  149.211 
PHE 'L-peptide linking' y PHENYLALANINE   ?                               'C9 H11 N O2'    165.189 
PRO 'L-peptide linking' y PROLINE         ?                               'C5 H9 N O2'     115.130 
SER 'L-peptide linking' y SERINE          ?                               'C3 H7 N O3'     105.093 
THR 'L-peptide linking' y THREONINE       ?                               'C4 H9 N O3'     119.119 
VAL 'L-peptide linking' y VALINE          ?                               'C5 H11 N O2'    117.146 
# 
loop_
_pdbx_poly_seq_scheme.asym_id 
_pdbx_poly_seq_scheme.entity_id 
_pdbx_poly_seq_scheme.seq_id 
_pdbx_poly_seq_scheme.mon_id 
_pdbx_poly_seq_scheme.ndb_seq_num 
_pdbx_poly_seq_scheme.pdb_seq_num 
_pdbx_poly_seq_scheme.auth_seq_num 
_pdbx_poly_seq_scheme.pdb_mon_id 
_pdbx_poly_seq_scheme.auth_mon_id 
_pdbx_poly_seq_scheme.pdb_strand_id 
_pdbx_poly_seq_scheme.pdb_ins_code 
_pdbx_poly_seq_scheme.hetero 
A 1 1  GLY 1  246 ?   ?   ?   A . n 
A 1 2  PRO 2  247 ?   ?   ?   A . n 
A 1 3  LEU 3  248 ?   ?   ?   A . n 
A 1 4  GLY 4  249 ?   ?   ?   A . n 
A 1 5  SER 5  250 ?   ?   ?   A . n 
A 1 6  GLY 6  251 251 GLY GLY A . n 
A 1 7  GLU 7  252 252 GLU GLU A . n 
A 1 8  THR 8  253 253 THR THR A . n 
A 1 9  VAL 9  254 254 VAL VAL A . n 
A 1 10 LYS 10 255 255 LYS LYS A . n 
A 1 11 ILE 11 256 256 ILE ILE A . n 
A 1 12 VAL 12 257 257 VAL VAL A . n 
A 1 13 ARG 13 258 258 ARG ARG A . n 
A 1 14 ILE 14 259 259 ILE ILE A . n 
A 1 15 GLU 15 260 260 GLU GLU A . n 
A 1 16 LYS 16 261 261 LYS LYS A . n 
A 1 17 ALA 17 262 262 ALA ALA A . n 
A 1 18 ARG 18 263 263 ARG ARG A . n 
A 1 19 ASP 19 264 264 ASP ASP A . n 
A 1 20 ILE 20 265 265 ILE ILE A . n 
A 1 21 PRO 21 266 266 PRO PRO A . n 
A 1 22 LEU 22 267 267 LEU LEU A . n 
A 1 23 GLY 23 268 268 GLY GLY A . n 
A 1 24 ALA 24 269 269 ALA ALA A . n 
A 1 25 THR 25 270 270 THR THR A . n 
A 1 26 VAL 26 271 271 VAL VAL A . n 
A 1 27 ARG 27 272 272 ARG ARG A . n 
A 1 28 ASN 28 273 273 ASN ASN A . n 
A 1 29 GLU 29 274 274 GLU GLU A . n 
A 1 30 MET 30 275 275 MET MET A . n 
A 1 31 ASP 31 276 276 ASP ASP A . n 
A 1 32 SER 32 277 277 SER SER A . n 
A 1 33 VAL 33 278 278 VAL VAL A . n 
A 1 34 ILE 34 279 279 ILE ILE A . n 
A 1 35 ILE 35 280 280 ILE ILE A . n 
A 1 36 SER 36 281 281 SER SER A . n 
A 1 37 ARG 37 282 282 ARG ARG A . n 
A 1 38 ILE 38 283 283 ILE ILE A . n 
A 1 39 VAL 39 284 284 VAL VAL A . n 
A 1 40 LYS 40 285 285 LYS LYS A . n 
A 1 41 GLY 41 286 286 GLY GLY A . n 
A 1 42 GLY 42 287 287 GLY GLY A . n 
A 1 43 ALA 43 288 288 ALA ALA A . n 
A 1 44 ALA 44 289 289 ALA ALA A . n 
A 1 45 GLU 45 290 290 GLU GLU A . n 
A 1 46 LYS 46 291 291 LYS LYS A . n 
A 1 47 SER 47 292 292 SER SER A . n 
A 1 48 GLY 48 293 293 GLY GLY A . n 
A 1 49 LEU 49 294 294 LEU LEU A . n 
A 1 50 LEU 50 295 295 LEU LEU A . n 
A 1 51 HIS 51 296 296 HIS HIS A . n 
A 1 52 GLU 52 297 297 GLU GLU A . n 
A 1 53 GLY 53 298 298 GLY GLY A . n 
A 1 54 ASP 54 299 299 ASP ASP A . n 
A 1 55 GLU 55 300 300 GLU GLU A . n 
A 1 56 VAL 56 301 301 VAL VAL A . n 
A 1 57 LEU 57 302 302 LEU LEU A . n 
A 1 58 GLU 58 303 303 GLU GLU A . n 
A 1 59 ILE 59 304 304 ILE ILE A . n 
A 1 60 ASN 60 305 305 ASN ASN A . n 
A 1 61 GLY 61 306 306 GLY GLY A . n 
A 1 62 ILE 62 307 307 ILE ILE A . n 
A 1 63 GLU 63 308 308 GLU GLU A . n 
A 1 64 ILE 64 309 309 ILE ILE A . n 
A 1 65 ARG 65 310 310 ARG ARG A . n 
A 1 66 GLY 66 311 311 GLY GLY A . n 
A 1 67 LYS 67 312 312 LYS LYS A . n 
A 1 68 ASP 68 313 313 ASP ASP A . n 
A 1 69 VAL 69 314 314 VAL VAL A . n 
A 1 70 ASN 70 315 315 ASN ASN A . n 
A 1 71 GLU 71 316 316 GLU GLU A . n 
A 1 72 VAL 72 317 317 VAL VAL A . n 
A 1 73 PHE 73 318 318 PHE PHE A . n 
A 1 74 ASP 74 319 319 ASP ASP A . n 
A 1 75 LEU 75 320 320 LEU LEU A . n 
A 1 76 LEU 76 321 321 LEU LEU A . n 
A 1 77 SER 77 322 322 SER SER A . n 
A 1 78 ASP 78 323 323 ASP ASP A . n 
A 1 79 MET 79 324 324 MET MET A . n 
A 1 80 HIS 80 325 325 HIS HIS A . n 
A 1 81 GLY 81 326 326 GLY GLY A . n 
A 1 82 THR 82 327 327 THR THR A . n 
A 1 83 LEU 83 328 328 LEU LEU A . n 
A 1 84 THR 84 329 329 THR THR A . n 
A 1 85 PHE 85 330 330 PHE PHE A . n 
A 1 86 VAL 86 331 331 VAL VAL A . n 
A 1 87 LEU 87 332 332 LEU LEU A . n 
A 1 88 ILE 88 333 333 ILE ILE A . n 
A 1 89 PRO 89 334 334 PRO PRO A . n 
A 1 90 SER 90 335 335 SER SER A . n 
# 
loop_
_pdbx_nonpoly_scheme.asym_id 
_pdbx_nonpoly_scheme.entity_id 
_pdbx_nonpoly_scheme.mon_id 
_pdbx_nonpoly_scheme.ndb_seq_num 
_pdbx_nonpoly_scheme.pdb_seq_num 
_pdbx_nonpoly_scheme.auth_seq_num 
_pdbx_nonpoly_scheme.pdb_mon_id 
_pdbx_nonpoly_scheme.auth_mon_id 
_pdbx_nonpoly_scheme.pdb_strand_id 
_pdbx_nonpoly_scheme.pdb_ins_code 
B 2 GOL 1  1336 1336 GOL GOL A . 
C 3 CL  1  1337 1337 CL  CL  A . 
D 4 ACT 1  1338 1338 ACT ACT A . 
E 5 HOH 1  2001 2001 HOH HOH A . 
E 5 HOH 2  2002 2002 HOH HOH A . 
E 5 HOH 3  2003 2003 HOH HOH A . 
E 5 HOH 4  2004 2004 HOH HOH A . 
E 5 HOH 5  2005 2005 HOH HOH A . 
E 5 HOH 6  2006 2006 HOH HOH A . 
E 5 HOH 7  2007 2007 HOH HOH A . 
E 5 HOH 8  2008 2008 HOH HOH A . 
E 5 HOH 9  2009 2009 HOH HOH A . 
E 5 HOH 10 2010 2010 HOH HOH A . 
E 5 HOH 11 2011 2011 HOH HOH A . 
E 5 HOH 12 2012 2012 HOH HOH A . 
E 5 HOH 13 2013 2013 HOH HOH A . 
E 5 HOH 14 2014 2014 HOH HOH A . 
E 5 HOH 15 2015 2015 HOH HOH A . 
E 5 HOH 16 2016 2016 HOH HOH A . 
E 5 HOH 17 2017 2017 HOH HOH A . 
E 5 HOH 18 2018 2018 HOH HOH A . 
E 5 HOH 19 2019 2019 HOH HOH A . 
E 5 HOH 20 2020 2020 HOH HOH A . 
E 5 HOH 21 2021 2021 HOH HOH A . 
E 5 HOH 22 2022 2022 HOH HOH A . 
E 5 HOH 23 2023 2023 HOH HOH A . 
E 5 HOH 24 2024 2024 HOH HOH A . 
E 5 HOH 25 2025 2025 HOH HOH A . 
E 5 HOH 26 2026 2026 HOH HOH A . 
E 5 HOH 27 2027 2027 HOH HOH A . 
E 5 HOH 28 2028 2028 HOH HOH A . 
E 5 HOH 29 2029 2029 HOH HOH A . 
E 5 HOH 30 2030 2030 HOH HOH A . 
E 5 HOH 31 2031 2031 HOH HOH A . 
E 5 HOH 32 2032 2032 HOH HOH A . 
# 
loop_
_pdbx_unobs_or_zero_occ_atoms.id 
_pdbx_unobs_or_zero_occ_atoms.PDB_model_num 
_pdbx_unobs_or_zero_occ_atoms.polymer_flag 
_pdbx_unobs_or_zero_occ_atoms.occupancy_flag 
_pdbx_unobs_or_zero_occ_atoms.auth_asym_id 
_pdbx_unobs_or_zero_occ_atoms.auth_comp_id 
_pdbx_unobs_or_zero_occ_atoms.auth_seq_id 
_pdbx_unobs_or_zero_occ_atoms.PDB_ins_code 
_pdbx_unobs_or_zero_occ_atoms.auth_atom_id 
_pdbx_unobs_or_zero_occ_atoms.label_alt_id 
_pdbx_unobs_or_zero_occ_atoms.label_asym_id 
_pdbx_unobs_or_zero_occ_atoms.label_comp_id 
_pdbx_unobs_or_zero_occ_atoms.label_seq_id 
_pdbx_unobs_or_zero_occ_atoms.label_atom_id 
1  1 Y 1 A THR 253 ? OG1 ? A THR 8  OG1 
2  1 Y 1 A THR 253 ? CG2 ? A THR 8  CG2 
3  1 Y 1 A GLU 274 ? CD  ? A GLU 29 CD  
4  1 Y 1 A GLU 274 ? OE1 ? A GLU 29 OE1 
5  1 Y 1 A GLU 274 ? OE2 ? A GLU 29 OE2 
6  1 Y 1 A MET 275 ? CG  ? A MET 30 CG  
7  1 Y 1 A MET 275 ? SD  ? A MET 30 SD  
8  1 Y 1 A MET 275 ? CE  ? A MET 30 CE  
9  1 Y 1 A LYS 285 ? CE  ? A LYS 40 CE  
10 1 Y 1 A LYS 285 ? NZ  ? A LYS 40 NZ  
11 1 Y 1 A GLU 297 ? CD  ? A GLU 52 CD  
12 1 Y 1 A GLU 297 ? OE1 ? A GLU 52 OE1 
13 1 Y 1 A GLU 297 ? OE2 ? A GLU 52 OE2 
14 1 Y 1 A SER 335 ? OG  ? A SER 90 OG  
# 
loop_
_software.name 
_software.classification 
_software.version 
_software.citation_id 
_software.pdbx_ordinal 
PHENIX refinement       '(PHENIX.REFINE)' ? 1 
XDS    'data reduction' .                 ? 2 
XSCALE 'data scaling'   .                 ? 3 
PHASER phasing          .                 ? 4 
# 
_cell.entry_id           4UU6 
_cell.length_a           44.140 
_cell.length_b           44.140 
_cell.length_c           89.550 
_cell.angle_alpha        90.00 
_cell.angle_beta         90.00 
_cell.angle_gamma        90.00 
_cell.Z_PDB              8 
_cell.pdbx_unique_axis   ? 
# 
_symmetry.entry_id                         4UU6 
_symmetry.space_group_name_H-M             'P 43 21 2' 
_symmetry.pdbx_full_space_group_name_H-M   ? 
_symmetry.cell_setting                     ? 
_symmetry.Int_Tables_number                96 
# 
_exptl.entry_id          4UU6 
_exptl.method            'X-RAY DIFFRACTION' 
_exptl.crystals_number   1 
# 
_exptl_crystal.id                    1 
_exptl_crystal.density_meas          ? 
_exptl_crystal.density_Matthews      2.41 
_exptl_crystal.density_percent_sol   49.07 
_exptl_crystal.description           
'MOLECULAR REPLACEMENT SEARCH MODEL BASED ON THE PREVIOUSLY SOLVED STRUCTURE ALSO TO BE SUBMITTED' 
# 
_exptl_crystal_grow.crystal_id      1 
_exptl_crystal_grow.method          ? 
_exptl_crystal_grow.temp            ? 
_exptl_crystal_grow.temp_details    ? 
_exptl_crystal_grow.pH              7.5 
_exptl_crystal_grow.pdbx_pH_range   ? 
_exptl_crystal_grow.pdbx_details    '0.085M TRIS (PH 8), 0.17M NA ACETATE, 19% (V/V) GLYCEROL, 25.9% (W/V) PEG 4000' 
# 
_diffrn.id                     1 
_diffrn.ambient_temp           100 
_diffrn.ambient_temp_details   ? 
_diffrn.crystal_id             1 
# 
_diffrn_detector.diffrn_id              1 
_diffrn_detector.detector               PIXEL 
_diffrn_detector.type                   'DECTRIS PILATUS 2M' 
_diffrn_detector.pdbx_collection_date   2013-10-25 
_diffrn_detector.details                MIRRORS 
# 
_diffrn_radiation.diffrn_id                        1 
_diffrn_radiation.wavelength_id                    1 
_diffrn_radiation.pdbx_monochromatic_or_laue_m_l   M 
_diffrn_radiation.monochromator                    ? 
_diffrn_radiation.pdbx_diffrn_protocol             'SINGLE WAVELENGTH' 
_diffrn_radiation.pdbx_scattering_type             x-ray 
# 
_diffrn_radiation_wavelength.id           1 
_diffrn_radiation_wavelength.wavelength   0.92 
_diffrn_radiation_wavelength.wt           1.0 
# 
_diffrn_source.diffrn_id                   1 
_diffrn_source.source                      SYNCHROTRON 
_diffrn_source.type                        'DIAMOND BEAMLINE I04-1' 
_diffrn_source.pdbx_synchrotron_site       Diamond 
_diffrn_source.pdbx_synchrotron_beamline   I04-1 
_diffrn_source.pdbx_wavelength             0.92 
_diffrn_source.pdbx_wavelength_list        ? 
# 
_reflns.pdbx_diffrn_id               1 
_reflns.pdbx_ordinal                 1 
_reflns.entry_id                     4UU6 
_reflns.observed_criterion_sigma_I   1.3 
_reflns.observed_criterion_sigma_F   ? 
_reflns.d_resolution_low             39.60 
_reflns.d_resolution_high            1.80 
_reflns.number_obs                   8722 
_reflns.number_all                   ? 
_reflns.percent_possible_obs         99.7 
_reflns.pdbx_Rmerge_I_obs            0.06 
_reflns.pdbx_Rsym_value              ? 
_reflns.pdbx_netI_over_sigmaI        5.70 
_reflns.B_iso_Wilson_estimate        32.21 
_reflns.pdbx_redundancy              6.8 
# 
_reflns_shell.pdbx_diffrn_id         1 
_reflns_shell.pdbx_ordinal           1 
_reflns_shell.d_res_high             1.80 
_reflns_shell.d_res_low              1.85 
_reflns_shell.percent_possible_all   99.2 
_reflns_shell.Rmerge_I_obs           1.36 
_reflns_shell.pdbx_Rsym_value        ? 
_reflns_shell.meanI_over_sigI_obs    1.30 
_reflns_shell.pdbx_redundancy        6.9 
# 
_refine.pdbx_refine_id                           'X-RAY DIFFRACTION' 
_refine.entry_id                                 4UU6 
_refine.pdbx_diffrn_id                           1 
_refine.pdbx_TLS_residual_ADP_flag               ? 
_refine.ls_number_reflns_obs                     8721 
_refine.ls_number_reflns_all                     ? 
_refine.pdbx_ls_sigma_I                          ? 
_refine.pdbx_ls_sigma_F                          1.36 
_refine.pdbx_data_cutoff_high_absF               ? 
_refine.pdbx_data_cutoff_low_absF                ? 
_refine.pdbx_data_cutoff_high_rms_absF           ? 
_refine.ls_d_res_low                             39.592 
_refine.ls_d_res_high                            1.800 
_refine.ls_percent_reflns_obs                    99.66 
_refine.ls_R_factor_obs                          0.1993 
_refine.ls_R_factor_all                          ? 
_refine.ls_R_factor_R_work                       0.1982 
_refine.ls_R_factor_R_free                       0.2208 
_refine.ls_R_factor_R_free_error                 ? 
_refine.ls_R_factor_R_free_error_details         ? 
_refine.ls_percent_reflns_R_free                 4.7 
_refine.ls_number_reflns_R_free                  412 
_refine.ls_number_parameters                     ? 
_refine.ls_number_restraints                     ? 
_refine.occupancy_min                            ? 
_refine.occupancy_max                            ? 
_refine.correlation_coeff_Fo_to_Fc               ? 
_refine.correlation_coeff_Fo_to_Fc_free          ? 
_refine.B_iso_mean                               43.17 
_refine.aniso_B[1][1]                            ? 
_refine.aniso_B[2][2]                            ? 
_refine.aniso_B[3][3]                            ? 
_refine.aniso_B[1][2]                            ? 
_refine.aniso_B[1][3]                            ? 
_refine.aniso_B[2][3]                            ? 
_refine.solvent_model_details                    'FLAT BULK SOLVENT MODEL' 
_refine.solvent_model_param_ksol                 1.2618 
_refine.solvent_model_param_bsol                 1.5993 
_refine.pdbx_solvent_vdw_probe_radii             1.11 
_refine.pdbx_solvent_ion_probe_radii             ? 
_refine.pdbx_solvent_shrinkage_radii             0.90 
_refine.pdbx_ls_cross_valid_method               ? 
_refine.details                                  ? 
_refine.pdbx_starting_model                      ? 
_refine.pdbx_method_to_determine_struct          'MOLECULAR REPLACEMENT' 
_refine.pdbx_isotropic_thermal_model             ? 
_refine.pdbx_stereochemistry_target_values       ML 
_refine.pdbx_stereochem_target_val_spec_case     ? 
_refine.pdbx_R_Free_selection_details            ? 
_refine.pdbx_overall_ESU_R                       ? 
_refine.pdbx_overall_ESU_R_Free                  ? 
_refine.overall_SU_ML                            0.16 
_refine.pdbx_overall_phase_error                 30.29 
_refine.overall_SU_B                             ? 
_refine.overall_SU_R_Cruickshank_DPI             ? 
_refine.pdbx_overall_SU_R_free_Cruickshank_DPI   ? 
_refine.pdbx_overall_SU_R_Blow_DPI               ? 
_refine.pdbx_overall_SU_R_free_Blow_DPI          ? 
# 
_refine_hist.pdbx_refine_id                   'X-RAY DIFFRACTION' 
_refine_hist.cycle_id                         LAST 
_refine_hist.pdbx_number_atoms_protein        633 
_refine_hist.pdbx_number_atoms_nucleic_acid   0 
_refine_hist.pdbx_number_atoms_ligand         11 
_refine_hist.number_atoms_solvent             32 
_refine_hist.number_atoms_total               676 
_refine_hist.d_res_high                       1.800 
_refine_hist.d_res_low                        39.592 
# 
loop_
_refine_ls_restr.type 
_refine_ls_restr.dev_ideal 
_refine_ls_restr.dev_ideal_target 
_refine_ls_restr.weight 
_refine_ls_restr.number 
_refine_ls_restr.pdbx_refine_id 
_refine_ls_restr.pdbx_restraint_function 
f_bond_d           0.005  ? ? 646 'X-RAY DIFFRACTION' ? 
f_angle_d          0.872  ? ? 869 'X-RAY DIFFRACTION' ? 
f_dihedral_angle_d 11.432 ? ? 240 'X-RAY DIFFRACTION' ? 
f_chiral_restr     0.031  ? ? 106 'X-RAY DIFFRACTION' ? 
f_plane_restr      0.003  ? ? 113 'X-RAY DIFFRACTION' ? 
# 
loop_
_refine_ls_shell.pdbx_refine_id 
_refine_ls_shell.pdbx_total_number_of_bins_used 
_refine_ls_shell.d_res_high 
_refine_ls_shell.d_res_low 
_refine_ls_shell.number_reflns_R_work 
_refine_ls_shell.R_factor_R_work 
_refine_ls_shell.percent_reflns_obs 
_refine_ls_shell.R_factor_R_free 
_refine_ls_shell.R_factor_R_free_error 
_refine_ls_shell.percent_reflns_R_free 
_refine_ls_shell.number_reflns_R_free 
_refine_ls_shell.number_reflns_all 
_refine_ls_shell.R_factor_all 
'X-RAY DIFFRACTION' . 1.8001 2.0605  2669 0.2505 100.00 0.3312 . . 146 . . 
'X-RAY DIFFRACTION' . 2.0605 2.5960  2746 0.2393 100.00 0.2800 . . 139 . . 
'X-RAY DIFFRACTION' . 2.5960 39.6012 2894 0.1784 100.00 0.1881 . . 127 . . 
# 
_struct.entry_id                  4UU6 
_struct.title                     'CRYSTAL STRUCTURE OF THE PDZ DOMAIN OF PALS1' 
_struct.pdbx_model_details        ? 
_struct.pdbx_CASP_flag            ? 
_struct.pdbx_model_type_details   ? 
# 
_struct_keywords.entry_id        4UU6 
_struct_keywords.pdbx_keywords   'STRUCTURAL PROTEIN' 
_struct_keywords.text            'STRUCTURAL PROTEIN' 
# 
loop_
_struct_asym.id 
_struct_asym.pdbx_blank_PDB_chainid_flag 
_struct_asym.pdbx_modified 
_struct_asym.entity_id 
_struct_asym.details 
A N N 1 ? 
B N N 2 ? 
C N N 3 ? 
D N N 4 ? 
E N N 5 ? 
# 
_struct_ref.id                         1 
_struct_ref.db_name                    UNP 
_struct_ref.db_code                    MPP5_HUMAN 
_struct_ref.entity_id                  1 
_struct_ref.pdbx_seq_one_letter_code   ? 
_struct_ref.pdbx_align_begin           ? 
_struct_ref.pdbx_db_accession          Q8N3R9 
_struct_ref.pdbx_db_isoform            ? 
# 
_struct_ref_seq.align_id                      1 
_struct_ref_seq.ref_id                        1 
_struct_ref_seq.pdbx_PDB_id_code              4UU6 
_struct_ref_seq.pdbx_strand_id                A 
_struct_ref_seq.seq_align_beg                 6 
_struct_ref_seq.pdbx_seq_align_beg_ins_code   ? 
_struct_ref_seq.seq_align_end                 90 
_struct_ref_seq.pdbx_seq_align_end_ins_code   ? 
_struct_ref_seq.pdbx_db_accession             Q8N3R9 
_struct_ref_seq.db_align_beg                  251 
_struct_ref_seq.pdbx_db_align_beg_ins_code    ? 
_struct_ref_seq.db_align_end                  335 
_struct_ref_seq.pdbx_db_align_end_ins_code    ? 
_struct_ref_seq.pdbx_auth_seq_align_beg       251 
_struct_ref_seq.pdbx_auth_seq_align_end       335 
# 
loop_
_struct_ref_seq_dif.align_id 
_struct_ref_seq_dif.pdbx_pdb_id_code 
_struct_ref_seq_dif.mon_id 
_struct_ref_seq_dif.pdbx_pdb_strand_id 
_struct_ref_seq_dif.seq_num 
_struct_ref_seq_dif.pdbx_pdb_ins_code 
_struct_ref_seq_dif.pdbx_seq_db_name 
_struct_ref_seq_dif.pdbx_seq_db_accession_code 
_struct_ref_seq_dif.db_mon_id 
_struct_ref_seq_dif.pdbx_seq_db_seq_num 
_struct_ref_seq_dif.details 
_struct_ref_seq_dif.pdbx_auth_seq_num 
_struct_ref_seq_dif.pdbx_ordinal 
1 4UU6 GLY A 1 ? UNP Q8N3R9 ? ? 'expression tag' 246 1 
1 4UU6 PRO A 2 ? UNP Q8N3R9 ? ? 'expression tag' 247 2 
1 4UU6 LEU A 3 ? UNP Q8N3R9 ? ? 'expression tag' 248 3 
1 4UU6 GLY A 4 ? UNP Q8N3R9 ? ? 'expression tag' 249 4 
1 4UU6 SER A 5 ? UNP Q8N3R9 ? ? 'expression tag' 250 5 
# 
_pdbx_struct_assembly.id                   1 
_pdbx_struct_assembly.details              author_and_software_defined_assembly 
_pdbx_struct_assembly.method_details       PISA 
_pdbx_struct_assembly.oligomeric_details   monomeric 
_pdbx_struct_assembly.oligomeric_count     1 
# 
_pdbx_struct_assembly_gen.assembly_id       1 
_pdbx_struct_assembly_gen.oper_expression   1 
_pdbx_struct_assembly_gen.asym_id_list      A,B,C,D,E 
# 
_pdbx_struct_oper_list.id                   1 
_pdbx_struct_oper_list.type                 'identity operation' 
_pdbx_struct_oper_list.name                 1_555 
_pdbx_struct_oper_list.symmetry_operation   x,y,z 
_pdbx_struct_oper_list.matrix[1][1]         1.0000000000 
_pdbx_struct_oper_list.matrix[1][2]         0.0000000000 
_pdbx_struct_oper_list.matrix[1][3]         0.0000000000 
_pdbx_struct_oper_list.vector[1]            0.0000000000 
_pdbx_struct_oper_list.matrix[2][1]         0.0000000000 
_pdbx_struct_oper_list.matrix[2][2]         1.0000000000 
_pdbx_struct_oper_list.matrix[2][3]         0.0000000000 
_pdbx_struct_oper_list.vector[2]            0.0000000000 
_pdbx_struct_oper_list.matrix[3][1]         0.0000000000 
_pdbx_struct_oper_list.matrix[3][2]         0.0000000000 
_pdbx_struct_oper_list.matrix[3][3]         1.0000000000 
_pdbx_struct_oper_list.vector[3]            0.0000000000 
# 
_struct_biol.id   1 
# 
loop_
_struct_conf.conf_type_id 
_struct_conf.id 
_struct_conf.pdbx_PDB_helix_id 
_struct_conf.beg_label_comp_id 
_struct_conf.beg_label_asym_id 
_struct_conf.beg_label_seq_id 
_struct_conf.pdbx_beg_PDB_ins_code 
_struct_conf.end_label_comp_id 
_struct_conf.end_label_asym_id 
_struct_conf.end_label_seq_id 
_struct_conf.pdbx_end_PDB_ins_code 
_struct_conf.beg_auth_comp_id 
_struct_conf.beg_auth_asym_id 
_struct_conf.beg_auth_seq_id 
_struct_conf.end_auth_comp_id 
_struct_conf.end_auth_asym_id 
_struct_conf.end_auth_seq_id 
_struct_conf.pdbx_PDB_helix_class 
_struct_conf.details 
_struct_conf.pdbx_PDB_helix_length 
HELX_P HELX_P1 1 GLY A 42 ? GLY A 48 ? GLY A 287 GLY A 293 1 ? 7  
HELX_P HELX_P2 2 ASP A 68 ? ASP A 78 ? ASP A 313 ASP A 323 1 ? 11 
# 
_struct_conf_type.id          HELX_P 
_struct_conf_type.criteria    ? 
_struct_conf_type.reference   ? 
# 
loop_
_struct_sheet.id 
_struct_sheet.type 
_struct_sheet.number_strands 
_struct_sheet.details 
AA ? 4 ? 
AB ? 2 ? 
# 
loop_
_struct_sheet_order.sheet_id 
_struct_sheet_order.range_id_1 
_struct_sheet_order.range_id_2 
_struct_sheet_order.offset 
_struct_sheet_order.sense 
AA 1 2 ? anti-parallel 
AA 2 3 ? anti-parallel 
AA 3 4 ? anti-parallel 
AB 1 2 ? anti-parallel 
# 
loop_
_struct_sheet_range.sheet_id 
_struct_sheet_range.id 
_struct_sheet_range.beg_label_comp_id 
_struct_sheet_range.beg_label_asym_id 
_struct_sheet_range.beg_label_seq_id 
_struct_sheet_range.pdbx_beg_PDB_ins_code 
_struct_sheet_range.end_label_comp_id 
_struct_sheet_range.end_label_asym_id 
_struct_sheet_range.end_label_seq_id 
_struct_sheet_range.pdbx_end_PDB_ins_code 
_struct_sheet_range.beg_auth_comp_id 
_struct_sheet_range.beg_auth_asym_id 
_struct_sheet_range.beg_auth_seq_id 
_struct_sheet_range.end_auth_comp_id 
_struct_sheet_range.end_auth_asym_id 
_struct_sheet_range.end_auth_seq_id 
AA 1 LYS A 10 ? LYS A 16 ? LYS A 255 LYS A 261 
AA 2 GLY A 81 ? ILE A 88 ? GLY A 326 ILE A 333 
AA 3 GLU A 55 ? ILE A 59 ? GLU A 300 ILE A 304 
AA 4 ILE A 62 ? GLU A 63 ? ILE A 307 GLU A 308 
AB 1 ALA A 24 ? GLU A 29 ? ALA A 269 GLU A 274 
AB 2 SER A 32 ? ILE A 38 ? SER A 277 ILE A 283 
# 
loop_
_pdbx_struct_sheet_hbond.sheet_id 
_pdbx_struct_sheet_hbond.range_id_1 
_pdbx_struct_sheet_hbond.range_id_2 
_pdbx_struct_sheet_hbond.range_1_label_atom_id 
_pdbx_struct_sheet_hbond.range_1_label_comp_id 
_pdbx_struct_sheet_hbond.range_1_label_asym_id 
_pdbx_struct_sheet_hbond.range_1_label_seq_id 
_pdbx_struct_sheet_hbond.range_1_PDB_ins_code 
_pdbx_struct_sheet_hbond.range_1_auth_atom_id 
_pdbx_struct_sheet_hbond.range_1_auth_comp_id 
_pdbx_struct_sheet_hbond.range_1_auth_asym_id 
_pdbx_struct_sheet_hbond.range_1_auth_seq_id 
_pdbx_struct_sheet_hbond.range_2_label_atom_id 
_pdbx_struct_sheet_hbond.range_2_label_comp_id 
_pdbx_struct_sheet_hbond.range_2_label_asym_id 
_pdbx_struct_sheet_hbond.range_2_label_seq_id 
_pdbx_struct_sheet_hbond.range_2_PDB_ins_code 
_pdbx_struct_sheet_hbond.range_2_auth_atom_id 
_pdbx_struct_sheet_hbond.range_2_auth_comp_id 
_pdbx_struct_sheet_hbond.range_2_auth_asym_id 
_pdbx_struct_sheet_hbond.range_2_auth_seq_id 
AA 1 2 N LYS A 16 ? N LYS A 261 O GLY A 81 ? O GLY A 326 
AA 2 3 N ILE A 88 ? N ILE A 333 O GLU A 55 ? O GLU A 300 
AA 3 4 N ILE A 59 ? N ILE A 304 O ILE A 62 ? O ILE A 307 
AB 1 2 N GLU A 29 ? N GLU A 274 O SER A 32 ? O SER A 277 
# 
loop_
_struct_site.id 
_struct_site.pdbx_evidence_code 
_struct_site.pdbx_auth_asym_id 
_struct_site.pdbx_auth_comp_id 
_struct_site.pdbx_auth_seq_id 
_struct_site.pdbx_auth_ins_code 
_struct_site.pdbx_num_residues 
_struct_site.details 
AC1 Software A GOL 1336 ? 5 'BINDING SITE FOR RESIDUE GOL A 1336' 
AC2 Software A CL  1337 ? 2 'BINDING SITE FOR RESIDUE CL A 1337'  
AC3 Software A ACT 1338 ? 1 'BINDING SITE FOR RESIDUE ACT A 1338' 
# 
loop_
_struct_site_gen.id 
_struct_site_gen.site_id 
_struct_site_gen.pdbx_num_res 
_struct_site_gen.label_comp_id 
_struct_site_gen.label_asym_id 
_struct_site_gen.label_seq_id 
_struct_site_gen.pdbx_auth_ins_code 
_struct_site_gen.auth_comp_id 
_struct_site_gen.auth_asym_id 
_struct_site_gen.auth_seq_id 
_struct_site_gen.label_atom_id 
_struct_site_gen.label_alt_id 
_struct_site_gen.symmetry 
_struct_site_gen.details 
1 AC1 5 PRO A 21 ? PRO A 266 . ? 1_555 ? 
2 AC1 5 LEU A 22 ? LEU A 267 . ? 1_555 ? 
3 AC1 5 GLY A 23 ? GLY A 268 . ? 1_555 ? 
4 AC1 5 ALA A 24 ? ALA A 269 . ? 1_555 ? 
5 AC1 5 LEU A 76 ? LEU A 321 . ? 1_555 ? 
6 AC2 2 LYS A 10 ? LYS A 255 . ? 5_554 ? 
7 AC2 2 ARG A 18 ? ARG A 263 . ? 1_555 ? 
8 AC3 1 ARG A 37 ? ARG A 282 . ? 1_555 ? 
# 
loop_
_pdbx_validate_torsion.id 
_pdbx_validate_torsion.PDB_model_num 
_pdbx_validate_torsion.auth_comp_id 
_pdbx_validate_torsion.auth_asym_id 
_pdbx_validate_torsion.auth_seq_id 
_pdbx_validate_torsion.PDB_ins_code 
_pdbx_validate_torsion.label_alt_id 
_pdbx_validate_torsion.phi 
_pdbx_validate_torsion.psi 
1 1 MET A 275 ? ? 54.01  -122.49 
2 1 SER A 281 ? ? -99.16 -65.12  
# 
_pdbx_refine_tls.pdbx_refine_id   'X-RAY DIFFRACTION' 
_pdbx_refine_tls.id               1 
_pdbx_refine_tls.details          ? 
_pdbx_refine_tls.method           refined 
_pdbx_refine_tls.origin_x         0.1517 
_pdbx_refine_tls.origin_y         0.3032 
_pdbx_refine_tls.origin_z         -0.1162 
_pdbx_refine_tls.T[1][1]          0.3793 
_pdbx_refine_tls.T[2][2]          0.2794 
_pdbx_refine_tls.T[3][3]          0.2352 
_pdbx_refine_tls.T[1][2]          -0.0285 
_pdbx_refine_tls.T[1][3]          -0.0387 
_pdbx_refine_tls.T[2][3]          -0.1327 
_pdbx_refine_tls.L[1][1]          1.8454 
_pdbx_refine_tls.L[2][2]          3.9027 
_pdbx_refine_tls.L[3][3]          4.6002 
_pdbx_refine_tls.L[1][2]          0.3028 
_pdbx_refine_tls.L[1][3]          0.5070 
_pdbx_refine_tls.L[2][3]          2.0851 
_pdbx_refine_tls.S[1][1]          0.0228 
_pdbx_refine_tls.S[1][2]          0.0367 
_pdbx_refine_tls.S[1][3]          -0.0641 
_pdbx_refine_tls.S[2][1]          0.0898 
_pdbx_refine_tls.S[2][2]          0.0004 
_pdbx_refine_tls.S[2][3]          -0.0317 
_pdbx_refine_tls.S[3][1]          -0.0417 
_pdbx_refine_tls.S[3][2]          -0.0442 
_pdbx_refine_tls.S[3][3]          -0.0264 
# 
_pdbx_refine_tls_group.pdbx_refine_id      'X-RAY DIFFRACTION' 
_pdbx_refine_tls_group.id                  1 
_pdbx_refine_tls_group.refine_tls_id       1 
_pdbx_refine_tls_group.beg_auth_asym_id    ? 
_pdbx_refine_tls_group.beg_auth_seq_id     ? 
_pdbx_refine_tls_group.beg_label_asym_id   ? 
_pdbx_refine_tls_group.beg_label_seq_id    ? 
_pdbx_refine_tls_group.end_auth_asym_id    ? 
_pdbx_refine_tls_group.end_auth_seq_id     ? 
_pdbx_refine_tls_group.end_label_asym_id   ? 
_pdbx_refine_tls_group.end_label_seq_id    ? 
_pdbx_refine_tls_group.selection           ? 
_pdbx_refine_tls_group.selection_details   'CHAIN A AND (RESID 251 THROUGH 335 )' 
# 
_pdbx_entry_details.entry_id                 4UU6 
_pdbx_entry_details.compound_details         ? 
_pdbx_entry_details.source_details           ? 
_pdbx_entry_details.nonpolymer_details       ? 
_pdbx_entry_details.sequence_details         'RESIDUES 251-335' 
_pdbx_entry_details.has_ligand_of_interest   ? 
# 
loop_
_pdbx_unobs_or_zero_occ_residues.id 
_pdbx_unobs_or_zero_occ_residues.PDB_model_num 
_pdbx_unobs_or_zero_occ_residues.polymer_flag 
_pdbx_unobs_or_zero_occ_residues.occupancy_flag 
_pdbx_unobs_or_zero_occ_residues.auth_asym_id 
_pdbx_unobs_or_zero_occ_residues.auth_comp_id 
_pdbx_unobs_or_zero_occ_residues.auth_seq_id 
_pdbx_unobs_or_zero_occ_residues.PDB_ins_code 
_pdbx_unobs_or_zero_occ_residues.label_asym_id 
_pdbx_unobs_or_zero_occ_residues.label_comp_id 
_pdbx_unobs_or_zero_occ_residues.label_seq_id 
1 1 Y 1 A GLY 246 ? A GLY 1 
2 1 Y 1 A PRO 247 ? A PRO 2 
3 1 Y 1 A LEU 248 ? A LEU 3 
4 1 Y 1 A GLY 249 ? A GLY 4 
5 1 Y 1 A SER 250 ? A SER 5 
# 
loop_
_chem_comp_atom.comp_id 
_chem_comp_atom.atom_id 
_chem_comp_atom.type_symbol 
_chem_comp_atom.pdbx_aromatic_flag 
_chem_comp_atom.pdbx_stereo_config 
_chem_comp_atom.pdbx_ordinal 
ACT C    C  N N 1   
ACT O    O  N N 2   
ACT OXT  O  N N 3   
ACT CH3  C  N N 4   
ACT H1   H  N N 5   
ACT H2   H  N N 6   
ACT H3   H  N N 7   
ALA N    N  N N 8   
ALA CA   C  N S 9   
ALA C    C  N N 10  
ALA O    O  N N 11  
ALA CB   C  N N 12  
ALA OXT  O  N N 13  
ALA H    H  N N 14  
ALA H2   H  N N 15  
ALA HA   H  N N 16  
ALA HB1  H  N N 17  
ALA HB2  H  N N 18  
ALA HB3  H  N N 19  
ALA HXT  H  N N 20  
ARG N    N  N N 21  
ARG CA   C  N S 22  
ARG C    C  N N 23  
ARG O    O  N N 24  
ARG CB   C  N N 25  
ARG CG   C  N N 26  
ARG CD   C  N N 27  
ARG NE   N  N N 28  
ARG CZ   C  N N 29  
ARG NH1  N  N N 30  
ARG NH2  N  N N 31  
ARG OXT  O  N N 32  
ARG H    H  N N 33  
ARG H2   H  N N 34  
ARG HA   H  N N 35  
ARG HB2  H  N N 36  
ARG HB3  H  N N 37  
ARG HG2  H  N N 38  
ARG HG3  H  N N 39  
ARG HD2  H  N N 40  
ARG HD3  H  N N 41  
ARG HE   H  N N 42  
ARG HH11 H  N N 43  
ARG HH12 H  N N 44  
ARG HH21 H  N N 45  
ARG HH22 H  N N 46  
ARG HXT  H  N N 47  
ASN N    N  N N 48  
ASN CA   C  N S 49  
ASN C    C  N N 50  
ASN O    O  N N 51  
ASN CB   C  N N 52  
ASN CG   C  N N 53  
ASN OD1  O  N N 54  
ASN ND2  N  N N 55  
ASN OXT  O  N N 56  
ASN H    H  N N 57  
ASN H2   H  N N 58  
ASN HA   H  N N 59  
ASN HB2  H  N N 60  
ASN HB3  H  N N 61  
ASN HD21 H  N N 62  
ASN HD22 H  N N 63  
ASN HXT  H  N N 64  
ASP N    N  N N 65  
ASP CA   C  N S 66  
ASP C    C  N N 67  
ASP O    O  N N 68  
ASP CB   C  N N 69  
ASP CG   C  N N 70  
ASP OD1  O  N N 71  
ASP OD2  O  N N 72  
ASP OXT  O  N N 73  
ASP H    H  N N 74  
ASP H2   H  N N 75  
ASP HA   H  N N 76  
ASP HB2  H  N N 77  
ASP HB3  H  N N 78  
ASP HD2  H  N N 79  
ASP HXT  H  N N 80  
CL  CL   CL N N 81  
GLU N    N  N N 82  
GLU CA   C  N S 83  
GLU C    C  N N 84  
GLU O    O  N N 85  
GLU CB   C  N N 86  
GLU CG   C  N N 87  
GLU CD   C  N N 88  
GLU OE1  O  N N 89  
GLU OE2  O  N N 90  
GLU OXT  O  N N 91  
GLU H    H  N N 92  
GLU H2   H  N N 93  
GLU HA   H  N N 94  
GLU HB2  H  N N 95  
GLU HB3  H  N N 96  
GLU HG2  H  N N 97  
GLU HG3  H  N N 98  
GLU HE2  H  N N 99  
GLU HXT  H  N N 100 
GLY N    N  N N 101 
GLY CA   C  N N 102 
GLY C    C  N N 103 
GLY O    O  N N 104 
GLY OXT  O  N N 105 
GLY H    H  N N 106 
GLY H2   H  N N 107 
GLY HA2  H  N N 108 
GLY HA3  H  N N 109 
GLY HXT  H  N N 110 
GOL C1   C  N N 111 
GOL O1   O  N N 112 
GOL C2   C  N N 113 
GOL O2   O  N N 114 
GOL C3   C  N N 115 
GOL O3   O  N N 116 
GOL H11  H  N N 117 
GOL H12  H  N N 118 
GOL HO1  H  N N 119 
GOL H2   H  N N 120 
GOL HO2  H  N N 121 
GOL H31  H  N N 122 
GOL H32  H  N N 123 
GOL HO3  H  N N 124 
HIS N    N  N N 125 
HIS CA   C  N S 126 
HIS C    C  N N 127 
HIS O    O  N N 128 
HIS CB   C  N N 129 
HIS CG   C  Y N 130 
HIS ND1  N  Y N 131 
HIS CD2  C  Y N 132 
HIS CE1  C  Y N 133 
HIS NE2  N  Y N 134 
HIS OXT  O  N N 135 
HIS H    H  N N 136 
HIS H2   H  N N 137 
HIS HA   H  N N 138 
HIS HB2  H  N N 139 
HIS HB3  H  N N 140 
HIS HD1  H  N N 141 
HIS HD2  H  N N 142 
HIS HE1  H  N N 143 
HIS HE2  H  N N 144 
HIS HXT  H  N N 145 
HOH O    O  N N 146 
HOH H1   H  N N 147 
HOH H2   H  N N 148 
ILE N    N  N N 149 
ILE CA   C  N S 150 
ILE C    C  N N 151 
ILE O    O  N N 152 
ILE CB   C  N S 153 
ILE CG1  C  N N 154 
ILE CG2  C  N N 155 
ILE CD1  C  N N 156 
ILE OXT  O  N N 157 
ILE H    H  N N 158 
ILE H2   H  N N 159 
ILE HA   H  N N 160 
ILE HB   H  N N 161 
ILE HG12 H  N N 162 
ILE HG13 H  N N 163 
ILE HG21 H  N N 164 
ILE HG22 H  N N 165 
ILE HG23 H  N N 166 
ILE HD11 H  N N 167 
ILE HD12 H  N N 168 
ILE HD13 H  N N 169 
ILE HXT  H  N N 170 
LEU N    N  N N 171 
LEU CA   C  N S 172 
LEU C    C  N N 173 
LEU O    O  N N 174 
LEU CB   C  N N 175 
LEU CG   C  N N 176 
LEU CD1  C  N N 177 
LEU CD2  C  N N 178 
LEU OXT  O  N N 179 
LEU H    H  N N 180 
LEU H2   H  N N 181 
LEU HA   H  N N 182 
LEU HB2  H  N N 183 
LEU HB3  H  N N 184 
LEU HG   H  N N 185 
LEU HD11 H  N N 186 
LEU HD12 H  N N 187 
LEU HD13 H  N N 188 
LEU HD21 H  N N 189 
LEU HD22 H  N N 190 
LEU HD23 H  N N 191 
LEU HXT  H  N N 192 
LYS N    N  N N 193 
LYS CA   C  N S 194 
LYS C    C  N N 195 
LYS O    O  N N 196 
LYS CB   C  N N 197 
LYS CG   C  N N 198 
LYS CD   C  N N 199 
LYS CE   C  N N 200 
LYS NZ   N  N N 201 
LYS OXT  O  N N 202 
LYS H    H  N N 203 
LYS H2   H  N N 204 
LYS HA   H  N N 205 
LYS HB2  H  N N 206 
LYS HB3  H  N N 207 
LYS HG2  H  N N 208 
LYS HG3  H  N N 209 
LYS HD2  H  N N 210 
LYS HD3  H  N N 211 
LYS HE2  H  N N 212 
LYS HE3  H  N N 213 
LYS HZ1  H  N N 214 
LYS HZ2  H  N N 215 
LYS HZ3  H  N N 216 
LYS HXT  H  N N 217 
MET N    N  N N 218 
MET CA   C  N S 219 
MET C    C  N N 220 
MET O    O  N N 221 
MET CB   C  N N 222 
MET CG   C  N N 223 
MET SD   S  N N 224 
MET CE   C  N N 225 
MET OXT  O  N N 226 
MET H    H  N N 227 
MET H2   H  N N 228 
MET HA   H  N N 229 
MET HB2  H  N N 230 
MET HB3  H  N N 231 
MET HG2  H  N N 232 
MET HG3  H  N N 233 
MET HE1  H  N N 234 
MET HE2  H  N N 235 
MET HE3  H  N N 236 
MET HXT  H  N N 237 
PHE N    N  N N 238 
PHE CA   C  N S 239 
PHE C    C  N N 240 
PHE O    O  N N 241 
PHE CB   C  N N 242 
PHE CG   C  Y N 243 
PHE CD1  C  Y N 244 
PHE CD2  C  Y N 245 
PHE CE1  C  Y N 246 
PHE CE2  C  Y N 247 
PHE CZ   C  Y N 248 
PHE OXT  O  N N 249 
PHE H    H  N N 250 
PHE H2   H  N N 251 
PHE HA   H  N N 252 
PHE HB2  H  N N 253 
PHE HB3  H  N N 254 
PHE HD1  H  N N 255 
PHE HD2  H  N N 256 
PHE HE1  H  N N 257 
PHE HE2  H  N N 258 
PHE HZ   H  N N 259 
PHE HXT  H  N N 260 
PRO N    N  N N 261 
PRO CA   C  N S 262 
PRO C    C  N N 263 
PRO O    O  N N 264 
PRO CB   C  N N 265 
PRO CG   C  N N 266 
PRO CD   C  N N 267 
PRO OXT  O  N N 268 
PRO H    H  N N 269 
PRO HA   H  N N 270 
PRO HB2  H  N N 271 
PRO HB3  H  N N 272 
PRO HG2  H  N N 273 
PRO HG3  H  N N 274 
PRO HD2  H  N N 275 
PRO HD3  H  N N 276 
PRO HXT  H  N N 277 
SER N    N  N N 278 
SER CA   C  N S 279 
SER C    C  N N 280 
SER O    O  N N 281 
SER CB   C  N N 282 
SER OG   O  N N 283 
SER OXT  O  N N 284 
SER H    H  N N 285 
SER H2   H  N N 286 
SER HA   H  N N 287 
SER HB2  H  N N 288 
SER HB3  H  N N 289 
SER HG   H  N N 290 
SER HXT  H  N N 291 
THR N    N  N N 292 
THR CA   C  N S 293 
THR C    C  N N 294 
THR O    O  N N 295 
THR CB   C  N R 296 
THR OG1  O  N N 297 
THR CG2  C  N N 298 
THR OXT  O  N N 299 
THR H    H  N N 300 
THR H2   H  N N 301 
THR HA   H  N N 302 
THR HB   H  N N 303 
THR HG1  H  N N 304 
THR HG21 H  N N 305 
THR HG22 H  N N 306 
THR HG23 H  N N 307 
THR HXT  H  N N 308 
VAL N    N  N N 309 
VAL CA   C  N S 310 
VAL C    C  N N 311 
VAL O    O  N N 312 
VAL CB   C  N N 313 
VAL CG1  C  N N 314 
VAL CG2  C  N N 315 
VAL OXT  O  N N 316 
VAL H    H  N N 317 
VAL H2   H  N N 318 
VAL HA   H  N N 319 
VAL HB   H  N N 320 
VAL HG11 H  N N 321 
VAL HG12 H  N N 322 
VAL HG13 H  N N 323 
VAL HG21 H  N N 324 
VAL HG22 H  N N 325 
VAL HG23 H  N N 326 
VAL HXT  H  N N 327 
# 
loop_
_chem_comp_bond.comp_id 
_chem_comp_bond.atom_id_1 
_chem_comp_bond.atom_id_2 
_chem_comp_bond.value_order 
_chem_comp_bond.pdbx_aromatic_flag 
_chem_comp_bond.pdbx_stereo_config 
_chem_comp_bond.pdbx_ordinal 
ACT C   O    doub N N 1   
ACT C   OXT  sing N N 2   
ACT C   CH3  sing N N 3   
ACT CH3 H1   sing N N 4   
ACT CH3 H2   sing N N 5   
ACT CH3 H3   sing N N 6   
ALA N   CA   sing N N 7   
ALA N   H    sing N N 8   
ALA N   H2   sing N N 9   
ALA CA  C    sing N N 10  
ALA CA  CB   sing N N 11  
ALA CA  HA   sing N N 12  
ALA C   O    doub N N 13  
ALA C   OXT  sing N N 14  
ALA CB  HB1  sing N N 15  
ALA CB  HB2  sing N N 16  
ALA CB  HB3  sing N N 17  
ALA OXT HXT  sing N N 18  
ARG N   CA   sing N N 19  
ARG N   H    sing N N 20  
ARG N   H2   sing N N 21  
ARG CA  C    sing N N 22  
ARG CA  CB   sing N N 23  
ARG CA  HA   sing N N 24  
ARG C   O    doub N N 25  
ARG C   OXT  sing N N 26  
ARG CB  CG   sing N N 27  
ARG CB  HB2  sing N N 28  
ARG CB  HB3  sing N N 29  
ARG CG  CD   sing N N 30  
ARG CG  HG2  sing N N 31  
ARG CG  HG3  sing N N 32  
ARG CD  NE   sing N N 33  
ARG CD  HD2  sing N N 34  
ARG CD  HD3  sing N N 35  
ARG NE  CZ   sing N N 36  
ARG NE  HE   sing N N 37  
ARG CZ  NH1  sing N N 38  
ARG CZ  NH2  doub N N 39  
ARG NH1 HH11 sing N N 40  
ARG NH1 HH12 sing N N 41  
ARG NH2 HH21 sing N N 42  
ARG NH2 HH22 sing N N 43  
ARG OXT HXT  sing N N 44  
ASN N   CA   sing N N 45  
ASN N   H    sing N N 46  
ASN N   H2   sing N N 47  
ASN CA  C    sing N N 48  
ASN CA  CB   sing N N 49  
ASN CA  HA   sing N N 50  
ASN C   O    doub N N 51  
ASN C   OXT  sing N N 52  
ASN CB  CG   sing N N 53  
ASN CB  HB2  sing N N 54  
ASN CB  HB3  sing N N 55  
ASN CG  OD1  doub N N 56  
ASN CG  ND2  sing N N 57  
ASN ND2 HD21 sing N N 58  
ASN ND2 HD22 sing N N 59  
ASN OXT HXT  sing N N 60  
ASP N   CA   sing N N 61  
ASP N   H    sing N N 62  
ASP N   H2   sing N N 63  
ASP CA  C    sing N N 64  
ASP CA  CB   sing N N 65  
ASP CA  HA   sing N N 66  
ASP C   O    doub N N 67  
ASP C   OXT  sing N N 68  
ASP CB  CG   sing N N 69  
ASP CB  HB2  sing N N 70  
ASP CB  HB3  sing N N 71  
ASP CG  OD1  doub N N 72  
ASP CG  OD2  sing N N 73  
ASP OD2 HD2  sing N N 74  
ASP OXT HXT  sing N N 75  
GLU N   CA   sing N N 76  
GLU N   H    sing N N 77  
GLU N   H2   sing N N 78  
GLU CA  C    sing N N 79  
GLU CA  CB   sing N N 80  
GLU CA  HA   sing N N 81  
GLU C   O    doub N N 82  
GLU C   OXT  sing N N 83  
GLU CB  CG   sing N N 84  
GLU CB  HB2  sing N N 85  
GLU CB  HB3  sing N N 86  
GLU CG  CD   sing N N 87  
GLU CG  HG2  sing N N 88  
GLU CG  HG3  sing N N 89  
GLU CD  OE1  doub N N 90  
GLU CD  OE2  sing N N 91  
GLU OE2 HE2  sing N N 92  
GLU OXT HXT  sing N N 93  
GLY N   CA   sing N N 94  
GLY N   H    sing N N 95  
GLY N   H2   sing N N 96  
GLY CA  C    sing N N 97  
GLY CA  HA2  sing N N 98  
GLY CA  HA3  sing N N 99  
GLY C   O    doub N N 100 
GLY C   OXT  sing N N 101 
GLY OXT HXT  sing N N 102 
GOL C1  O1   sing N N 103 
GOL C1  C2   sing N N 104 
GOL C1  H11  sing N N 105 
GOL C1  H12  sing N N 106 
GOL O1  HO1  sing N N 107 
GOL C2  O2   sing N N 108 
GOL C2  C3   sing N N 109 
GOL C2  H2   sing N N 110 
GOL O2  HO2  sing N N 111 
GOL C3  O3   sing N N 112 
GOL C3  H31  sing N N 113 
GOL C3  H32  sing N N 114 
GOL O3  HO3  sing N N 115 
HIS N   CA   sing N N 116 
HIS N   H    sing N N 117 
HIS N   H2   sing N N 118 
HIS CA  C    sing N N 119 
HIS CA  CB   sing N N 120 
HIS CA  HA   sing N N 121 
HIS C   O    doub N N 122 
HIS C   OXT  sing N N 123 
HIS CB  CG   sing N N 124 
HIS CB  HB2  sing N N 125 
HIS CB  HB3  sing N N 126 
HIS CG  ND1  sing Y N 127 
HIS CG  CD2  doub Y N 128 
HIS ND1 CE1  doub Y N 129 
HIS ND1 HD1  sing N N 130 
HIS CD2 NE2  sing Y N 131 
HIS CD2 HD2  sing N N 132 
HIS CE1 NE2  sing Y N 133 
HIS CE1 HE1  sing N N 134 
HIS NE2 HE2  sing N N 135 
HIS OXT HXT  sing N N 136 
HOH O   H1   sing N N 137 
HOH O   H2   sing N N 138 
ILE N   CA   sing N N 139 
ILE N   H    sing N N 140 
ILE N   H2   sing N N 141 
ILE CA  C    sing N N 142 
ILE CA  CB   sing N N 143 
ILE CA  HA   sing N N 144 
ILE C   O    doub N N 145 
ILE C   OXT  sing N N 146 
ILE CB  CG1  sing N N 147 
ILE CB  CG2  sing N N 148 
ILE CB  HB   sing N N 149 
ILE CG1 CD1  sing N N 150 
ILE CG1 HG12 sing N N 151 
ILE CG1 HG13 sing N N 152 
ILE CG2 HG21 sing N N 153 
ILE CG2 HG22 sing N N 154 
ILE CG2 HG23 sing N N 155 
ILE CD1 HD11 sing N N 156 
ILE CD1 HD12 sing N N 157 
ILE CD1 HD13 sing N N 158 
ILE OXT HXT  sing N N 159 
LEU N   CA   sing N N 160 
LEU N   H    sing N N 161 
LEU N   H2   sing N N 162 
LEU CA  C    sing N N 163 
LEU CA  CB   sing N N 164 
LEU CA  HA   sing N N 165 
LEU C   O    doub N N 166 
LEU C   OXT  sing N N 167 
LEU CB  CG   sing N N 168 
LEU CB  HB2  sing N N 169 
LEU CB  HB3  sing N N 170 
LEU CG  CD1  sing N N 171 
LEU CG  CD2  sing N N 172 
LEU CG  HG   sing N N 173 
LEU CD1 HD11 sing N N 174 
LEU CD1 HD12 sing N N 175 
LEU CD1 HD13 sing N N 176 
LEU CD2 HD21 sing N N 177 
LEU CD2 HD22 sing N N 178 
LEU CD2 HD23 sing N N 179 
LEU OXT HXT  sing N N 180 
LYS N   CA   sing N N 181 
LYS N   H    sing N N 182 
LYS N   H2   sing N N 183 
LYS CA  C    sing N N 184 
LYS CA  CB   sing N N 185 
LYS CA  HA   sing N N 186 
LYS C   O    doub N N 187 
LYS C   OXT  sing N N 188 
LYS CB  CG   sing N N 189 
LYS CB  HB2  sing N N 190 
LYS CB  HB3  sing N N 191 
LYS CG  CD   sing N N 192 
LYS CG  HG2  sing N N 193 
LYS CG  HG3  sing N N 194 
LYS CD  CE   sing N N 195 
LYS CD  HD2  sing N N 196 
LYS CD  HD3  sing N N 197 
LYS CE  NZ   sing N N 198 
LYS CE  HE2  sing N N 199 
LYS CE  HE3  sing N N 200 
LYS NZ  HZ1  sing N N 201 
LYS NZ  HZ2  sing N N 202 
LYS NZ  HZ3  sing N N 203 
LYS OXT HXT  sing N N 204 
MET N   CA   sing N N 205 
MET N   H    sing N N 206 
MET N   H2   sing N N 207 
MET CA  C    sing N N 208 
MET CA  CB   sing N N 209 
MET CA  HA   sing N N 210 
MET C   O    doub N N 211 
MET C   OXT  sing N N 212 
MET CB  CG   sing N N 213 
MET CB  HB2  sing N N 214 
MET CB  HB3  sing N N 215 
MET CG  SD   sing N N 216 
MET CG  HG2  sing N N 217 
MET CG  HG3  sing N N 218 
MET SD  CE   sing N N 219 
MET CE  HE1  sing N N 220 
MET CE  HE2  sing N N 221 
MET CE  HE3  sing N N 222 
MET OXT HXT  sing N N 223 
PHE N   CA   sing N N 224 
PHE N   H    sing N N 225 
PHE N   H2   sing N N 226 
PHE CA  C    sing N N 227 
PHE CA  CB   sing N N 228 
PHE CA  HA   sing N N 229 
PHE C   O    doub N N 230 
PHE C   OXT  sing N N 231 
PHE CB  CG   sing N N 232 
PHE CB  HB2  sing N N 233 
PHE CB  HB3  sing N N 234 
PHE CG  CD1  doub Y N 235 
PHE CG  CD2  sing Y N 236 
PHE CD1 CE1  sing Y N 237 
PHE CD1 HD1  sing N N 238 
PHE CD2 CE2  doub Y N 239 
PHE CD2 HD2  sing N N 240 
PHE CE1 CZ   doub Y N 241 
PHE CE1 HE1  sing N N 242 
PHE CE2 CZ   sing Y N 243 
PHE CE2 HE2  sing N N 244 
PHE CZ  HZ   sing N N 245 
PHE OXT HXT  sing N N 246 
PRO N   CA   sing N N 247 
PRO N   CD   sing N N 248 
PRO N   H    sing N N 249 
PRO CA  C    sing N N 250 
PRO CA  CB   sing N N 251 
PRO CA  HA   sing N N 252 
PRO C   O    doub N N 253 
PRO C   OXT  sing N N 254 
PRO CB  CG   sing N N 255 
PRO CB  HB2  sing N N 256 
PRO CB  HB3  sing N N 257 
PRO CG  CD   sing N N 258 
PRO CG  HG2  sing N N 259 
PRO CG  HG3  sing N N 260 
PRO CD  HD2  sing N N 261 
PRO CD  HD3  sing N N 262 
PRO OXT HXT  sing N N 263 
SER N   CA   sing N N 264 
SER N   H    sing N N 265 
SER N   H2   sing N N 266 
SER CA  C    sing N N 267 
SER CA  CB   sing N N 268 
SER CA  HA   sing N N 269 
SER C   O    doub N N 270 
SER C   OXT  sing N N 271 
SER CB  OG   sing N N 272 
SER CB  HB2  sing N N 273 
SER CB  HB3  sing N N 274 
SER OG  HG   sing N N 275 
SER OXT HXT  sing N N 276 
THR N   CA   sing N N 277 
THR N   H    sing N N 278 
THR N   H2   sing N N 279 
THR CA  C    sing N N 280 
THR CA  CB   sing N N 281 
THR CA  HA   sing N N 282 
THR C   O    doub N N 283 
THR C   OXT  sing N N 284 
THR CB  OG1  sing N N 285 
THR CB  CG2  sing N N 286 
THR CB  HB   sing N N 287 
THR OG1 HG1  sing N N 288 
THR CG2 HG21 sing N N 289 
THR CG2 HG22 sing N N 290 
THR CG2 HG23 sing N N 291 
THR OXT HXT  sing N N 292 
VAL N   CA   sing N N 293 
VAL N   H    sing N N 294 
VAL N   H2   sing N N 295 
VAL CA  C    sing N N 296 
VAL CA  CB   sing N N 297 
VAL CA  HA   sing N N 298 
VAL C   O    doub N N 299 
VAL C   OXT  sing N N 300 
VAL CB  CG1  sing N N 301 
VAL CB  CG2  sing N N 302 
VAL CB  HB   sing N N 303 
VAL CG1 HG11 sing N N 304 
VAL CG1 HG12 sing N N 305 
VAL CG1 HG13 sing N N 306 
VAL CG2 HG21 sing N N 307 
VAL CG2 HG22 sing N N 308 
VAL CG2 HG23 sing N N 309 
VAL OXT HXT  sing N N 310 
# 
_atom_sites.entry_id                    4UU6 
_atom_sites.fract_transf_matrix[1][1]   -0.01451937 
_atom_sites.fract_transf_matrix[1][2]   0.01563511 
_atom_sites.fract_transf_matrix[1][3]   -0.00761447 
_atom_sites.fract_transf_matrix[2][1]   0.01653233 
_atom_sites.fract_transf_matrix[2][2]   0.00933141 
_atom_sites.fract_transf_matrix[2][3]   -0.01236349 
_atom_sites.fract_transf_matrix[3][1]   -0.00265987 
_atom_sites.fract_transf_matrix[3][2]   -0.00664462 
_atom_sites.fract_transf_matrix[3][3]   -0.00857181 
_atom_sites.fract_transf_vector[1]      0.438452 
_atom_sites.fract_transf_vector[2]      -0.078283 
_atom_sites.fract_transf_vector[3]      -0.069633 
# 
loop_
_atom_type.symbol 
C  
CL 
N  
O  
S  
# 
loop_
_atom_site.group_PDB 
_atom_site.id 
_atom_site.type_symbol 
_atom_site.label_atom_id 
_atom_site.label_alt_id 
_atom_site.label_comp_id 
_atom_site.label_asym_id 
_atom_site.label_entity_id 
_atom_site.label_seq_id 
_atom_site.pdbx_PDB_ins_code 
_atom_site.Cartn_x 
_atom_site.Cartn_y 
_atom_site.Cartn_z 
_atom_site.occupancy 
_atom_site.B_iso_or_equiv 
_atom_site.pdbx_formal_charge 
_atom_site.auth_seq_id 
_atom_site.auth_comp_id 
_atom_site.auth_asym_id 
_atom_site.auth_atom_id 
_atom_site.pdbx_PDB_model_num 
ATOM   1   N  N   . GLY A 1 6  ? -19.065 2.203   8.474   1.00 70.89  ? 251  GLY A N   1 
ATOM   2   C  CA  . GLY A 1 6  ? -18.059 1.396   9.142   1.00 77.61  ? 251  GLY A CA  1 
ATOM   3   C  C   . GLY A 1 6  ? -16.649 1.631   8.626   1.00 84.77  ? 251  GLY A C   1 
ATOM   4   O  O   . GLY A 1 6  ? -15.886 0.685   8.422   1.00 88.90  ? 251  GLY A O   1 
ATOM   5   N  N   . GLU A 1 7  ? -16.298 2.895   8.417   1.00 79.40  ? 252  GLU A N   1 
ATOM   6   C  CA  . GLU A 1 7  ? -14.969 3.244   7.924   1.00 98.74  ? 252  GLU A CA  1 
ATOM   7   C  C   . GLU A 1 7  ? -14.155 3.987   8.979   1.00 66.86  ? 252  GLU A C   1 
ATOM   8   O  O   . GLU A 1 7  ? -14.645 4.912   9.623   1.00 57.59  ? 252  GLU A O   1 
ATOM   9   C  CB  . GLU A 1 7  ? -15.068 4.092   6.652   1.00 59.57  ? 252  GLU A CB  1 
ATOM   10  C  CG  . GLU A 1 7  ? -15.487 3.321   5.408   1.00 77.26  ? 252  GLU A CG  1 
ATOM   11  C  CD  . GLU A 1 7  ? -15.507 4.193   4.167   1.00 77.15  ? 252  GLU A CD  1 
ATOM   12  O  OE1 . GLU A 1 7  ? -15.598 5.431   4.311   1.00 83.92  ? 252  GLU A OE1 1 
ATOM   13  O  OE2 . GLU A 1 7  ? -15.431 3.642   3.048   1.00 87.33  ? 252  GLU A OE2 1 
ATOM   14  N  N   . THR A 1 8  ? -12.905 3.580   9.156   1.00 58.91  ? 253  THR A N   1 
ATOM   15  C  CA  . THR A 1 8  ? -12.020 4.273   10.080  1.00 54.64  ? 253  THR A CA  1 
ATOM   16  C  C   . THR A 1 8  ? -10.633 4.371   9.464   1.00 43.13  ? 253  THR A C   1 
ATOM   17  O  O   . THR A 1 8  ? -10.055 3.367   9.055   1.00 57.59  ? 253  THR A O   1 
ATOM   18  C  CB  . THR A 1 8  ? -11.949 3.561   11.445  1.00 45.68  ? 253  THR A CB  1 
ATOM   19  N  N   . VAL A 1 9  ? -10.113 5.588   9.367   1.00 37.72  ? 254  VAL A N   1 
ATOM   20  C  CA  . VAL A 1 9  ? -8.779  5.789   8.825   1.00 35.62  ? 254  VAL A CA  1 
ATOM   21  C  C   . VAL A 1 9  ? -7.749  5.216   9.790   1.00 44.59  ? 254  VAL A C   1 
ATOM   22  O  O   . VAL A 1 9  ? -7.806  5.475   10.993  1.00 43.31  ? 254  VAL A O   1 
ATOM   23  C  CB  . VAL A 1 9  ? -8.499  7.278   8.566   1.00 42.24  ? 254  VAL A CB  1 
ATOM   24  C  CG1 . VAL A 1 9  ? -7.059  7.488   8.165   1.00 36.28  ? 254  VAL A CG1 1 
ATOM   25  C  CG2 . VAL A 1 9  ? -9.440  7.812   7.498   1.00 52.62  ? 254  VAL A CG2 1 
ATOM   26  N  N   . LYS A 1 10 ? -6.829  4.414   9.265   1.00 37.91  ? 255  LYS A N   1 
ATOM   27  C  CA  . LYS A 1 10 ? -5.765  3.829   10.072  1.00 37.24  ? 255  LYS A CA  1 
ATOM   28  C  C   . LYS A 1 10 ? -4.382  4.226   9.564   1.00 41.82  ? 255  LYS A C   1 
ATOM   29  O  O   . LYS A 1 10 ? -4.174  4.398   8.367   1.00 37.14  ? 255  LYS A O   1 
ATOM   30  C  CB  . LYS A 1 10 ? -5.898  2.307   10.098  1.00 37.44  ? 255  LYS A CB  1 
ATOM   31  C  CG  . LYS A 1 10 ? -7.085  1.828   10.904  1.00 55.65  ? 255  LYS A CG  1 
ATOM   32  C  CD  . LYS A 1 10 ? -7.235  0.328   10.826  1.00 63.44  ? 255  LYS A CD  1 
ATOM   33  C  CE  . LYS A 1 10 ? -8.370  -0.153  11.716  1.00 66.53  ? 255  LYS A CE  1 
ATOM   34  N  NZ  . LYS A 1 10 ? -9.586  0.700   11.592  1.00 81.26  ? 255  LYS A NZ  1 
ATOM   35  N  N   . ILE A 1 11 ? -3.441  4.393   10.489  1.00 31.57  ? 256  ILE A N   1 
ATOM   36  C  CA  . ILE A 1 11 ? -2.052  4.633   10.123  1.00 34.02  ? 256  ILE A CA  1 
ATOM   37  C  C   . ILE A 1 11 ? -1.224  3.399   10.479  1.00 36.86  ? 256  ILE A C   1 
ATOM   38  O  O   . ILE A 1 11 ? -1.186  2.991   11.635  1.00 33.73  ? 256  ILE A O   1 
ATOM   39  C  CB  . ILE A 1 11 ? -1.459  5.869   10.835  1.00 32.56  ? 256  ILE A CB  1 
ATOM   40  C  CG1 . ILE A 1 11 ? -2.297  7.125   10.579  1.00 31.91  ? 256  ILE A CG1 1 
ATOM   41  C  CG2 . ILE A 1 11 ? -0.029  6.097   10.380  1.00 33.43  ? 256  ILE A CG2 1 
ATOM   42  C  CD1 . ILE A 1 11 ? -1.930  8.300   11.495  1.00 41.66  ? 256  ILE A CD1 1 
ATOM   43  N  N   . VAL A 1 12 ? -0.567  2.803   9.486   1.00 28.89  ? 257  VAL A N   1 
ATOM   44  C  CA  . VAL A 1 12 ? 0.264   1.630   9.735   1.00 32.52  ? 257  VAL A CA  1 
ATOM   45  C  C   . VAL A 1 12 ? 1.663   1.853   9.175   1.00 32.10  ? 257  VAL A C   1 
ATOM   46  O  O   . VAL A 1 12 ? 1.834   2.451   8.111   1.00 35.59  ? 257  VAL A O   1 
ATOM   47  C  CB  . VAL A 1 12 ? -0.348  0.349   9.133   1.00 42.55  ? 257  VAL A CB  1 
ATOM   48  C  CG1 . VAL A 1 12 ? -1.659  0.005   9.825   1.00 38.51  ? 257  VAL A CG1 1 
ATOM   49  C  CG2 . VAL A 1 12 ? -0.557  0.505   7.647   1.00 42.17  ? 257  VAL A CG2 1 
ATOM   50  N  N   . ARG A 1 13 ? 2.670   1.409   9.916   1.00 34.64  ? 258  ARG A N   1 
ATOM   51  C  CA  . ARG A 1 13 ? 4.048   1.588   9.488   1.00 31.60  ? 258  ARG A CA  1 
ATOM   52  C  C   . ARG A 1 13 ? 4.690   0.232   9.253   1.00 39.89  ? 258  ARG A C   1 
ATOM   53  O  O   . ARG A 1 13 ? 4.654   -0.650  10.111  1.00 40.70  ? 258  ARG A O   1 
ATOM   54  C  CB  . ARG A 1 13 ? 4.832   2.407   10.520  1.00 30.66  ? 258  ARG A CB  1 
ATOM   55  C  CG  . ARG A 1 13 ? 4.149   3.719   10.886  1.00 36.40  ? 258  ARG A CG  1 
ATOM   56  C  CD  . ARG A 1 13 ? 5.068   4.616   11.705  1.00 32.28  ? 258  ARG A CD  1 
ATOM   57  N  NE  . ARG A 1 13 ? 6.161   5.127   10.889  1.00 30.69  ? 258  ARG A NE  1 
ATOM   58  C  CZ  . ARG A 1 13 ? 7.290   5.626   11.377  1.00 38.53  ? 258  ARG A CZ  1 
ATOM   59  N  NH1 . ARG A 1 13 ? 7.487   5.668   12.689  1.00 40.58  ? 258  ARG A NH1 1 
ATOM   60  N  NH2 . ARG A 1 13 ? 8.226   6.077   10.555  1.00 38.36  ? 258  ARG A NH2 1 
ATOM   61  N  N   . ILE A 1 14 ? 5.259   0.071   8.065   1.00 37.54  ? 259  ILE A N   1 
ATOM   62  C  CA  . ILE A 1 14 ? 5.834   -1.195  7.639   1.00 36.54  ? 259  ILE A CA  1 
ATOM   63  C  C   . ILE A 1 14 ? 7.310   -1.044  7.311   1.00 42.90  ? 259  ILE A C   1 
ATOM   64  O  O   . ILE A 1 14 ? 7.708   -0.086  6.646   1.00 48.34  ? 259  ILE A O   1 
ATOM   65  C  CB  . ILE A 1 14 ? 5.093   -1.733  6.413   1.00 45.51  ? 259  ILE A CB  1 
ATOM   66  C  CG1 . ILE A 1 14 ? 3.683   -2.154  6.807   1.00 43.25  ? 259  ILE A CG1 1 
ATOM   67  C  CG2 . ILE A 1 14 ? 5.837   -2.893  5.773   1.00 65.68  ? 259  ILE A CG2 1 
ATOM   68  C  CD1 . ILE A 1 14 ? 2.926   -2.729  5.664   1.00 53.32  ? 259  ILE A CD1 1 
ATOM   69  N  N   . GLU A 1 15 ? 8.118   -1.993  7.776   1.00 39.56  ? 260  GLU A N   1 
ATOM   70  C  CA  . GLU A 1 15 ? 9.529   -2.020  7.424   1.00 37.47  ? 260  GLU A CA  1 
ATOM   71  C  C   . GLU A 1 15 ? 9.741   -2.850  6.173   1.00 48.13  ? 260  GLU A C   1 
ATOM   72  O  O   . GLU A 1 15 ? 9.286   -3.989  6.079   1.00 64.25  ? 260  GLU A O   1 
ATOM   73  C  CB  . GLU A 1 15 ? 10.373  -2.570  8.569   1.00 59.30  ? 260  GLU A CB  1 
ATOM   74  C  CG  . GLU A 1 15 ? 11.794  -2.033  8.586   1.00 67.20  ? 260  GLU A CG  1 
ATOM   75  C  CD  . GLU A 1 15 ? 11.856  -0.596  9.062   0.87 88.88  ? 260  GLU A CD  1 
ATOM   76  O  OE1 . GLU A 1 15 ? 10.958  -0.191  9.833   1.00 85.75  ? 260  GLU A OE1 1 
ATOM   77  O  OE2 . GLU A 1 15 ? 12.796  0.126   8.666   1.00 106.26 ? 260  GLU A OE2 1 
ATOM   78  N  N   . LYS A 1 16 ? 10.418  -2.258  5.201   1.00 37.61  ? 261  LYS A N   1 
ATOM   79  C  CA  . LYS A 1 16 ? 10.708  -2.929  3.946   1.00 37.84  ? 261  LYS A CA  1 
ATOM   80  C  C   . LYS A 1 16 ? 12.216  -3.073  3.795   1.00 64.97  ? 261  LYS A C   1 
ATOM   81  O  O   . LYS A 1 16 ? 12.913  -2.102  3.488   1.00 51.73  ? 261  LYS A O   1 
ATOM   82  C  CB  . LYS A 1 16 ? 10.112  -2.149  2.774   1.00 41.64  ? 261  LYS A CB  1 
ATOM   83  C  CG  . LYS A 1 16 ? 10.425  -2.749  1.414   1.00 48.04  ? 261  LYS A CG  1 
ATOM   84  C  CD  . LYS A 1 16 ? 10.034  -1.804  0.291   1.00 54.22  ? 261  LYS A CD  1 
ATOM   85  C  CE  . LYS A 1 16 ? 10.685  -2.221  -1.016  1.00 73.82  ? 261  LYS A CE  1 
ATOM   86  N  NZ  . LYS A 1 16 ? 12.154  -2.445  -0.850  1.00 62.52  ? 261  LYS A NZ  1 
ATOM   87  N  N   . ALA A 1 17 ? 12.720  -4.279  4.041   1.00 50.71  ? 262  ALA A N   1 
ATOM   88  C  CA  . ALA A 1 17 ? 14.148  -4.543  3.906   1.00 47.53  ? 262  ALA A CA  1 
ATOM   89  C  C   . ALA A 1 17 ? 14.578  -4.306  2.460   1.00 57.79  ? 262  ALA A C   1 
ATOM   90  O  O   . ALA A 1 17 ? 13.779  -4.458  1.538   1.00 50.20  ? 262  ALA A O   1 
ATOM   91  C  CB  . ALA A 1 17 ? 14.478  -5.961  4.340   1.00 57.14  ? 262  ALA A CB  1 
ATOM   92  N  N   . ARG A 1 18 ? 15.841  -3.938  2.268   1.00 49.80  ? 263  ARG A N   1 
ATOM   93  C  CA  . ARG A 1 18 ? 16.313  -3.462  0.969   1.00 54.16  ? 263  ARG A CA  1 
ATOM   94  C  C   . ARG A 1 18 ? 16.320  -4.524  -0.133  1.00 65.40  ? 263  ARG A C   1 
ATOM   95  O  O   . ARG A 1 18 ? 16.397  -4.186  -1.315  1.00 63.17  ? 263  ARG A O   1 
ATOM   96  C  CB  . ARG A 1 18 ? 17.711  -2.852  1.123   1.00 48.10  ? 263  ARG A CB  1 
ATOM   97  C  CG  . ARG A 1 18 ? 17.677  -1.445  1.687   1.00 57.39  ? 263  ARG A CG  1 
ATOM   98  C  CD  . ARG A 1 18 ? 19.065  -0.943  2.056   1.00 48.00  ? 263  ARG A CD  1 
ATOM   99  N  NE  . ARG A 1 18 ? 19.591  -1.605  3.245   1.00 49.84  ? 263  ARG A NE  1 
ATOM   100 C  CZ  . ARG A 1 18 ? 20.752  -1.304  3.817   1.00 53.00  ? 263  ARG A CZ  1 
ATOM   101 N  NH1 . ARG A 1 18 ? 21.525  -0.359  3.305   1.00 54.72  ? 263  ARG A NH1 1 
ATOM   102 N  NH2 . ARG A 1 18 ? 21.147  -1.961  4.894   1.00 55.80  ? 263  ARG A NH2 1 
ATOM   103 N  N   . ASP A 1 19 ? 16.231  -5.799  0.239   1.00 50.07  ? 264  ASP A N   1 
ATOM   104 C  CA  . ASP A 1 19 ? 16.197  -6.866  -0.759  1.00 51.62  ? 264  ASP A CA  1 
ATOM   105 C  C   . ASP A 1 19 ? 14.852  -7.593  -0.754  1.00 93.11  ? 264  ASP A C   1 
ATOM   106 O  O   . ASP A 1 19 ? 14.759  -8.750  -1.167  1.00 78.75  ? 264  ASP A O   1 
ATOM   107 C  CB  . ASP A 1 19 ? 17.338  -7.862  -0.528  1.00 60.81  ? 264  ASP A CB  1 
ATOM   108 C  CG  . ASP A 1 19 ? 17.266  -8.533  0.831   1.00 82.87  ? 264  ASP A CG  1 
ATOM   109 O  OD1 . ASP A 1 19 ? 16.664  -7.946  1.755   1.00 84.11  ? 264  ASP A OD1 1 
ATOM   110 O  OD2 . ASP A 1 19 ? 17.817  -9.644  0.977   1.00 83.44  ? 264  ASP A OD2 1 
ATOM   111 N  N   . ILE A 1 20 ? 13.814  -6.902  -0.289  1.00 50.65  ? 265  ILE A N   1 
ATOM   112 C  CA  . ILE A 1 20 ? 12.477  -7.480  -0.169  1.00 56.09  ? 265  ILE A CA  1 
ATOM   113 C  C   . ILE A 1 20 ? 11.434  -6.556  -0.779  1.00 56.77  ? 265  ILE A C   1 
ATOM   114 O  O   . ILE A 1 20 ? 11.255  -5.435  -0.309  1.00 47.73  ? 265  ILE A O   1 
ATOM   115 C  CB  . ILE A 1 20 ? 12.099  -7.742  1.307   1.00 47.78  ? 265  ILE A CB  1 
ATOM   116 C  CG1 . ILE A 1 20 ? 13.027  -8.783  1.930   1.00 60.40  ? 265  ILE A CG1 1 
ATOM   117 C  CG2 . ILE A 1 20 ? 10.666  -8.214  1.416   1.00 51.35  ? 265  ILE A CG2 1 
ATOM   118 C  CD1 . ILE A 1 20 ? 12.731  -9.055  3.391   1.00 64.70  ? 265  ILE A CD1 1 
ATOM   119 N  N   . PRO A 1 21 ? 10.731  -7.024  -1.826  1.00 38.71  ? 266  PRO A N   1 
ATOM   120 C  CA  . PRO A 1 21 ? 9.686   -6.203  -2.452  1.00 34.21  ? 266  PRO A CA  1 
ATOM   121 C  C   . PRO A 1 21 ? 8.486   -6.029  -1.535  1.00 34.02  ? 266  PRO A C   1 
ATOM   122 O  O   . PRO A 1 21 ? 8.299   -6.842  -0.630  1.00 47.97  ? 266  PRO A O   1 
ATOM   123 C  CB  . PRO A 1 21 ? 9.307   -7.003  -3.698  1.00 43.22  ? 266  PRO A CB  1 
ATOM   124 C  CG  . PRO A 1 21 ? 9.647   -8.416  -3.345  1.00 45.81  ? 266  PRO A CG  1 
ATOM   125 C  CD  . PRO A 1 21 ? 10.867  -8.340  -2.471  1.00 59.77  ? 266  PRO A CD  1 
ATOM   126 N  N   . LEU A 1 22 ? 7.696   -4.982  -1.750  1.00 33.29  ? 267  LEU A N   1 
ATOM   127 C  CA  . LEU A 1 22 ? 6.478   -4.811  -0.974  1.00 27.93  ? 267  LEU A CA  1 
ATOM   128 C  C   . LEU A 1 22 ? 5.517   -5.995  -1.172  1.00 33.48  ? 267  LEU A C   1 
ATOM   129 O  O   . LEU A 1 22 ? 4.886   -6.455  -0.223  1.00 39.51  ? 267  LEU A O   1 
ATOM   130 C  CB  . LEU A 1 22 ? 5.774   -3.515  -1.348  1.00 36.42  ? 267  LEU A CB  1 
ATOM   131 C  CG  . LEU A 1 22 ? 4.529   -3.265  -0.504  1.00 33.85  ? 267  LEU A CG  1 
ATOM   132 C  CD1 . LEU A 1 22 ? 4.919   -3.074  0.946   1.00 34.33  ? 267  LEU A CD1 1 
ATOM   133 C  CD2 . LEU A 1 22 ? 3.753   -2.066  -1.020  1.00 43.47  ? 267  LEU A CD2 1 
ATOM   134 N  N   . GLY A 1 23 ? 5.409   -6.476  -2.405  1.00 39.52  ? 268  GLY A N   1 
ATOM   135 C  CA  . GLY A 1 23 ? 4.559   -7.617  -2.719  1.00 32.90  ? 268  GLY A CA  1 
ATOM   136 C  C   . GLY A 1 23 ? 3.068   -7.383  -2.509  1.00 41.63  ? 268  GLY A C   1 
ATOM   137 O  O   . GLY A 1 23 ? 2.356   -8.256  -2.018  1.00 43.87  ? 268  GLY A O   1 
ATOM   138 N  N   . ALA A 1 24 ? 2.590   -6.199  -2.876  1.00 34.97  ? 269  ALA A N   1 
ATOM   139 C  CA  . ALA A 1 24 ? 1.157   -5.920  -2.861  1.00 31.34  ? 269  ALA A CA  1 
ATOM   140 C  C   . ALA A 1 24 ? 0.682   -5.477  -4.243  1.00 39.05  ? 269  ALA A C   1 
ATOM   141 O  O   . ALA A 1 24 ? 1.348   -4.687  -4.913  1.00 35.11  ? 269  ALA A O   1 
ATOM   142 C  CB  . ALA A 1 24 ? 0.830   -4.864  -1.841  1.00 30.88  ? 269  ALA A CB  1 
ATOM   143 N  N   . THR A 1 25 ? -0.472  -5.969  -4.668  1.00 37.23  ? 270  THR A N   1 
ATOM   144 C  CA  . THR A 1 25 ? -1.009  -5.521  -5.941  1.00 41.74  ? 270  THR A CA  1 
ATOM   145 C  C   . THR A 1 25 ? -2.164  -4.556  -5.683  1.00 35.49  ? 270  THR A C   1 
ATOM   146 O  O   . THR A 1 25 ? -2.833  -4.627  -4.646  1.00 31.01  ? 270  THR A O   1 
ATOM   147 C  CB  . THR A 1 25 ? -1.460  -6.715  -6.836  1.00 30.18  ? 270  THR A CB  1 
ATOM   148 O  OG1 . THR A 1 25 ? -2.693  -7.265  -6.357  1.00 39.39  ? 270  THR A OG1 1 
ATOM   149 C  CG2 . THR A 1 25 ? -0.388  -7.806  -6.832  1.00 39.59  ? 270  THR A CG2 1 
ATOM   150 N  N   . VAL A 1 26 ? -2.387  -3.641  -6.619  1.00 31.78  ? 271  VAL A N   1 
ATOM   151 C  CA  . VAL A 1 26 ? -3.414  -2.625  -6.450  1.00 28.44  ? 271  VAL A CA  1 
ATOM   152 C  C   . VAL A 1 26 ? -4.289  -2.495  -7.683  1.00 31.89  ? 271  VAL A C   1 
ATOM   153 O  O   . VAL A 1 26 ? -3.872  -2.837  -8.797  1.00 32.68  ? 271  VAL A O   1 
ATOM   154 C  CB  . VAL A 1 26 ? -2.813  -1.241  -6.163  1.00 36.24  ? 271  VAL A CB  1 
ATOM   155 C  CG1 . VAL A 1 26 ? -2.173  -1.183  -4.772  1.00 27.29  ? 271  VAL A CG1 1 
ATOM   156 C  CG2 . VAL A 1 26 ? -1.813  -0.878  -7.253  1.00 34.61  ? 271  VAL A CG2 1 
ATOM   157 N  N   . ARG A 1 27 ? -5.495  -1.979  -7.478  1.00 30.37  ? 272  ARG A N   1 
ATOM   158 C  CA  . ARG A 1 27 ? -6.422  -1.710  -8.575  1.00 31.49  ? 272  ARG A CA  1 
ATOM   159 C  C   . ARG A 1 27 ? -7.072  -0.344  -8.381  1.00 38.83  ? 272  ARG A C   1 
ATOM   160 O  O   . ARG A 1 27 ? -7.107  0.183   -7.274  1.00 32.01  ? 272  ARG A O   1 
ATOM   161 C  CB  . ARG A 1 27 ? -7.489  -2.801  -8.662  1.00 31.23  ? 272  ARG A CB  1 
ATOM   162 C  CG  . ARG A 1 27 ? -8.403  -2.867  -7.452  1.00 30.08  ? 272  ARG A CG  1 
ATOM   163 C  CD  . ARG A 1 27 ? -9.467  -3.925  -7.629  1.00 32.93  ? 272  ARG A CD  1 
ATOM   164 N  NE  . ARG A 1 27 ? -10.510 -3.846  -6.608  1.00 39.32  ? 272  ARG A NE  1 
ATOM   165 C  CZ  . ARG A 1 27 ? -10.482 -4.509  -5.456  1.00 44.75  ? 272  ARG A CZ  1 
ATOM   166 N  NH1 . ARG A 1 27 ? -9.452  -5.293  -5.165  1.00 60.48  ? 272  ARG A NH1 1 
ATOM   167 N  NH2 . ARG A 1 27 ? -11.478 -4.386  -4.591  1.00 59.54  ? 272  ARG A NH2 1 
ATOM   168 N  N   . ASN A 1 28 ? -7.570  0.237   -9.469  1.00 32.59  ? 273  ASN A N   1 
ATOM   169 C  CA  . ASN A 1 28 ? -8.388  1.440   -9.388  1.00 31.91  ? 273  ASN A CA  1 
ATOM   170 C  C   . ASN A 1 28 ? -9.870  1.125   -9.365  1.00 36.64  ? 273  ASN A C   1 
ATOM   171 O  O   . ASN A 1 28 ? -10.366 0.358   -10.195 1.00 40.87  ? 273  ASN A O   1 
ATOM   172 C  CB  . ASN A 1 28 ? -8.134  2.370   -10.570 1.00 41.27  ? 273  ASN A CB  1 
ATOM   173 C  CG  . ASN A 1 28 ? -6.859  3.148   -10.443 1.00 45.01  ? 273  ASN A CG  1 
ATOM   174 O  OD1 . ASN A 1 28 ? -6.038  3.159   -11.364 1.00 44.17  ? 273  ASN A OD1 1 
ATOM   175 N  ND2 . ASN A 1 28 ? -6.688  3.832   -9.317  1.00 48.43  ? 273  ASN A ND2 1 
ATOM   176 N  N   . GLU A 1 29 ? -10.580 1.733   -8.429  1.00 35.64  ? 274  GLU A N   1 
ATOM   177 C  CA  . GLU A 1 29 ? -12.031 1.807   -8.506  1.00 46.60  ? 274  GLU A CA  1 
ATOM   178 C  C   . GLU A 1 29 ? -12.358 3.291   -8.560  1.00 50.34  ? 274  GLU A C   1 
ATOM   179 O  O   . GLU A 1 29 ? -12.351 3.974   -7.534  1.00 49.17  ? 274  GLU A O   1 
ATOM   180 C  CB  . GLU A 1 29 ? -12.696 1.109   -7.320  1.00 47.17  ? 274  GLU A CB  1 
ATOM   181 C  CG  . GLU A 1 29 ? -12.506 -0.401  -7.306  1.00 51.11  ? 274  GLU A CG  1 
ATOM   182 N  N   . MET A 1 30 ? -12.612 3.784   -9.770  1.00 50.55  ? 275  MET A N   1 
ATOM   183 C  CA  . MET A 1 30 ? -12.655 5.219   -10.040 1.00 51.24  ? 275  MET A CA  1 
ATOM   184 C  C   . MET A 1 30 ? -11.349 5.849   -9.560  1.00 54.23  ? 275  MET A C   1 
ATOM   185 O  O   . MET A 1 30 ? -10.266 5.443   -9.983  1.00 60.48  ? 275  MET A O   1 
ATOM   186 C  CB  . MET A 1 30 ? -13.866 5.879   -9.374  1.00 60.69  ? 275  MET A CB  1 
ATOM   187 N  N   . ASP A 1 31 ? -11.446 6.823   -8.666  1.00 47.97  ? 276  ASP A N   1 
ATOM   188 C  CA  . ASP A 1 31 ? -10.254 7.499   -8.165  1.00 53.63  ? 276  ASP A CA  1 
ATOM   189 C  C   . ASP A 1 31 ? -9.586  6.746   -7.017  1.00 49.30  ? 276  ASP A C   1 
ATOM   190 O  O   . ASP A 1 31 ? -8.442  7.028   -6.663  1.00 47.91  ? 276  ASP A O   1 
ATOM   191 C  CB  . ASP A 1 31 ? -10.607 8.916   -7.723  1.00 48.52  ? 276  ASP A CB  1 
ATOM   192 C  CG  . ASP A 1 31 ? -11.179 9.740   -8.846  1.00 69.27  ? 276  ASP A CG  1 
ATOM   193 O  OD1 . ASP A 1 31 ? -10.386 10.305  -9.626  1.00 83.23  ? 276  ASP A OD1 1 
ATOM   194 O  OD2 . ASP A 1 31 ? -12.420 9.810   -8.963  1.00 105.13 ? 276  ASP A OD2 1 
ATOM   195 N  N   . SER A 1 32 ? -10.293 5.781   -6.440  1.00 37.23  ? 277  SER A N   1 
ATOM   196 C  CA  . SER A 1 32 ? -9.753  5.036   -5.309  1.00 39.10  ? 277  SER A CA  1 
ATOM   197 C  C   . SER A 1 32 ? -8.692  4.031   -5.732  1.00 42.92  ? 277  SER A C   1 
ATOM   198 O  O   . SER A 1 32 ? -8.774  3.445   -6.814  1.00 36.70  ? 277  SER A O   1 
ATOM   199 C  CB  . SER A 1 32 ? -10.872 4.311   -4.562  1.00 47.78  ? 277  SER A CB  1 
ATOM   200 O  OG  . SER A 1 32 ? -11.741 5.239   -3.940  1.00 62.11  ? 277  SER A OG  1 
ATOM   201 N  N   . VAL A 1 33 ? -7.692  3.852   -4.872  1.00 34.66  ? 278  VAL A N   1 
ATOM   202 C  CA  . VAL A 1 33 ? -6.676  2.815   -5.044  1.00 28.29  ? 278  VAL A CA  1 
ATOM   203 C  C   . VAL A 1 33 ? -6.884  1.760   -3.963  1.00 36.58  ? 278  VAL A C   1 
ATOM   204 O  O   . VAL A 1 33 ? -6.841  2.063   -2.767  1.00 33.91  ? 278  VAL A O   1 
ATOM   205 C  CB  . VAL A 1 33 ? -5.232  3.403   -4.977  1.00 29.72  ? 278  VAL A CB  1 
ATOM   206 C  CG1 . VAL A 1 33 ? -4.198  2.294   -5.014  1.00 28.70  ? 278  VAL A CG1 1 
ATOM   207 C  CG2 . VAL A 1 33 ? -5.008  4.379   -6.132  1.00 29.07  ? 278  VAL A CG2 1 
ATOM   208 N  N   . ILE A 1 34 ? -7.122  0.527   -4.392  1.00 28.40  ? 279  ILE A N   1 
ATOM   209 C  CA  . ILE A 1 34 ? -7.484  -0.570  -3.498  1.00 29.72  ? 279  ILE A CA  1 
ATOM   210 C  C   . ILE A 1 34 ? -6.473  -1.700  -3.583  1.00 39.42  ? 279  ILE A C   1 
ATOM   211 O  O   . ILE A 1 34 ? -6.038  -2.077  -4.676  1.00 33.53  ? 279  ILE A O   1 
ATOM   212 C  CB  . ILE A 1 34 ? -8.890  -1.143  -3.832  1.00 36.01  ? 279  ILE A CB  1 
ATOM   213 C  CG1 . ILE A 1 34 ? -9.906  -0.021  -4.037  1.00 43.26  ? 279  ILE A CG1 1 
ATOM   214 C  CG2 . ILE A 1 34 ? -9.363  -2.101  -2.742  1.00 38.54  ? 279  ILE A CG2 1 
ATOM   215 C  CD1 . ILE A 1 34 ? -10.196 0.777   -2.784  1.00 40.29  ? 279  ILE A CD1 1 
ATOM   216 N  N   . ILE A 1 35 ? -6.103  -2.248  -2.432  1.00 31.09  ? 280  ILE A N   1 
ATOM   217 C  CA  . ILE A 1 35 ? -5.228  -3.409  -2.403  1.00 33.05  ? 280  ILE A CA  1 
ATOM   218 C  C   . ILE A 1 35 ? -5.994  -4.617  -2.927  1.00 30.14  ? 280  ILE A C   1 
ATOM   219 O  O   . ILE A 1 35 ? -7.097  -4.904  -2.468  1.00 35.94  ? 280  ILE A O   1 
ATOM   220 C  CB  . ILE A 1 35 ? -4.698  -3.699  -0.986  1.00 34.95  ? 280  ILE A CB  1 
ATOM   221 C  CG1 . ILE A 1 35 ? -3.946  -2.483  -0.449  1.00 29.60  ? 280  ILE A CG1 1 
ATOM   222 C  CG2 . ILE A 1 35 ? -3.791  -4.907  -0.998  1.00 31.64  ? 280  ILE A CG2 1 
ATOM   223 C  CD1 . ILE A 1 35 ? -2.747  -2.112  -1.271  1.00 43.83  ? 280  ILE A CD1 1 
ATOM   224 N  N   . SER A 1 36 ? -5.397  -5.307  -3.897  1.00 33.72  ? 281  SER A N   1 
ATOM   225 C  CA  . SER A 1 36 ? -5.984  -6.509  -4.490  1.00 43.10  ? 281  SER A CA  1 
ATOM   226 C  C   . SER A 1 36 ? -5.407  -7.806  -3.920  1.00 31.89  ? 281  SER A C   1 
ATOM   227 O  O   . SER A 1 36 ? -6.126  -8.580  -3.285  1.00 46.62  ? 281  SER A O   1 
ATOM   228 C  CB  . SER A 1 36 ? -5.798  -6.497  -6.005  1.00 47.18  ? 281  SER A CB  1 
ATOM   229 O  OG  . SER A 1 36 ? -6.727  -5.619  -6.609  1.00 46.55  ? 281  SER A OG  1 
ATOM   230 N  N   . ARG A 1 37 ? -4.122  -8.050  -4.156  1.00 32.25  ? 282  ARG A N   1 
ATOM   231 C  CA  . ARG A 1 37 ? -3.482  -9.252  -3.633  1.00 33.95  ? 282  ARG A CA  1 
ATOM   232 C  C   . ARG A 1 37 ? -2.297  -8.919  -2.738  1.00 32.30  ? 282  ARG A C   1 
ATOM   233 O  O   . ARG A 1 37 ? -1.551  -7.976  -2.994  1.00 40.63  ? 282  ARG A O   1 
ATOM   234 C  CB  . ARG A 1 37 ? -3.032  -10.170 -4.777  1.00 37.10  ? 282  ARG A CB  1 
ATOM   235 C  CG  . ARG A 1 37 ? -4.176  -10.939 -5.402  1.00 31.65  ? 282  ARG A CG  1 
ATOM   236 C  CD  . ARG A 1 37 ? -3.755  -11.802 -6.593  1.00 36.86  ? 282  ARG A CD  1 
ATOM   237 N  NE  . ARG A 1 37 ? -4.844  -12.688 -6.998  1.00 40.21  ? 282  ARG A NE  1 
ATOM   238 C  CZ  . ARG A 1 37 ? -5.804  -12.366 -7.862  1.00 42.50  ? 282  ARG A CZ  1 
ATOM   239 N  NH1 . ARG A 1 37 ? -5.816  -11.174 -8.437  1.00 42.90  ? 282  ARG A NH1 1 
ATOM   240 N  NH2 . ARG A 1 37 ? -6.753  -13.241 -8.161  1.00 45.57  ? 282  ARG A NH2 1 
ATOM   241 N  N   . ILE A 1 38 ? -2.148  -9.699  -1.676  1.00 39.39  ? 283  ILE A N   1 
ATOM   242 C  CA  . ILE A 1 38 ? -0.946  -9.650  -0.857  1.00 32.25  ? 283  ILE A CA  1 
ATOM   243 C  C   . ILE A 1 38 ? -0.150  -10.907 -1.177  1.00 41.72  ? 283  ILE A C   1 
ATOM   244 O  O   . ILE A 1 38 ? -0.636  -12.022 -0.985  1.00 39.81  ? 283  ILE A O   1 
ATOM   245 C  CB  . ILE A 1 38 ? -1.270  -9.574  0.640   1.00 41.84  ? 283  ILE A CB  1 
ATOM   246 C  CG1 . ILE A 1 38 ? -2.072  -8.305  0.948   1.00 41.59  ? 283  ILE A CG1 1 
ATOM   247 C  CG2 . ILE A 1 38 ? 0.004   -9.592  1.455   1.00 40.28  ? 283  ILE A CG2 1 
ATOM   248 C  CD1 . ILE A 1 38 ? -1.327  -7.031  0.658   1.00 54.68  ? 283  ILE A CD1 1 
ATOM   249 N  N   . VAL A 1 39 ? 1.060   -10.721 -1.691  1.00 33.61  ? 284  VAL A N   1 
ATOM   250 C  CA  . VAL A 1 39 ? 1.864   -11.822 -2.194  1.00 39.65  ? 284  VAL A CA  1 
ATOM   251 C  C   . VAL A 1 39 ? 2.766   -12.419 -1.110  1.00 36.31  ? 284  VAL A C   1 
ATOM   252 O  O   . VAL A 1 39 ? 3.417   -11.691 -0.365  1.00 34.82  ? 284  VAL A O   1 
ATOM   253 C  CB  . VAL A 1 39 ? 2.721   -11.355 -3.382  1.00 36.75  ? 284  VAL A CB  1 
ATOM   254 C  CG1 . VAL A 1 39 ? 3.546   -12.496 -3.919  1.00 35.86  ? 284  VAL A CG1 1 
ATOM   255 C  CG2 . VAL A 1 39 ? 1.828   -10.785 -4.472  1.00 50.67  ? 284  VAL A CG2 1 
ATOM   256 N  N   . LYS A 1 40 ? 2.796   -13.745 -1.016  1.00 37.80  ? 285  LYS A N   1 
ATOM   257 C  CA  . LYS A 1 40 ? 3.615   -14.407 -0.010  1.00 36.09  ? 285  LYS A CA  1 
ATOM   258 C  C   . LYS A 1 40 ? 5.085   -14.033 -0.181  1.00 47.49  ? 285  LYS A C   1 
ATOM   259 O  O   . LYS A 1 40 ? 5.590   -13.989 -1.299  1.00 44.32  ? 285  LYS A O   1 
ATOM   260 C  CB  . LYS A 1 40 ? 3.438   -15.922 -0.085  1.00 40.96  ? 285  LYS A CB  1 
ATOM   261 C  CG  . LYS A 1 40 ? 4.162   -16.687 1.009   1.00 46.19  ? 285  LYS A CG  1 
ATOM   262 C  CD  . LYS A 1 40 ? 3.983   -18.182 0.846   1.00 59.77  ? 285  LYS A CD  1 
ATOM   263 N  N   . GLY A 1 41 ? 5.756   -13.734 0.928   1.00 46.30  ? 286  GLY A N   1 
ATOM   264 C  CA  . GLY A 1 41 ? 7.183   -13.461 0.910   1.00 56.74  ? 286  GLY A CA  1 
ATOM   265 C  C   . GLY A 1 41 ? 7.563   -11.990 0.844   1.00 39.80  ? 286  GLY A C   1 
ATOM   266 O  O   . GLY A 1 41 ? 8.719   -11.635 1.072   1.00 60.68  ? 286  GLY A O   1 
ATOM   267 N  N   . GLY A 1 42 ? 6.597   -11.133 0.533   1.00 35.52  ? 287  GLY A N   1 
ATOM   268 C  CA  . GLY A 1 42 ? 6.859   -9.709  0.418   1.00 36.80  ? 287  GLY A CA  1 
ATOM   269 C  C   . GLY A 1 42 ? 6.786   -9.009  1.755   1.00 44.07  ? 287  GLY A C   1 
ATOM   270 O  O   . GLY A 1 42 ? 6.364   -9.600  2.742   1.00 37.32  ? 287  GLY A O   1 
ATOM   271 N  N   . ALA A 1 43 ? 7.194   -7.746  1.791   1.00 37.44  ? 288  ALA A N   1 
ATOM   272 C  CA  . ALA A 1 43 ? 7.173   -6.987  3.031   1.00 34.95  ? 288  ALA A CA  1 
ATOM   273 C  C   . ALA A 1 43 ? 5.748   -6.776  3.543   1.00 33.96  ? 288  ALA A C   1 
ATOM   274 O  O   . ALA A 1 43 ? 5.533   -6.709  4.749   1.00 42.48  ? 288  ALA A O   1 
ATOM   275 C  CB  . ALA A 1 43 ? 7.871   -5.636  2.843   1.00 33.56  ? 288  ALA A CB  1 
ATOM   276 N  N   . ALA A 1 44 ? 4.775   -6.668  2.640   1.00 34.48  ? 289  ALA A N   1 
ATOM   277 C  CA  . ALA A 1 44 ? 3.392   -6.449  3.064   1.00 28.06  ? 289  ALA A CA  1 
ATOM   278 C  C   . ALA A 1 44 ? 2.872   -7.655  3.840   1.00 37.31  ? 289  ALA A C   1 
ATOM   279 O  O   . ALA A 1 44 ? 2.341   -7.514  4.939   1.00 35.18  ? 289  ALA A O   1 
ATOM   280 C  CB  . ALA A 1 44 ? 2.496   -6.164  1.864   1.00 36.43  ? 289  ALA A CB  1 
ATOM   281 N  N   . GLU A 1 45 ? 3.031   -8.837  3.252   1.00 37.90  ? 290  GLU A N   1 
ATOM   282 C  CA  . GLU A 1 45 ? 2.627   -10.096 3.876   1.00 35.43  ? 290  GLU A CA  1 
ATOM   283 C  C   . GLU A 1 45 ? 3.343   -10.328 5.202   1.00 45.08  ? 290  GLU A C   1 
ATOM   284 O  O   . GLU A 1 45 ? 2.723   -10.725 6.187   1.00 46.54  ? 290  GLU A O   1 
ATOM   285 C  CB  . GLU A 1 45 ? 2.900   -11.272 2.926   1.00 33.01  ? 290  GLU A CB  1 
ATOM   286 C  CG  . GLU A 1 45 ? 2.377   -12.623 3.419   1.00 38.86  ? 290  GLU A CG  1 
ATOM   287 C  CD  . GLU A 1 45 ? 3.418   -13.435 4.169   0.52 40.20  ? 290  GLU A CD  1 
ATOM   288 O  OE1 . GLU A 1 45 ? 4.589   -13.461 3.732   0.79 47.36  ? 290  GLU A OE1 1 
ATOM   289 O  OE2 . GLU A 1 45 ? 3.062   -14.055 5.194   1.00 64.37  ? 290  GLU A OE2 1 
ATOM   290 N  N   . LYS A 1 46 ? 4.651   -10.089 5.215   1.00 36.05  ? 291  LYS A N   1 
ATOM   291 C  CA  . LYS A 1 46 ? 5.469   -10.295 6.409   1.00 36.71  ? 291  LYS A CA  1 
ATOM   292 C  C   . LYS A 1 46 ? 5.022   -9.422  7.579   1.00 35.90  ? 291  LYS A C   1 
ATOM   293 O  O   . LYS A 1 46 ? 5.061   -9.856  8.728   1.00 49.49  ? 291  LYS A O   1 
ATOM   294 C  CB  . LYS A 1 46 ? 6.946   -10.022 6.106   1.00 38.19  ? 291  LYS A CB  1 
ATOM   295 C  CG  . LYS A 1 46 ? 7.629   -11.103 5.275   1.00 50.65  ? 291  LYS A CG  1 
ATOM   296 C  CD  . LYS A 1 46 ? 9.102   -10.784 5.064   1.00 49.19  ? 291  LYS A CD  1 
ATOM   297 C  CE  . LYS A 1 46 ? 9.736   -11.740 4.072   1.00 50.63  ? 291  LYS A CE  1 
ATOM   298 N  NZ  . LYS A 1 46 ? 9.547   -13.160 4.462   1.00 55.07  ? 291  LYS A NZ  1 
ATOM   299 N  N   . SER A 1 47 ? 4.584   -8.206  7.279   1.00 38.40  ? 292  SER A N   1 
ATOM   300 C  CA  . SER A 1 47 ? 4.219   -7.236  8.306   1.00 44.29  ? 292  SER A CA  1 
ATOM   301 C  C   . SER A 1 47 ? 2.884   -7.561  8.964   1.00 47.66  ? 292  SER A C   1 
ATOM   302 O  O   . SER A 1 47 ? 2.661   -7.231  10.128  1.00 46.59  ? 292  SER A O   1 
ATOM   303 C  CB  . SER A 1 47 ? 4.150   -5.831  7.717   1.00 33.06  ? 292  SER A CB  1 
ATOM   304 O  OG  . SER A 1 47 ? 2.932   -5.659  7.006   1.00 38.70  ? 292  SER A OG  1 
ATOM   305 N  N   . GLY A 1 48 ? 1.994   -8.186  8.205   1.00 38.12  ? 293  GLY A N   1 
ATOM   306 C  CA  . GLY A 1 48 ? 0.656   -8.483  8.681   1.00 45.82  ? 293  GLY A CA  1 
ATOM   307 C  C   . GLY A 1 48 ? -0.202  -7.239  8.834   1.00 42.65  ? 293  GLY A C   1 
ATOM   308 O  O   . GLY A 1 48 ? -1.262  -7.285  9.457   1.00 49.76  ? 293  GLY A O   1 
ATOM   309 N  N   . LEU A 1 49 ? 0.244   -6.128  8.251   1.00 34.70  ? 294  LEU A N   1 
ATOM   310 C  CA  . LEU A 1 49 ? -0.413  -4.843  8.454   1.00 34.62  ? 294  LEU A CA  1 
ATOM   311 C  C   . LEU A 1 49 ? -1.163  -4.313  7.233   1.00 39.64  ? 294  LEU A C   1 
ATOM   312 O  O   . LEU A 1 49 ? -1.789  -3.262  7.301   1.00 34.78  ? 294  LEU A O   1 
ATOM   313 C  CB  . LEU A 1 49 ? 0.618   -3.802  8.900   1.00 32.25  ? 294  LEU A CB  1 
ATOM   314 C  CG  . LEU A 1 49 ? 1.112   -3.965  10.338  1.00 38.95  ? 294  LEU A CG  1 
ATOM   315 C  CD1 . LEU A 1 49 ? 2.281   -3.032  10.608  1.00 55.15  ? 294  LEU A CD1 1 
ATOM   316 C  CD2 . LEU A 1 49 ? -0.018  -3.695  11.312  1.00 40.66  ? 294  LEU A CD2 1 
ATOM   317 N  N   . LEU A 1 50 ? -1.093  -5.020  6.114   1.00 37.67  ? 295  LEU A N   1 
ATOM   318 C  CA  . LEU A 1 50 ? -1.855  -4.631  4.930   1.00 35.42  ? 295  LEU A CA  1 
ATOM   319 C  C   . LEU A 1 50 ? -2.793  -5.750  4.514   1.00 31.20  ? 295  LEU A C   1 
ATOM   320 O  O   . LEU A 1 50 ? -2.398  -6.911  4.438   1.00 38.06  ? 295  LEU A O   1 
ATOM   321 C  CB  . LEU A 1 50 ? -0.928  -4.276  3.773   1.00 30.49  ? 295  LEU A CB  1 
ATOM   322 C  CG  . LEU A 1 50 ? -0.039  -3.054  3.949   1.00 36.17  ? 295  LEU A CG  1 
ATOM   323 C  CD1 . LEU A 1 50 ? 0.801   -2.854  2.699   1.00 47.57  ? 295  LEU A CD1 1 
ATOM   324 C  CD2 . LEU A 1 50 ? -0.869  -1.818  4.243   1.00 32.69  ? 295  LEU A CD2 1 
ATOM   325 N  N   . HIS A 1 51 ? -4.044  -5.391  4.245   1.00 33.67  ? 296  HIS A N   1 
ATOM   326 C  CA  . HIS A 1 51 ? -5.082  -6.365  3.958   1.00 38.49  ? 296  HIS A CA  1 
ATOM   327 C  C   . HIS A 1 51 ? -5.634  -6.183  2.554   1.00 38.44  ? 296  HIS A C   1 
ATOM   328 O  O   . HIS A 1 51 ? -5.720  -5.056  2.063   1.00 37.04  ? 296  HIS A O   1 
ATOM   329 C  CB  . HIS A 1 51 ? -6.226  -6.241  4.965   1.00 36.71  ? 296  HIS A CB  1 
ATOM   330 C  CG  . HIS A 1 51 ? -5.839  -6.532  6.378   1.00 37.80  ? 296  HIS A CG  1 
ATOM   331 N  ND1 . HIS A 1 51 ? -4.583  -6.981  6.736   1.00 60.27  ? 296  HIS A ND1 1 
ATOM   332 C  CD2 . HIS A 1 51 ? -6.543  -6.441  7.530   1.00 47.15  ? 296  HIS A CD2 1 
ATOM   333 C  CE1 . HIS A 1 51 ? -4.534  -7.148  8.044   1.00 63.03  ? 296  HIS A CE1 1 
ATOM   334 N  NE2 . HIS A 1 51 ? -5.714  -6.831  8.550   1.00 58.12  ? 296  HIS A NE2 1 
ATOM   335 N  N   . GLU A 1 52 ? -6.011  -7.285  1.912   1.00 34.83  ? 297  GLU A N   1 
ATOM   336 C  CA  . GLU A 1 52 ? -6.781  -7.204  0.678   1.00 37.83  ? 297  GLU A CA  1 
ATOM   337 C  C   . GLU A 1 52 ? -8.037  -6.370  0.917   1.00 37.06  ? 297  GLU A C   1 
ATOM   338 O  O   . GLU A 1 52 ? -8.744  -6.559  1.911   1.00 38.97  ? 297  GLU A O   1 
ATOM   339 C  CB  . GLU A 1 52 ? -7.148  -8.602  0.176   1.00 43.07  ? 297  GLU A CB  1 
ATOM   340 C  CG  . GLU A 1 52 ? -5.953  -9.477  -0.161  1.00 53.74  ? 297  GLU A CG  1 
ATOM   341 N  N   . GLY A 1 53 ? -8.299  -5.416  0.031   1.00 34.15  ? 298  GLY A N   1 
ATOM   342 C  CA  . GLY A 1 53 ? -9.479  -4.583  0.164   1.00 32.42  ? 298  GLY A CA  1 
ATOM   343 C  C   . GLY A 1 53 ? -9.227  -3.234  0.818   1.00 30.46  ? 298  GLY A C   1 
ATOM   344 O  O   . GLY A 1 53 ? -10.110 -2.385  0.807   1.00 39.98  ? 298  GLY A O   1 
ATOM   345 N  N   . ASP A 1 54 ? -8.047  -3.049  1.409   1.00 34.83  ? 299  ASP A N   1 
ATOM   346 C  CA  . ASP A 1 54 ? -7.659  -1.748  1.972   1.00 31.18  ? 299  ASP A CA  1 
ATOM   347 C  C   . ASP A 1 54 ? -7.659  -0.662  0.898   1.00 35.30  ? 299  ASP A C   1 
ATOM   348 O  O   . ASP A 1 54 ? -7.082  -0.863  -0.177  1.00 34.22  ? 299  ASP A O   1 
ATOM   349 C  CB  . ASP A 1 54 ? -6.261  -1.806  2.602   1.00 31.05  ? 299  ASP A CB  1 
ATOM   350 C  CG  . ASP A 1 54 ? -6.238  -2.485  3.974   1.00 32.78  ? 299  ASP A CG  1 
ATOM   351 O  OD1 . ASP A 1 54 ? -7.312  -2.694  4.574   1.00 38.55  ? 299  ASP A OD1 1 
ATOM   352 O  OD2 . ASP A 1 54 ? -5.120  -2.793  4.452   1.00 40.00  ? 299  ASP A OD2 1 
ATOM   353 N  N   . GLU A 1 55 ? -8.292  0.480   1.173   1.00 28.71  ? 300  GLU A N   1 
ATOM   354 C  CA  . GLU A 1 55 ? -8.127  1.650   0.307   1.00 31.49  ? 300  GLU A CA  1 
ATOM   355 C  C   . GLU A 1 55 ? -6.956  2.490   0.795   1.00 34.59  ? 300  GLU A C   1 
ATOM   356 O  O   . GLU A 1 55 ? -6.935  2.919   1.951   1.00 35.08  ? 300  GLU A O   1 
ATOM   357 C  CB  . GLU A 1 55 ? -9.391  2.516   0.248   1.00 37.26  ? 300  GLU A CB  1 
ATOM   358 C  CG  . GLU A 1 55 ? -9.144  3.809   -0.537  1.00 33.67  ? 300  GLU A CG  1 
ATOM   359 C  CD  . GLU A 1 55 ? -10.376 4.658   -0.756  0.95 53.83  ? 300  GLU A CD  1 
ATOM   360 O  OE1 . GLU A 1 55 ? -11.465 4.297   -0.255  0.52 36.32  ? 300  GLU A OE1 1 
ATOM   361 O  OE2 . GLU A 1 55 ? -10.242 5.701   -1.440  1.00 37.71  ? 300  GLU A OE2 1 
ATOM   362 N  N   . VAL A 1 56 ? -5.987  2.722   -0.089  1.00 28.98  ? 301  VAL A N   1 
ATOM   363 C  CA  . VAL A 1 56 ? -4.778  3.477   0.262   1.00 34.31  ? 301  VAL A CA  1 
ATOM   364 C  C   . VAL A 1 56 ? -4.922  4.974   -0.009  1.00 40.73  ? 301  VAL A C   1 
ATOM   365 O  O   . VAL A 1 56 ? -5.120  5.395   -1.153  1.00 32.61  ? 301  VAL A O   1 
ATOM   366 C  CB  . VAL A 1 56 ? -3.546  2.956   -0.510  1.00 29.60  ? 301  VAL A CB  1 
ATOM   367 C  CG1 . VAL A 1 56 ? -2.275  3.679   -0.037  1.00 35.68  ? 301  VAL A CG1 1 
ATOM   368 C  CG2 . VAL A 1 56 ? -3.415  1.448   -0.354  1.00 35.62  ? 301  VAL A CG2 1 
ATOM   369 N  N   . LEU A 1 57 ? -4.810  5.776   1.046   1.00 31.16  ? 302  LEU A N   1 
ATOM   370 C  CA  . LEU A 1 57 ? -4.999  7.216   0.944   1.00 27.80  ? 302  LEU A CA  1 
ATOM   371 C  C   . LEU A 1 57 ? -3.678  7.954   0.770   1.00 33.06  ? 302  LEU A C   1 
ATOM   372 O  O   . LEU A 1 57 ? -3.576  8.875   -0.041  1.00 35.20  ? 302  LEU A O   1 
ATOM   373 C  CB  . LEU A 1 57 ? -5.718  7.752   2.187   1.00 31.78  ? 302  LEU A CB  1 
ATOM   374 C  CG  . LEU A 1 57 ? -7.123  7.224   2.477   1.00 33.41  ? 302  LEU A CG  1 
ATOM   375 C  CD1 . LEU A 1 57 ? -7.686  7.896   3.731   1.00 33.86  ? 302  LEU A CD1 1 
ATOM   376 C  CD2 . LEU A 1 57 ? -8.038  7.459   1.290   1.00 36.57  ? 302  LEU A CD2 1 
ATOM   377 N  N   . GLU A 1 58 ? -2.681  7.573   1.565   1.00 29.48  ? 303  GLU A N   1 
ATOM   378 C  CA  . GLU A 1 58 ? -1.369  8.216   1.545   1.00 27.08  ? 303  GLU A CA  1 
ATOM   379 C  C   . GLU A 1 58 ? -0.300  7.164   1.704   1.00 29.19  ? 303  GLU A C   1 
ATOM   380 O  O   . GLU A 1 58 ? -0.519  6.168   2.396   1.00 30.59  ? 303  GLU A O   1 
ATOM   381 C  CB  . GLU A 1 58 ? -1.192  9.231   2.688   1.00 27.35  ? 303  GLU A CB  1 
ATOM   382 C  CG  . GLU A 1 58 ? -2.275  10.244  2.891   1.00 42.86  ? 303  GLU A CG  1 
ATOM   383 C  CD  . GLU A 1 58 ? -2.053  11.066  4.163   1.00 47.31  ? 303  GLU A CD  1 
ATOM   384 O  OE1 . GLU A 1 58 ? -0.895  11.154  4.633   1.00 39.69  ? 303  GLU A OE1 1 
ATOM   385 O  OE2 . GLU A 1 58 ? -3.030  11.622  4.701   1.00 39.40  ? 303  GLU A OE2 1 
ATOM   386 N  N   . ILE A 1 59 ? 0.862   7.396   1.099   1.00 27.11  ? 304  ILE A N   1 
ATOM   387 C  CA  . ILE A 1 59 ? 2.052   6.607   1.414   1.00 27.46  ? 304  ILE A CA  1 
ATOM   388 C  C   . ILE A 1 59 ? 3.245   7.524   1.607   1.00 26.34  ? 304  ILE A C   1 
ATOM   389 O  O   . ILE A 1 59 ? 3.637   8.214   0.674   1.00 28.26  ? 304  ILE A O   1 
ATOM   390 C  CB  . ILE A 1 59 ? 2.408   5.604   0.321   1.00 33.11  ? 304  ILE A CB  1 
ATOM   391 C  CG1 . ILE A 1 59 ? 1.230   4.677   0.023   1.00 26.83  ? 304  ILE A CG1 1 
ATOM   392 C  CG2 . ILE A 1 59 ? 3.639   4.805   0.746   1.00 33.80  ? 304  ILE A CG2 1 
ATOM   393 C  CD1 . ILE A 1 59 ? 1.537   3.655   -1.053  1.00 33.84  ? 304  ILE A CD1 1 
ATOM   394 N  N   . ASN A 1 60 ? 3.826   7.522   2.804   1.00 31.30  ? 305  ASN A N   1 
ATOM   395 C  CA  . ASN A 1 60 ? 4.864   8.500   3.165   1.00 29.82  ? 305  ASN A CA  1 
ATOM   396 C  C   . ASN A 1 60 ? 4.452   9.942   2.838   1.00 32.36  ? 305  ASN A C   1 
ATOM   397 O  O   . ASN A 1 60 ? 5.263   10.744  2.375   1.00 29.84  ? 305  ASN A O   1 
ATOM   398 C  CB  . ASN A 1 60 ? 6.191   8.179   2.465   1.00 34.09  ? 305  ASN A CB  1 
ATOM   399 C  CG  . ASN A 1 60 ? 6.887   6.948   3.039   1.00 31.59  ? 305  ASN A CG  1 
ATOM   400 O  OD1 . ASN A 1 60 ? 6.480   6.399   4.072   1.00 38.28  ? 305  ASN A OD1 1 
ATOM   401 N  ND2 . ASN A 1 60 ? 7.956   6.514   2.370   1.00 38.38  ? 305  ASN A ND2 1 
ATOM   402 N  N   . GLY A 1 61 ? 3.182   10.265  3.054   1.00 29.49  ? 306  GLY A N   1 
ATOM   403 C  CA  . GLY A 1 61 ? 2.702   11.617  2.854   1.00 30.27  ? 306  GLY A CA  1 
ATOM   404 C  C   . GLY A 1 61 ? 2.234   11.945  1.445   1.00 32.54  ? 306  GLY A C   1 
ATOM   405 O  O   . GLY A 1 61 ? 1.571   12.965  1.220   1.00 33.16  ? 306  GLY A O   1 
ATOM   406 N  N   . ILE A 1 62 ? 2.587   11.095  0.491   1.00 31.13  ? 307  ILE A N   1 
ATOM   407 C  CA  . ILE A 1 62 ? 2.154   11.287  -0.892  1.00 31.25  ? 307  ILE A CA  1 
ATOM   408 C  C   . ILE A 1 62 ? 0.689   10.873  -1.048  1.00 29.40  ? 307  ILE A C   1 
ATOM   409 O  O   . ILE A 1 62 ? 0.318   9.754   -0.695  1.00 33.62  ? 307  ILE A O   1 
ATOM   410 C  CB  . ILE A 1 62 ? 3.024   10.477  -1.868  1.00 31.58  ? 307  ILE A CB  1 
ATOM   411 C  CG1 . ILE A 1 62 ? 4.491   10.867  -1.710  1.00 31.35  ? 307  ILE A CG1 1 
ATOM   412 C  CG2 . ILE A 1 62 ? 2.554   10.681  -3.309  1.00 31.64  ? 307  ILE A CG2 1 
ATOM   413 C  CD1 . ILE A 1 62 ? 5.385   10.242  -2.753  1.00 48.40  ? 307  ILE A CD1 1 
ATOM   414 N  N   . GLU A 1 63 ? -0.144  11.777  -1.558  1.00 33.14  ? 308  GLU A N   1 
ATOM   415 C  CA  . GLU A 1 63 ? -1.555  11.451  -1.775  1.00 32.88  ? 308  GLU A CA  1 
ATOM   416 C  C   . GLU A 1 63 ? -1.683  10.405  -2.879  1.00 39.03  ? 308  GLU A C   1 
ATOM   417 O  O   . GLU A 1 63 ? -1.043  10.508  -3.927  1.00 40.44  ? 308  GLU A O   1 
ATOM   418 C  CB  . GLU A 1 63 ? -2.357  12.699  -2.124  1.00 39.13  ? 308  GLU A CB  1 
ATOM   419 C  CG  . GLU A 1 63 ? -3.866  12.473  -2.192  1.00 48.64  ? 308  GLU A CG  1 
ATOM   420 C  CD  . GLU A 1 63 ? -4.544  12.509  -0.829  1.00 58.65  ? 308  GLU A CD  1 
ATOM   421 O  OE1 . GLU A 1 63 ? -3.841  12.469  0.203   0.67 36.77  ? 308  GLU A OE1 1 
ATOM   422 O  OE2 . GLU A 1 63 ? -5.791  12.585  -0.789  1.00 83.46  ? 308  GLU A OE2 1 
ATOM   423 N  N   . ILE A 1 64 ? -2.511  9.394   -2.633  1.00 39.99  ? 309  ILE A N   1 
ATOM   424 C  CA  . ILE A 1 64 ? -2.586  8.232   -3.508  1.00 39.17  ? 309  ILE A CA  1 
ATOM   425 C  C   . ILE A 1 64 ? -3.899  8.184   -4.286  1.00 64.77  ? 309  ILE A C   1 
ATOM   426 O  O   . ILE A 1 64 ? -3.915  7.854   -5.472  1.00 42.23  ? 309  ILE A O   1 
ATOM   427 C  CB  . ILE A 1 64 ? -2.400  6.936   -2.696  1.00 32.65  ? 309  ILE A CB  1 
ATOM   428 C  CG1 . ILE A 1 64 ? -0.962  6.857   -2.186  1.00 39.56  ? 309  ILE A CG1 1 
ATOM   429 C  CG2 . ILE A 1 64 ? -2.739  5.697   -3.532  1.00 35.92  ? 309  ILE A CG2 1 
ATOM   430 C  CD1 . ILE A 1 64 ? 0.070   7.070   -3.278  1.00 35.35  ? 309  ILE A CD1 1 
ATOM   431 N  N   . ARG A 1 65 ? -4.996  8.520   -3.617  1.00 34.67  ? 310  ARG A N   1 
ATOM   432 C  CA  . ARG A 1 65 ? -6.285  8.669   -4.290  1.00 38.37  ? 310  ARG A CA  1 
ATOM   433 C  C   . ARG A 1 65 ? -6.160  9.583   -5.511  1.00 43.77  ? 310  ARG A C   1 
ATOM   434 O  O   . ARG A 1 65 ? -5.592  10.669  -5.432  1.00 62.04  ? 310  ARG A O   1 
ATOM   435 C  CB  . ARG A 1 65 ? -7.329  9.211   -3.307  1.00 40.50  ? 310  ARG A CB  1 
ATOM   436 C  CG  . ARG A 1 65 ? -8.754  9.229   -3.825  1.00 47.35  ? 310  ARG A CG  1 
ATOM   437 C  CD  . ARG A 1 65 ? -9.712  9.685   -2.729  1.00 74.65  ? 310  ARG A CD  1 
ATOM   438 N  NE  . ARG A 1 65 ? -10.333 8.566   -2.024  1.00 87.68  ? 310  ARG A NE  1 
ATOM   439 C  CZ  . ARG A 1 65 ? -10.912 8.660   -0.829  1.00 100.33 ? 310  ARG A CZ  1 
ATOM   440 N  NH1 . ARG A 1 65 ? -10.940 9.821   -0.184  1.00 69.11  ? 310  ARG A NH1 1 
ATOM   441 N  NH2 . ARG A 1 65 ? -11.456 7.586   -0.271  1.00 92.46  ? 310  ARG A NH2 1 
ATOM   442 N  N   . GLY A 1 66 ? -6.665  9.121   -6.652  1.00 36.04  ? 311  GLY A N   1 
ATOM   443 C  CA  . GLY A 1 66 ? -6.582  9.886   -7.877  1.00 41.56  ? 311  GLY A CA  1 
ATOM   444 C  C   . GLY A 1 66 ? -5.464  9.434   -8.796  1.00 36.09  ? 311  GLY A C   1 
ATOM   445 O  O   . GLY A 1 66 ? -5.366  9.894   -9.930  1.00 48.93  ? 311  GLY A O   1 
ATOM   446 N  N   . LYS A 1 67 ? -4.616  8.537   -8.309  1.00 39.56  ? 312  LYS A N   1 
ATOM   447 C  CA  . LYS A 1 67 ? -3.489  8.046   -9.096  1.00 34.40  ? 312  LYS A CA  1 
ATOM   448 C  C   . LYS A 1 67 ? -3.790  6.690   -9.722  1.00 32.26  ? 312  LYS A C   1 
ATOM   449 O  O   . LYS A 1 67 ? -4.541  5.892   -9.159  1.00 35.66  ? 312  LYS A O   1 
ATOM   450 C  CB  . LYS A 1 67 ? -2.230  7.952   -8.232  1.00 37.58  ? 312  LYS A CB  1 
ATOM   451 C  CG  . LYS A 1 67 ? -1.571  9.291   -7.999  1.00 34.72  ? 312  LYS A CG  1 
ATOM   452 C  CD  . LYS A 1 67 ? -0.294  9.170   -7.208  1.00 38.73  ? 312  LYS A CD  1 
ATOM   453 C  CE  . LYS A 1 67 ? 0.375   10.535  -7.081  1.00 41.29  ? 312  LYS A CE  1 
ATOM   454 N  NZ  . LYS A 1 67 ? -0.488  11.522  -6.365  1.00 48.82  ? 312  LYS A NZ  1 
ATOM   455 N  N   . ASP A 1 68 ? -3.214  6.425   -10.891 1.00 34.68  ? 313  ASP A N   1 
ATOM   456 C  CA  . ASP A 1 68 ? -3.447  5.135   -11.535 1.00 32.61  ? 313  ASP A CA  1 
ATOM   457 C  C   . ASP A 1 68 ? -2.453  4.070   -11.063 1.00 30.86  ? 313  ASP A C   1 
ATOM   458 O  O   . ASP A 1 68 ? -1.426  4.375   -10.458 1.00 32.30  ? 313  ASP A O   1 
ATOM   459 C  CB  . ASP A 1 68 ? -3.409  5.264   -13.067 1.00 42.51  ? 313  ASP A CB  1 
ATOM   460 C  CG  . ASP A 1 68 ? -2.063  5.729   -13.596 0.71 45.55  ? 313  ASP A CG  1 
ATOM   461 O  OD1 . ASP A 1 68 ? -1.114  4.917   -13.641 1.00 55.01  ? 313  ASP A OD1 1 
ATOM   462 O  OD2 . ASP A 1 68 ? -1.962  6.905   -14.002 0.24 37.08  ? 313  ASP A OD2 1 
ATOM   463 N  N   . VAL A 1 69 ? -2.785  2.817   -11.360 1.00 32.86  ? 314  VAL A N   1 
ATOM   464 C  CA  . VAL A 1 69 ? -2.059  1.643   -10.887 1.00 33.94  ? 314  VAL A CA  1 
ATOM   465 C  C   . VAL A 1 69 ? -0.558  1.720   -11.157 1.00 29.19  ? 314  VAL A C   1 
ATOM   466 O  O   . VAL A 1 69 ? 0.255   1.477   -10.270 1.00 29.48  ? 314  VAL A O   1 
ATOM   467 C  CB  . VAL A 1 69 ? -2.647  0.358   -11.538 1.00 38.18  ? 314  VAL A CB  1 
ATOM   468 C  CG1 . VAL A 1 69 ? -1.730  -0.839  -11.341 1.00 39.65  ? 314  VAL A CG1 1 
ATOM   469 C  CG2 . VAL A 1 69 ? -4.032  0.067   -10.971 1.00 38.78  ? 314  VAL A CG2 1 
ATOM   470 N  N   . ASN A 1 70 ? -0.178  2.078   -12.377 1.00 30.69  ? 315  ASN A N   1 
ATOM   471 C  CA  . ASN A 1 70 ? 1.241   2.134   -12.696 1.00 32.55  ? 315  ASN A CA  1 
ATOM   472 C  C   . ASN A 1 70 ? 1.963   3.308   -12.031 1.00 31.44  ? 315  ASN A C   1 
ATOM   473 O  O   . ASN A 1 70 ? 3.153   3.212   -11.737 1.00 32.92  ? 315  ASN A O   1 
ATOM   474 C  CB  . ASN A 1 70 ? 1.435   2.166   -14.211 1.00 37.56  ? 315  ASN A CB  1 
ATOM   475 C  CG  . ASN A 1 70 ? 1.220   0.805   -14.837 1.00 43.47  ? 315  ASN A CG  1 
ATOM   476 O  OD1 . ASN A 1 70 ? 0.346   0.624   -15.683 1.00 40.36  ? 315  ASN A OD1 1 
ATOM   477 N  ND2 . ASN A 1 70 ? 2.005   -0.171  -14.402 1.00 33.53  ? 315  ASN A ND2 1 
ATOM   478 N  N   . GLU A 1 71 ? 1.246   4.403   -11.784 1.00 33.53  ? 316  GLU A N   1 
ATOM   479 C  CA  . GLU A 1 71 ? 1.793   5.520   -11.015 1.00 36.24  ? 316  GLU A CA  1 
ATOM   480 C  C   . GLU A 1 71 ? 2.151   5.074   -9.607  1.00 30.17  ? 316  GLU A C   1 
ATOM   481 O  O   . GLU A 1 71 ? 3.201   5.431   -9.071  1.00 34.60  ? 316  GLU A O   1 
ATOM   482 C  CB  . GLU A 1 71 ? 0.792   6.674   -10.919 1.00 37.94  ? 316  GLU A CB  1 
ATOM   483 C  CG  . GLU A 1 71 ? 0.616   7.506   -12.170 1.00 65.75  ? 316  GLU A CG  1 
ATOM   484 C  CD  . GLU A 1 71 ? -0.241  8.734   -11.911 1.00 63.27  ? 316  GLU A CD  1 
ATOM   485 O  OE1 . GLU A 1 71 ? -1.485  8.604   -11.907 1.00 52.79  ? 316  GLU A OE1 1 
ATOM   486 O  OE2 . GLU A 1 71 ? 0.328   9.827   -11.701 1.00 83.08  ? 316  GLU A OE2 1 
ATOM   487 N  N   . VAL A 1 72 ? 1.251   4.307   -9.005  1.00 28.80  ? 317  VAL A N   1 
ATOM   488 C  CA  . VAL A 1 72 ? 1.440   3.826   -7.642  1.00 30.47  ? 317  VAL A CA  1 
ATOM   489 C  C   . VAL A 1 72 ? 2.633   2.873   -7.552  1.00 36.47  ? 317  VAL A C   1 
ATOM   490 O  O   . VAL A 1 72 ? 3.471   2.997   -6.645  1.00 30.73  ? 317  VAL A O   1 
ATOM   491 C  CB  . VAL A 1 72 ? 0.170   3.138   -7.117  1.00 27.03  ? 317  VAL A CB  1 
ATOM   492 C  CG1 . VAL A 1 72 ? 0.424   2.512   -5.745  1.00 32.14  ? 317  VAL A CG1 1 
ATOM   493 C  CG2 . VAL A 1 72 ? -0.974  4.140   -7.046  1.00 32.83  ? 317  VAL A CG2 1 
ATOM   494 N  N   . PHE A 1 73 ? 2.718   1.936   -8.496  1.00 36.51  ? 318  PHE A N   1 
ATOM   495 C  CA  . PHE A 1 73 ? 3.845   1.005   -8.546  1.00 30.55  ? 318  PHE A CA  1 
ATOM   496 C  C   . PHE A 1 73 ? 5.153   1.750   -8.737  1.00 29.23  ? 318  PHE A C   1 
ATOM   497 O  O   . PHE A 1 73 ? 6.156   1.414   -8.106  1.00 36.73  ? 318  PHE A O   1 
ATOM   498 C  CB  . PHE A 1 73 ? 3.672   -0.022  -9.666  1.00 34.05  ? 318  PHE A CB  1 
ATOM   499 C  CG  . PHE A 1 73 ? 2.804   -1.184  -9.291  1.00 35.92  ? 318  PHE A CG  1 
ATOM   500 C  CD1 . PHE A 1 73 ? 3.245   -2.126  -8.377  1.00 36.06  ? 318  PHE A CD1 1 
ATOM   501 C  CD2 . PHE A 1 73 ? 1.552   -1.347  -9.865  1.00 35.84  ? 318  PHE A CD2 1 
ATOM   502 C  CE1 . PHE A 1 73 ? 2.446   -3.205  -8.033  1.00 38.68  ? 318  PHE A CE1 1 
ATOM   503 C  CE2 . PHE A 1 73 ? 0.745   -2.425  -9.523  1.00 35.75  ? 318  PHE A CE2 1 
ATOM   504 C  CZ  . PHE A 1 73 ? 1.194   -3.350  -8.604  1.00 54.89  ? 318  PHE A CZ  1 
ATOM   505 N  N   . ASP A 1 74 ? 5.133   2.764   -9.602  1.00 32.02  ? 319  ASP A N   1 
ATOM   506 C  CA  . ASP A 1 74 ? 6.289   3.634   -9.799  1.00 31.84  ? 319  ASP A CA  1 
ATOM   507 C  C   . ASP A 1 74 ? 6.736   4.268   -8.470  1.00 40.52  ? 319  ASP A C   1 
ATOM   508 O  O   . ASP A 1 74 ? 7.908   4.184   -8.098  1.00 37.22  ? 319  ASP A O   1 
ATOM   509 C  CB  . ASP A 1 74 ? 5.980   4.730   -10.834 1.00 40.95  ? 319  ASP A CB  1 
ATOM   510 C  CG  . ASP A 1 74 ? 5.899   4.200   -12.262 1.00 48.98  ? 319  ASP A CG  1 
ATOM   511 O  OD1 . ASP A 1 74 ? 6.313   3.049   -12.512 0.58 38.91  ? 319  ASP A OD1 1 
ATOM   512 O  OD2 . ASP A 1 74 ? 5.426   4.951   -13.146 0.66 36.04  ? 319  ASP A OD2 1 
ATOM   513 N  N   . LEU A 1 75 ? 5.797   4.889   -7.757  1.00 32.13  ? 320  LEU A N   1 
ATOM   514 C  CA  . LEU A 1 75 ? 6.093   5.517   -6.472  1.00 35.44  ? 320  LEU A CA  1 
ATOM   515 C  C   . LEU A 1 75 ? 6.695   4.531   -5.478  1.00 34.01  ? 320  LEU A C   1 
ATOM   516 O  O   . LEU A 1 75 ? 7.685   4.831   -4.813  1.00 34.77  ? 320  LEU A O   1 
ATOM   517 C  CB  . LEU A 1 75 ? 4.827   6.134   -5.879  1.00 35.00  ? 320  LEU A CB  1 
ATOM   518 C  CG  . LEU A 1 75 ? 4.362   7.426   -6.547  1.00 39.66  ? 320  LEU A CG  1 
ATOM   519 C  CD1 . LEU A 1 75 ? 2.960   7.785   -6.094  1.00 77.08  ? 320  LEU A CD1 1 
ATOM   520 C  CD2 . LEU A 1 75 ? 5.326   8.557   -6.236  1.00 58.86  ? 320  LEU A CD2 1 
ATOM   521 N  N   . LEU A 1 76 ? 6.096   3.348   -5.394  1.00 32.90  ? 321  LEU A N   1 
ATOM   522 C  CA  . LEU A 1 76 ? 6.529   2.330   -4.444  1.00 38.89  ? 321  LEU A CA  1 
ATOM   523 C  C   . LEU A 1 76 ? 7.935   1.834   -4.740  1.00 35.72  ? 321  LEU A C   1 
ATOM   524 O  O   . LEU A 1 76 ? 8.708   1.555   -3.825  1.00 40.02  ? 321  LEU A O   1 
ATOM   525 C  CB  . LEU A 1 76 ? 5.548   1.155   -4.448  1.00 33.53  ? 321  LEU A CB  1 
ATOM   526 C  CG  . LEU A 1 76 ? 4.257   1.470   -3.686  1.00 40.02  ? 321  LEU A CG  1 
ATOM   527 C  CD1 . LEU A 1 76 ? 3.258   0.327   -3.787  1.00 36.75  ? 321  LEU A CD1 1 
ATOM   528 C  CD2 . LEU A 1 76 ? 4.585   1.802   -2.227  1.00 29.94  ? 321  LEU A CD2 1 
ATOM   529 N  N   . SER A 1 77 ? 8.265   1.740   -6.024  1.00 38.33  ? 322  SER A N   1 
ATOM   530 C  CA  . SER A 1 77 ? 9.545   1.193   -6.447  1.00 35.33  ? 322  SER A CA  1 
ATOM   531 C  C   . SER A 1 77 ? 10.737  1.994   -5.909  1.00 40.06  ? 322  SER A C   1 
ATOM   532 O  O   . SER A 1 77 ? 11.850  1.478   -5.828  1.00 43.15  ? 322  SER A O   1 
ATOM   533 C  CB  . SER A 1 77 ? 9.616   1.122   -7.979  1.00 41.92  ? 322  SER A CB  1 
ATOM   534 O  OG  . SER A 1 77 ? 9.779   2.408   -8.563  1.00 48.44  ? 322  SER A OG  1 
ATOM   535 N  N   . ASP A 1 78 ? 10.504  3.249   -5.543  1.00 37.76  ? 323  ASP A N   1 
ATOM   536 C  CA  . ASP A 1 78 ? 11.581  4.103   -5.049  1.00 44.32  ? 323  ASP A CA  1 
ATOM   537 C  C   . ASP A 1 78 ? 11.516  4.314   -3.538  1.00 38.19  ? 323  ASP A C   1 
ATOM   538 O  O   . ASP A 1 78 ? 12.290  5.097   -2.983  1.00 48.02  ? 323  ASP A O   1 
ATOM   539 C  CB  . ASP A 1 78 ? 11.554  5.462   -5.758  1.00 43.18  ? 323  ASP A CB  1 
ATOM   540 C  CG  . ASP A 1 78 ? 11.856  5.354   -7.245  0.53 38.45  ? 323  ASP A CG  1 
ATOM   541 O  OD1 . ASP A 1 78 ? 12.902  4.773   -7.608  0.78 47.13  ? 323  ASP A OD1 1 
ATOM   542 O  OD2 . ASP A 1 78 ? 11.041  5.846   -8.052  0.52 49.88  ? 323  ASP A OD2 1 
ATOM   543 N  N   . MET A 1 79 ? 10.596  3.624   -2.875  1.00 35.39  ? 324  MET A N   1 
ATOM   544 C  CA  . MET A 1 79 ? 10.434  3.778   -1.430  1.00 37.65  ? 324  MET A CA  1 
ATOM   545 C  C   . MET A 1 79 ? 11.041  2.601   -0.680  1.00 40.23  ? 324  MET A C   1 
ATOM   546 O  O   . MET A 1 79 ? 10.598  1.458   -0.807  1.00 41.22  ? 324  MET A O   1 
ATOM   547 C  CB  . MET A 1 79 ? 8.959   3.931   -1.068  1.00 35.44  ? 324  MET A CB  1 
ATOM   548 C  CG  . MET A 1 79 ? 8.378   5.274   -1.443  1.00 48.94  ? 324  MET A CG  1 
ATOM   549 S  SD  . MET A 1 79 ? 6.625   5.359   -1.054  1.00 46.05  ? 324  MET A SD  1 
ATOM   550 C  CE  . MET A 1 79 ? 6.281   7.085   -1.376  1.00 39.38  ? 324  MET A CE  1 
ATOM   551 N  N   . HIS A 1 80 ? 12.074  2.895   0.095   1.00 35.83  ? 325  HIS A N   1 
ATOM   552 C  CA  . HIS A 1 80 ? 12.778  1.881   0.855   1.00 36.09  ? 325  HIS A CA  1 
ATOM   553 C  C   . HIS A 1 80 ? 12.750  2.264   2.320   1.00 41.20  ? 325  HIS A C   1 
ATOM   554 O  O   . HIS A 1 80 ? 12.424  3.406   2.659   1.00 56.16  ? 325  HIS A O   1 
ATOM   555 C  CB  . HIS A 1 80 ? 14.210  1.743   0.345   1.00 44.76  ? 325  HIS A CB  1 
ATOM   556 C  CG  . HIS A 1 80 ? 14.305  1.767   -1.150  1.00 61.07  ? 325  HIS A CG  1 
ATOM   557 N  ND1 . HIS A 1 80 ? 14.053  0.658   -1.927  1.00 53.13  ? 325  HIS A ND1 1 
ATOM   558 C  CD2 . HIS A 1 80 ? 14.590  2.774   -2.007  1.00 49.50  ? 325  HIS A CD2 1 
ATOM   559 C  CE1 . HIS A 1 80 ? 14.193  0.977   -3.203  1.00 49.63  ? 325  HIS A CE1 1 
ATOM   560 N  NE2 . HIS A 1 80 ? 14.520  2.255   -3.278  1.00 47.85  ? 325  HIS A NE2 1 
ATOM   561 N  N   . GLY A 1 81 ? 13.093  1.319   3.188   1.00 40.44  ? 326  GLY A N   1 
ATOM   562 C  CA  . GLY A 1 81 ? 13.074  1.565   4.619   1.00 47.19  ? 326  GLY A CA  1 
ATOM   563 C  C   . GLY A 1 81 ? 11.676  1.483   5.207   1.00 38.59  ? 326  GLY A C   1 
ATOM   564 O  O   . GLY A 1 81 ? 10.949  0.521   4.974   1.00 49.43  ? 326  GLY A O   1 
ATOM   565 N  N   . THR A 1 82 ? 11.303  2.496   5.982   1.00 40.37  ? 327  THR A N   1 
ATOM   566 C  CA  . THR A 1 82 ? 9.985   2.528   6.592   1.00 35.62  ? 327  THR A CA  1 
ATOM   567 C  C   . THR A 1 82 ? 8.967   3.141   5.639   1.00 42.30  ? 327  THR A C   1 
ATOM   568 O  O   . THR A 1 82 ? 9.205   4.191   5.047   1.00 45.29  ? 327  THR A O   1 
ATOM   569 C  CB  . THR A 1 82 ? 9.990   3.313   7.891   1.00 37.53  ? 327  THR A CB  1 
ATOM   570 O  OG1 . THR A 1 82 ? 11.111  2.911   8.689   1.00 47.53  ? 327  THR A OG1 1 
ATOM   571 C  CG2 . THR A 1 82 ? 8.705   3.071   8.655   1.00 38.80  ? 327  THR A CG2 1 
ATOM   572 N  N   . LEU A 1 83 ? 7.839   2.460   5.483   1.00 37.97  ? 328  LEU A N   1 
ATOM   573 C  CA  . LEU A 1 83 ? 6.741   2.974   4.681   1.00 41.22  ? 328  LEU A CA  1 
ATOM   574 C  C   . LEU A 1 83 ? 5.516   3.177   5.562   1.00 33.72  ? 328  LEU A C   1 
ATOM   575 O  O   . LEU A 1 83 ? 5.019   2.234   6.172   1.00 43.09  ? 328  LEU A O   1 
ATOM   576 C  CB  . LEU A 1 83 ? 6.427   2.024   3.520   1.00 38.26  ? 328  LEU A CB  1 
ATOM   577 C  CG  . LEU A 1 83 ? 7.320   2.099   2.273   1.00 40.83  ? 328  LEU A CG  1 
ATOM   578 C  CD1 . LEU A 1 83 ? 8.772   1.688   2.531   1.00 49.10  ? 328  LEU A CD1 1 
ATOM   579 C  CD2 . LEU A 1 83 ? 6.711   1.256   1.160   1.00 46.94  ? 328  LEU A CD2 1 
ATOM   580 N  N   . THR A 1 84 ? 5.051   4.420   5.643   1.00 30.55  ? 329  THR A N   1 
ATOM   581 C  CA  . THR A 1 84 ? 3.890   4.766   6.459   1.00 26.43  ? 329  THR A CA  1 
ATOM   582 C  C   . THR A 1 84 ? 2.649   4.891   5.588   1.00 36.96  ? 329  THR A C   1 
ATOM   583 O  O   . THR A 1 84 ? 2.566   5.789   4.746   1.00 34.08  ? 329  THR A O   1 
ATOM   584 C  CB  . THR A 1 84 ? 4.112   6.082   7.219   1.00 27.92  ? 329  THR A CB  1 
ATOM   585 O  OG1 . THR A 1 84 ? 5.289   5.973   8.029   1.00 32.13  ? 329  THR A OG1 1 
ATOM   586 C  CG2 . THR A 1 84 ? 2.912   6.405   8.117   1.00 28.71  ? 329  THR A CG2 1 
ATOM   587 N  N   . PHE A 1 85 ? 1.700   3.978   5.785   1.00 30.52  ? 330  PHE A N   1 
ATOM   588 C  CA  . PHE A 1 85 ? 0.454   3.965   5.030   1.00 26.93  ? 330  PHE A CA  1 
ATOM   589 C  C   . PHE A 1 85 ? -0.662  4.640   5.799   1.00 28.12  ? 330  PHE A C   1 
ATOM   590 O  O   . PHE A 1 85 ? -0.804  4.457   7.005   1.00 35.07  ? 330  PHE A O   1 
ATOM   591 C  CB  . PHE A 1 85 ? 0.026   2.524   4.686   1.00 26.48  ? 330  PHE A CB  1 
ATOM   592 C  CG  . PHE A 1 85 ? 0.884   1.857   3.661   1.00 30.10  ? 330  PHE A CG  1 
ATOM   593 C  CD1 . PHE A 1 85 ? 2.135   1.360   3.998   1.00 30.22  ? 330  PHE A CD1 1 
ATOM   594 C  CD2 . PHE A 1 85 ? 0.432   1.698   2.357   1.00 35.97  ? 330  PHE A CD2 1 
ATOM   595 C  CE1 . PHE A 1 85 ? 2.926   0.739   3.049   1.00 44.99  ? 330  PHE A CE1 1 
ATOM   596 C  CE2 . PHE A 1 85 ? 1.217   1.070   1.408   1.00 31.58  ? 330  PHE A CE2 1 
ATOM   597 C  CZ  . PHE A 1 85 ? 2.463   0.592   1.755   1.00 37.76  ? 330  PHE A CZ  1 
ATOM   598 N  N   . VAL A 1 86 ? -1.453  5.437   5.103   1.00 26.06  ? 331  VAL A N   1 
ATOM   599 C  CA  . VAL A 1 86 ? -2.718  5.908   5.645   1.00 26.57  ? 331  VAL A CA  1 
ATOM   600 C  C   . VAL A 1 86 ? -3.804  5.243   4.813   1.00 34.65  ? 331  VAL A C   1 
ATOM   601 O  O   . VAL A 1 86 ? -3.820  5.396   3.593   1.00 26.87  ? 331  VAL A O   1 
ATOM   602 C  CB  . VAL A 1 86 ? -2.831  7.431   5.580   1.00 33.00  ? 331  VAL A CB  1 
ATOM   603 C  CG1 . VAL A 1 86 ? -4.150  7.897   6.174   1.00 33.19  ? 331  VAL A CG1 1 
ATOM   604 C  CG2 . VAL A 1 86 ? -1.659  8.061   6.304   1.00 37.68  ? 331  VAL A CG2 1 
ATOM   605 N  N   . LEU A 1 87 ? -4.696  4.499   5.460   1.00 30.05  ? 332  LEU A N   1 
ATOM   606 C  CA  . LEU A 1 87 ? -5.633  3.655   4.712   1.00 34.50  ? 332  LEU A CA  1 
ATOM   607 C  C   . LEU A 1 87 ? -7.003  3.478   5.371   1.00 43.62  ? 332  LEU A C   1 
ATOM   608 O  O   . LEU A 1 87 ? -7.182  3.780   6.550   1.00 39.58  ? 332  LEU A O   1 
ATOM   609 C  CB  . LEU A 1 87 ? -5.001  2.277   4.475   1.00 36.79  ? 332  LEU A CB  1 
ATOM   610 C  CG  . LEU A 1 87 ? -4.587  1.415   5.675   1.00 34.06  ? 332  LEU A CG  1 
ATOM   611 C  CD1 . LEU A 1 87 ? -5.752  0.576   6.216   1.00 37.89  ? 332  LEU A CD1 1 
ATOM   612 C  CD2 . LEU A 1 87 ? -3.428  0.511   5.289   1.00 42.28  ? 332  LEU A CD2 1 
ATOM   613 N  N   . ILE A 1 88 ? -7.958  2.971   4.587   1.00 34.29  ? 333  ILE A N   1 
ATOM   614 C  CA  . ILE A 1 88 ? -9.298  2.627   5.062   1.00 32.80  ? 333  ILE A CA  1 
ATOM   615 C  C   . ILE A 1 88 ? -9.568  1.148   4.826   1.00 39.31  ? 333  ILE A C   1 
ATOM   616 O  O   . ILE A 1 88 ? -9.673  0.719   3.676   1.00 35.55  ? 333  ILE A O   1 
ATOM   617 C  CB  . ILE A 1 88 ? -10.395 3.440   4.343   1.00 43.51  ? 333  ILE A CB  1 
ATOM   618 C  CG1 . ILE A 1 88 ? -10.177 4.934   4.538   1.00 38.27  ? 333  ILE A CG1 1 
ATOM   619 C  CG2 . ILE A 1 88 ? -11.789 3.026   4.819   1.00 39.27  ? 333  ILE A CG2 1 
ATOM   620 C  CD1 . ILE A 1 88 ? -11.109 5.775   3.717   1.00 44.68  ? 333  ILE A CD1 1 
ATOM   621 N  N   . PRO A 1 89 ? -9.674  0.361   5.904   1.00 43.35  ? 334  PRO A N   1 
ATOM   622 C  CA  . PRO A 1 89 ? -9.895  -1.088  5.791   1.00 39.78  ? 334  PRO A CA  1 
ATOM   623 C  C   . PRO A 1 89 ? -11.223 -1.432  5.132   1.00 43.82  ? 334  PRO A C   1 
ATOM   624 O  O   . PRO A 1 89 ? -12.190 -0.683  5.280   1.00 49.41  ? 334  PRO A O   1 
ATOM   625 C  CB  . PRO A 1 89 ? -9.878  -1.563  7.246   1.00 49.60  ? 334  PRO A CB  1 
ATOM   626 C  CG  . PRO A 1 89 ? -9.139  -0.504  7.981   1.00 65.54  ? 334  PRO A CG  1 
ATOM   627 C  CD  . PRO A 1 89 ? -9.499  0.776   7.304   1.00 55.00  ? 334  PRO A CD  1 
ATOM   628 N  N   . SER A 1 90 ? -11.258 -2.556  4.416   1.00 51.42  ? 335  SER A N   1 
ATOM   629 C  CA  . SER A 1 90 ? -12.482 -3.041  3.776   1.00 56.45  ? 335  SER A CA  1 
ATOM   630 C  C   . SER A 1 90 ? -13.591 -3.326  4.790   1.00 122.05 ? 335  SER A C   1 
ATOM   631 O  O   . SER A 1 90 ? -14.770 -3.088  4.518   1.00 86.77  ? 335  SER A O   1 
ATOM   632 C  CB  . SER A 1 90 ? -12.196 -4.308  2.964   1.00 48.17  ? 335  SER A CB  1 
ATOM   633 O  OXT . SER A 1 90 ? -13.340 -3.805  5.897   1.00 92.27  ? 335  SER A OXT 1 
HETATM 634 C  C1  . GOL B 2 .  ? 6.863   -3.488  -5.490  0.77 49.07  ? 1336 GOL A C1  1 
HETATM 635 O  O1  . GOL B 2 .  ? 6.504   -2.187  -5.081  0.77 49.41  ? 1336 GOL A O1  1 
HETATM 636 C  C2  . GOL B 2 .  ? 5.963   -4.497  -4.785  0.77 48.51  ? 1336 GOL A C2  1 
HETATM 637 O  O2  . GOL B 2 .  ? 6.287   -5.821  -5.151  0.77 47.21  ? 1336 GOL A O2  1 
HETATM 638 C  C3  . GOL B 2 .  ? 4.505   -4.224  -5.132  0.77 49.02  ? 1336 GOL A C3  1 
HETATM 639 O  O3  . GOL B 2 .  ? 3.799   -3.819  -3.983  0.77 49.03  ? 1336 GOL A O3  1 
HETATM 640 CL CL  . CL  C 3 .  ? 17.943  -3.881  5.014   1.00 60.12  ? 1337 CL  A CL  1 
HETATM 641 C  C   . ACT D 4 .  ? -4.473  -15.949 -5.822  1.00 70.25  ? 1338 ACT A C   1 
HETATM 642 O  O   . ACT D 4 .  ? -5.493  -15.434 -6.335  1.00 70.40  ? 1338 ACT A O   1 
HETATM 643 O  OXT . ACT D 4 .  ? -3.903  -15.274 -4.936  1.00 71.05  ? 1338 ACT A OXT 1 
HETATM 644 C  CH3 . ACT D 4 .  ? -3.965  -17.298 -6.245  1.00 69.14  ? 1338 ACT A CH3 1 
HETATM 645 O  O   . HOH E 5 .  ? 12.668  6.039   5.960   1.00 58.46  ? 2001 HOH A O   1 
HETATM 646 O  O   . HOH E 5 .  ? -11.467 7.312   11.080  1.00 53.06  ? 2002 HOH A O   1 
HETATM 647 O  O   . HOH E 5 .  ? -4.351  4.079   13.505  1.00 49.73  ? 2003 HOH A O   1 
HETATM 648 O  O   . HOH E 5 .  ? 1.710   0.380   12.656  1.00 47.01  ? 2004 HOH A O   1 
HETATM 649 O  O   . HOH E 5 .  ? 3.694   -1.154  12.980  1.00 55.35  ? 2005 HOH A O   1 
HETATM 650 O  O   . HOH E 5 .  ? 6.756   -4.306  9.237   1.00 52.66  ? 2006 HOH A O   1 
HETATM 651 O  O   . HOH E 5 .  ? 10.596  -6.600  4.954   1.00 48.46  ? 2007 HOH A O   1 
HETATM 652 O  O   . HOH E 5 .  ? 7.847   -6.288  6.882   1.00 48.33  ? 2008 HOH A O   1 
HETATM 653 O  O   . HOH E 5 .  ? 14.417  -1.412  -0.572  1.00 47.15  ? 2009 HOH A O   1 
HETATM 654 O  O   . HOH E 5 .  ? 17.343  -2.780  -3.669  1.00 65.66  ? 2010 HOH A O   1 
HETATM 655 O  O   . HOH E 5 .  ? 3.710   -9.121  0.520   1.00 32.65  ? 2011 HOH A O   1 
HETATM 656 O  O   . HOH E 5 .  ? -1.974  -4.777  -9.728  1.00 37.73  ? 2012 HOH A O   1 
HETATM 657 O  O   . HOH E 5 .  ? -7.225  -1.086  -12.059 1.00 38.75  ? 2013 HOH A O   1 
HETATM 658 O  O   . HOH E 5 .  ? -4.971  2.230   -14.063 1.00 48.05  ? 2014 HOH A O   1 
HETATM 659 O  O   . HOH E 5 .  ? -7.531  5.605   -2.700  1.00 36.82  ? 2015 HOH A O   1 
HETATM 660 O  O   . HOH E 5 .  ? -1.222  -13.735 -3.522  1.00 56.68  ? 2016 HOH A O   1 
HETATM 661 O  O   . HOH E 5 .  ? 0.969   -15.412 -2.868  1.00 35.38  ? 2017 HOH A O   1 
HETATM 662 O  O   . HOH E 5 .  ? -0.254  -8.305  5.574   1.00 42.51  ? 2018 HOH A O   1 
HETATM 663 O  O   . HOH E 5 .  ? -9.188  -4.595  4.127   1.00 41.91  ? 2019 HOH A O   1 
HETATM 664 O  O   . HOH E 5 .  ? -12.005 0.058   1.985   1.00 53.25  ? 2020 HOH A O   1 
HETATM 665 O  O   . HOH E 5 .  ? -12.440 -2.413  -0.540  1.00 62.28  ? 2021 HOH A O   1 
HETATM 666 O  O   . HOH E 5 .  ? 1.771   8.660   4.829   1.00 35.20  ? 2022 HOH A O   1 
HETATM 667 O  O   . HOH E 5 .  ? -0.373  13.470  2.596   1.00 53.27  ? 2023 HOH A O   1 
HETATM 668 O  O   . HOH E 5 .  ? 8.104   11.047  1.222   1.00 59.05  ? 2024 HOH A O   1 
HETATM 669 O  O   . HOH E 5 .  ? 8.954   8.531   0.586   1.00 55.55  ? 2025 HOH A O   1 
HETATM 670 O  O   . HOH E 5 .  ? 1.074   14.171  -2.666  1.00 51.04  ? 2026 HOH A O   1 
HETATM 671 O  O   . HOH E 5 .  ? -3.284  12.297  -6.264  1.00 53.27  ? 2027 HOH A O   1 
HETATM 672 O  O   . HOH E 5 .  ? -0.281  13.868  -5.347  1.00 55.15  ? 2028 HOH A O   1 
HETATM 673 O  O   . HOH E 5 .  ? -2.000  2.180   -14.866 1.00 59.57  ? 2029 HOH A O   1 
HETATM 674 O  O   . HOH E 5 .  ? 13.409  5.506   0.215   1.00 52.04  ? 2030 HOH A O   1 
HETATM 675 O  O   . HOH E 5 .  ? 13.760  3.970   6.720   1.00 73.45  ? 2031 HOH A O   1 
HETATM 676 O  O   . HOH E 5 .  ? 6.310   -9.135  -5.284  1.00 49.85  ? 2032 HOH A O   1 
# 
loop_
_atom_site_anisotrop.id 
_atom_site_anisotrop.type_symbol 
_atom_site_anisotrop.pdbx_label_atom_id 
_atom_site_anisotrop.pdbx_label_alt_id 
_atom_site_anisotrop.pdbx_label_comp_id 
_atom_site_anisotrop.pdbx_label_asym_id 
_atom_site_anisotrop.pdbx_label_seq_id 
_atom_site_anisotrop.pdbx_PDB_ins_code 
_atom_site_anisotrop.U[1][1] 
_atom_site_anisotrop.U[2][2] 
_atom_site_anisotrop.U[3][3] 
_atom_site_anisotrop.U[1][2] 
_atom_site_anisotrop.U[1][3] 
_atom_site_anisotrop.U[2][3] 
_atom_site_anisotrop.pdbx_auth_seq_id 
_atom_site_anisotrop.pdbx_auth_comp_id 
_atom_site_anisotrop.pdbx_auth_asym_id 
_atom_site_anisotrop.pdbx_auth_atom_id 
1   N  N   . GLY A 6  ? 0.6968 1.1225 0.8742 -0.0744 0.1626  -0.3778 251  GLY A N   
2   C  CA  . GLY A 6  ? 0.8262 1.1850 0.9376 -0.1035 0.1746  -0.3484 251  GLY A CA  
3   C  C   . GLY A 6  ? 0.9545 1.2441 1.0224 -0.0860 0.1455  -0.3173 251  GLY A C   
4   O  O   . GLY A 6  ? 1.0322 1.2787 1.0671 -0.1045 0.1416  -0.2944 251  GLY A O   
5   N  N   . GLU A 7  ? 0.8902 1.1687 0.9578 -0.0506 0.1257  -0.3179 252  GLU A N   
6   C  CA  . GLU A 7  ? 1.1681 1.3859 1.1978 -0.0357 0.1005  -0.2916 252  GLU A CA  
7   C  C   . GLU A 7  ? 0.7938 0.9681 0.7783 -0.0301 0.1043  -0.2827 252  GLU A C   
8   O  O   . GLU A 7  ? 0.6683 0.8596 0.6603 -0.0158 0.1121  -0.3003 252  GLU A O   
9   C  CB  . GLU A 7  ? 0.6597 0.8872 0.7165 -0.0022 0.0708  -0.2958 252  GLU A CB  
10  C  CG  . GLU A 7  ? 0.8649 1.1181 0.9525 -0.0060 0.0584  -0.2975 252  GLU A CG  
11  C  CD  . GLU A 7  ? 0.8596 1.1112 0.9607 0.0277  0.0272  -0.2990 252  GLU A CD  
12  O  OE1 . GLU A 7  ? 0.9477 1.1931 1.0476 0.0556  0.0176  -0.3065 252  GLU A OE1 
13  O  OE2 . GLU A 7  ? 0.9864 1.2378 1.0941 0.0264  0.0118  -0.2926 252  GLU A OE2 
14  N  N   . THR A 8  ? 0.7267 0.8463 0.6655 -0.0403 0.0976  -0.2574 253  THR A N   
15  C  CA  . THR A 8  ? 0.7010 0.7782 0.5970 -0.0351 0.0966  -0.2490 253  THR A CA  
16  C  C   . THR A 8  ? 0.5784 0.6097 0.4507 -0.0278 0.0726  -0.2266 253  THR A C   
17  O  O   . THR A 8  ? 0.7704 0.7852 0.6327 -0.0413 0.0676  -0.2113 253  THR A O   
18  C  CB  . THR A 8  ? 0.6067 0.6663 0.4628 -0.0618 0.1201  -0.2454 253  THR A CB  
19  N  N   . VAL A 9  ? 0.5191 0.5306 0.3836 -0.0071 0.0584  -0.2265 254  VAL A N   
20  C  CA  . VAL A 9  ? 0.5123 0.4845 0.3564 -0.0031 0.0388  -0.2083 254  VAL A CA  
21  C  C   . VAL A 9  ? 0.6502 0.5890 0.4549 -0.0197 0.0418  -0.1951 254  VAL A C   
22  O  O   . VAL A 9  ? 0.6454 0.5746 0.4256 -0.0240 0.0524  -0.2004 254  VAL A O   
23  C  CB  . VAL A 9  ? 0.6035 0.5574 0.4439 0.0190  0.0252  -0.2124 254  VAL A CB  
24  C  CG1 . VAL A 9  ? 0.5485 0.4637 0.3665 0.0165  0.0099  -0.1955 254  VAL A CG1 
25  C  CG2 . VAL A 9  ? 0.7159 0.6942 0.5891 0.0392  0.0163  -0.2234 254  VAL A CG2 
26  N  N   . LYS A 10 ? 0.5738 0.4954 0.3711 -0.0274 0.0313  -0.1795 255  LYS A N   
27  C  CA  . LYS A 10 ? 0.5879 0.4773 0.3498 -0.0385 0.0280  -0.1676 255  LYS A CA  
28  C  C   . LYS A 10 ? 0.6542 0.5226 0.4121 -0.0316 0.0086  -0.1586 255  LYS A C   
29  O  O   . LYS A 10 ? 0.5852 0.4612 0.3649 -0.0252 0.0000  -0.1561 255  LYS A O   
30  C  CB  . LYS A 10 ? 0.5941 0.4801 0.3484 -0.0551 0.0341  -0.1596 255  LYS A CB  
31  C  CG  . LYS A 10 ? 0.8226 0.7222 0.5698 -0.0700 0.0571  -0.1680 255  LYS A CG  
32  C  CD  . LYS A 10 ? 0.9283 0.8174 0.6648 -0.0893 0.0632  -0.1595 255  LYS A CD  
33  C  CE  . LYS A 10 ? 0.9685 0.8674 0.6920 -0.1104 0.0899  -0.1678 255  LYS A CE  
34  N  NZ  . LYS A 10 ? 1.1247 1.0744 0.8882 -0.1045 0.1043  -0.1890 255  LYS A NZ  
35  N  N   . ILE A 11 ? 0.5423 0.3857 0.2714 -0.0341 0.0022  -0.1550 256  ILE A N   
36  C  CA  . ILE A 11 ? 0.5780 0.4078 0.3069 -0.0313 -0.0151 -0.1491 256  ILE A CA  
37  C  C   . ILE A 11 ? 0.6240 0.4395 0.3370 -0.0377 -0.0234 -0.1399 256  ILE A C   
38  O  O   . ILE A 11 ? 0.5999 0.3987 0.2830 -0.0422 -0.0222 -0.1374 256  ILE A O   
39  C  CB  . ILE A 11 ? 0.5658 0.3854 0.2861 -0.0266 -0.0209 -0.1529 256  ILE A CB  
40  C  CG1 . ILE A 11 ? 0.5535 0.3770 0.2820 -0.0176 -0.0146 -0.1633 256  ILE A CG1 
41  C  CG2 . ILE A 11 ? 0.5732 0.3910 0.3059 -0.0273 -0.0357 -0.1479 256  ILE A CG2 
42  C  CD1 . ILE A 11 ? 0.6844 0.4964 0.4020 -0.0146 -0.0172 -0.1682 256  ILE A CD1 
43  N  N   . VAL A 12 ? 0.5146 0.3361 0.2468 -0.0363 -0.0323 -0.1348 257  VAL A N   
44  C  CA  . VAL A 12 ? 0.5695 0.3767 0.2894 -0.0377 -0.0432 -0.1282 257  VAL A CA  
45  C  C   . VAL A 12 ? 0.5556 0.3697 0.2942 -0.0319 -0.0589 -0.1298 257  VAL A C   
46  O  O   . VAL A 12 ? 0.5855 0.4167 0.3502 -0.0309 -0.0571 -0.1328 257  VAL A O   
47  C  CB  . VAL A 12 ? 0.6944 0.5027 0.4195 -0.0422 -0.0373 -0.1230 257  VAL A CB  
48  C  CG1 . VAL A 12 ? 0.6512 0.4545 0.3574 -0.0529 -0.0199 -0.1230 257  VAL A CG1 
49  C  CG2 . VAL A 12 ? 0.6696 0.5023 0.4304 -0.0393 -0.0349 -0.1254 257  VAL A CG2 
50  N  N   . ARG A 13 ? 0.5951 0.3988 0.3223 -0.0283 -0.0734 -0.1283 258  ARG A N   
51  C  CA  . ARG A 13 ? 0.5432 0.3624 0.2949 -0.0236 -0.0873 -0.1334 258  ARG A CA  
52  C  C   . ARG A 13 ? 0.6498 0.4631 0.4025 -0.0160 -0.1008 -0.1324 258  ARG A C   
53  O  O   . ARG A 13 ? 0.6794 0.4656 0.4012 -0.0122 -0.1094 -0.1268 258  ARG A O   
54  C  CB  . ARG A 13 ? 0.5334 0.3527 0.2790 -0.0233 -0.0968 -0.1375 258  ARG A CB  
55  C  CG  . ARG A 13 ? 0.6083 0.4268 0.3481 -0.0289 -0.0843 -0.1395 258  ARG A CG  
56  C  CD  . ARG A 13 ? 0.5556 0.3763 0.2944 -0.0304 -0.0940 -0.1458 258  ARG A CD  
57  N  NE  . ARG A 13 ? 0.5182 0.3594 0.2884 -0.0350 -0.0995 -0.1537 258  ARG A NE  
58  C  CZ  . ARG A 13 ? 0.6117 0.4622 0.3901 -0.0383 -0.1113 -0.1621 258  ARG A CZ  
59  N  NH1 . ARG A 13 ? 0.6488 0.4882 0.4049 -0.0350 -0.1212 -0.1626 258  ARG A NH1 
60  N  NH2 . ARG A 13 ? 0.5931 0.4639 0.4004 -0.0465 -0.1129 -0.1708 258  ARG A NH2 
61  N  N   . ILE A 14 ? 0.6018 0.4373 0.3871 -0.0136 -0.1019 -0.1379 259  ILE A N   
62  C  CA  . ILE A 14 ? 0.5861 0.4214 0.3809 -0.0040 -0.1123 -0.1389 259  ILE A CA  
63  C  C   . ILE A 14 ? 0.6461 0.5100 0.4739 0.0033  -0.1256 -0.1521 259  ILE A C   
64  O  O   . ILE A 14 ? 0.6970 0.5882 0.5515 -0.0048 -0.1174 -0.1594 259  ILE A O   
65  C  CB  . ILE A 14 ? 0.6932 0.5346 0.5011 -0.0074 -0.0982 -0.1356 259  ILE A CB  
66  C  CG1 . ILE A 14 ? 0.6822 0.4995 0.4617 -0.0148 -0.0870 -0.1256 259  ILE A CG1 
67  C  CG2 . ILE A 14 ? 0.9425 0.7875 0.7656 0.0035  -0.1081 -0.1405 259  ILE A CG2 
68  C  CD1 . ILE A 14 ? 0.8030 0.6272 0.5956 -0.0187 -0.0761 -0.1244 259  ILE A CD1 
69  N  N   . GLU A 15 ? 0.6073 0.4636 0.4324 0.0182  -0.1462 -0.1562 260  GLU A N   
70  C  CA  . GLU A 15 ? 0.5556 0.4475 0.4204 0.0278  -0.1598 -0.1730 260  GLU A CA  
71  C  C   . GLU A 15 ? 0.6761 0.5847 0.5680 0.0339  -0.1540 -0.1785 260  GLU A C   
72  O  O   . GLU A 15 ? 0.8956 0.7765 0.7690 0.0427  -0.1574 -0.1716 260  GLU A O   
73  C  CB  . GLU A 15 ? 0.8407 0.7199 0.6926 0.0454  -0.1886 -0.1773 260  GLU A CB  
74  C  CG  . GLU A 15 ? 0.9101 0.8363 0.8071 0.0500  -0.2008 -0.1961 260  GLU A CG  
75  C  CD  . GLU A 15 ? 1.1793 1.1188 1.0790 0.0321  -0.1917 -0.1960 260  GLU A CD  
76  O  OE1 . GLU A 15 ? 1.1644 1.0704 1.0234 0.0244  -0.1855 -0.1818 260  GLU A OE1 
77  O  OE2 . GLU A 15 ? 1.3711 1.3535 1.3125 0.0246  -0.1896 -0.2113 260  GLU A OE2 
78  N  N   . LYS A 16 ? 0.5148 0.4662 0.4478 0.0271  -0.1437 -0.1914 261  LYS A N   
79  C  CA  . LYS A 16 ? 0.5019 0.4741 0.4617 0.0315  -0.1356 -0.1998 261  LYS A CA  
80  C  C   . LYS A 16 ? 0.8158 0.8323 0.8205 0.0425  -0.1475 -0.2230 261  LYS A C   
81  O  O   . LYS A 16 ? 0.6252 0.6804 0.6599 0.0289  -0.1386 -0.2351 261  LYS A O   
82  C  CB  . LYS A 16 ? 0.5447 0.5280 0.5094 0.0121  -0.1093 -0.1958 261  LYS A CB  
83  C  CG  . LYS A 16 ? 0.6108 0.6158 0.5987 0.0143  -0.0987 -0.2054 261  LYS A CG  
84  C  CD  . LYS A 16 ? 0.6859 0.7006 0.6735 -0.0057 -0.0750 -0.2025 261  LYS A CD  
85  C  CE  . LYS A 16 ? 0.9161 0.9599 0.9286 -0.0061 -0.0633 -0.2169 261  LYS A CE  
86  N  NZ  . LYS A 16 ? 0.7454 0.8310 0.7993 0.0020  -0.0710 -0.2393 261  LYS A NZ  
87  N  N   . ALA A 17 ? 0.6358 0.6460 0.6447 0.0669  -0.1682 -0.2305 262  ALA A N   
88  C  CA  . ALA A 17 ? 0.5638 0.6213 0.6210 0.0827  -0.1823 -0.2564 262  ALA A CA  
89  C  C   . ALA A 17 ? 0.6641 0.7688 0.7627 0.0711  -0.1574 -0.2717 262  ALA A C   
90  O  O   . ALA A 17 ? 0.5786 0.6675 0.6614 0.0614  -0.1373 -0.2616 262  ALA A O   
91  C  CB  . ALA A 17 ? 0.6966 0.7294 0.7449 0.1151  -0.2104 -0.2610 262  ALA A CB  
92  N  N   . ARG A 18 ? 0.5259 0.6898 0.6765 0.0711  -0.1587 -0.2974 263  ARG A N   
93  C  CA  . ARG A 18 ? 0.5533 0.7646 0.7399 0.0524  -0.1299 -0.3127 263  ARG A CA  
94  C  C   . ARG A 18 ? 0.6906 0.9074 0.8869 0.0656  -0.1210 -0.3213 263  ARG A C   
95  O  O   . ARG A 18 ? 0.6501 0.8912 0.8587 0.0475  -0.0932 -0.3280 263  ARG A O   
96  C  CB  . ARG A 18 ? 0.4353 0.7136 0.6789 0.0469  -0.1326 -0.3415 263  ARG A CB  
97  C  CG  . ARG A 18 ? 0.5555 0.8342 0.7908 0.0192  -0.1265 -0.3349 263  ARG A CG  
98  C  CD  . ARG A 18 ? 0.3956 0.7396 0.6885 0.0145  -0.1350 -0.3652 263  ARG A CD  
99  N  NE  . ARG A 18 ? 0.4165 0.7597 0.7175 0.0473  -0.1714 -0.3702 263  ARG A NE  
100 C  CZ  . ARG A 18 ? 0.4285 0.8154 0.7702 0.0520  -0.1821 -0.3887 263  ARG A CZ  
101 N  NH1 . ARG A 18 ? 0.4202 0.8579 0.8010 0.0239  -0.1577 -0.4052 263  ARG A NH1 
102 N  NH2 . ARG A 18 ? 0.4685 0.8440 0.8076 0.0842  -0.2166 -0.3910 263  ARG A NH2 
103 N  N   . ASP A 19 ? 0.5095 0.6982 0.6948 0.0961  -0.1444 -0.3212 264  ASP A N   
104 C  CA  . ASP A 19 ? 0.5280 0.7147 0.7186 0.1102  -0.1379 -0.3302 264  ASP A CA  
105 C  C   . ASP A 19 ? 1.0957 1.2124 1.2298 0.1128  -0.1399 -0.3040 264  ASP A C   
106 O  O   . ASP A 19 ? 0.9227 1.0190 1.0505 0.1317  -0.1462 -0.3091 264  ASP A O   
107 C  CB  . ASP A 19 ? 0.6218 0.8366 0.8521 0.1460  -0.1630 -0.3581 264  ASP A CB  
108 C  CG  . ASP A 19 ? 0.9262 1.0940 1.1283 0.1732  -0.2017 -0.3483 264  ASP A CG  
109 O  OD1 . ASP A 19 ? 0.9651 1.0995 1.1312 0.1606  -0.2078 -0.3261 264  ASP A OD1 
110 O  OD2 . ASP A 19 ? 0.9323 1.0935 1.1448 0.2078  -0.2262 -0.3634 264  ASP A OD2 
111 N  N   . ILE A 20 ? 0.5824 0.6644 0.6777 0.0931  -0.1338 -0.2784 265  ILE A N   
112 C  CA  . ILE A 20 ? 0.6880 0.7098 0.7334 0.0910  -0.1340 -0.2550 265  ILE A CA  
113 C  C   . ILE A 20 ? 0.7048 0.7211 0.7311 0.0630  -0.1089 -0.2391 265  ILE A C   
114 O  O   . ILE A 20 ? 0.5903 0.6116 0.6115 0.0474  -0.1038 -0.2306 265  ILE A O   
115 C  CB  . ILE A 20 ? 0.6101 0.5857 0.6195 0.1000  -0.1573 -0.2393 265  ILE A CB  
116 C  CG1 . ILE A 20 ? 0.7704 0.7374 0.7873 0.1322  -0.1877 -0.2526 265  ILE A CG1 
117 C  CG2 . ILE A 20 ? 0.6901 0.6101 0.6510 0.0906  -0.1516 -0.2165 265  ILE A CG2 
118 C  CD1 . ILE A 20 ? 0.8570 0.7721 0.8294 0.1411  -0.2119 -0.2367 265  ILE A CD1 
119 N  N   . PRO A 21 ? 0.4844 0.4880 0.4983 0.0579  -0.0954 -0.2359 266  PRO A N   
120 C  CA  . PRO A 21 ? 0.4366 0.4330 0.4305 0.0354  -0.0760 -0.2217 266  PRO A CA  
121 C  C   . PRO A 21 ? 0.4582 0.4162 0.4182 0.0290  -0.0812 -0.2005 266  PRO A C   
122 O  O   . PRO A 21 ? 0.6506 0.5783 0.5939 0.0400  -0.0967 -0.1952 266  PRO A O   
123 C  CB  . PRO A 21 ? 0.5542 0.5451 0.5429 0.0366  -0.0666 -0.2268 266  PRO A CB  
124 C  CG  . PRO A 21 ? 0.5930 0.5643 0.5830 0.0594  -0.0845 -0.2349 266  PRO A CG  
125 C  CD  . PRO A 21 ? 0.7537 0.7471 0.7701 0.0747  -0.1000 -0.2468 266  PRO A CD  
126 N  N   . LEU A 22 ? 0.4533 0.4106 0.4009 0.0120  -0.0683 -0.1897 267  LEU A N   
127 C  CA  . LEU A 22 ? 0.4043 0.3323 0.3245 0.0060  -0.0701 -0.1732 267  LEU A CA  
128 C  C   . LEU A 22 ? 0.4900 0.3899 0.3921 0.0080  -0.0721 -0.1681 267  LEU A C   
129 O  O   . LEU A 22 ? 0.5829 0.4545 0.4638 0.0078  -0.0784 -0.1590 267  LEU A O   
130 C  CB  . LEU A 22 ? 0.5123 0.4460 0.4254 -0.0086 -0.0574 -0.1657 267  LEU A CB  
131 C  CG  . LEU A 22 ? 0.4944 0.4060 0.3857 -0.0131 -0.0581 -0.1529 267  LEU A CG  
132 C  CD1 . LEU A 22 ? 0.5060 0.4081 0.3904 -0.0096 -0.0679 -0.1503 267  LEU A CD1 
133 C  CD2 . LEU A 22 ? 0.6170 0.5326 0.5023 -0.0223 -0.0481 -0.1479 267  LEU A CD2 
134 N  N   . GLY A 23 ? 0.5624 0.4691 0.4702 0.0079  -0.0654 -0.1749 268  GLY A N   
135 C  CA  . GLY A 23 ? 0.4920 0.3732 0.3847 0.0076  -0.0672 -0.1731 268  GLY A CA  
136 C  C   . GLY A 23 ? 0.6124 0.4809 0.4882 -0.0060 -0.0618 -0.1615 268  GLY A C   
137 O  O   . GLY A 23 ? 0.6554 0.4967 0.5149 -0.0098 -0.0651 -0.1569 268  GLY A O   
138 N  N   . ALA A 24 ? 0.5207 0.4080 0.3999 -0.0140 -0.0535 -0.1580 269  ALA A N   
139 C  CA  . ALA A 24 ? 0.4783 0.3630 0.3492 -0.0238 -0.0491 -0.1516 269  ALA A CA  
140 C  C   . ALA A 24 ? 0.5701 0.4699 0.4436 -0.0266 -0.0444 -0.1555 269  ALA A C   
141 O  O   . ALA A 24 ? 0.5156 0.4273 0.3911 -0.0250 -0.0408 -0.1576 269  ALA A O   
142 C  CB  . ALA A 24 ? 0.4729 0.3600 0.3403 -0.0268 -0.0473 -0.1442 269  ALA A CB  
143 N  N   . THR A 25 ? 0.5485 0.4466 0.4194 -0.0321 -0.0448 -0.1569 270  THR A N   
144 C  CA  . THR A 25 ? 0.6023 0.5123 0.4712 -0.0328 -0.0445 -0.1606 270  THR A CA  
145 C  C   . THR A 25 ? 0.5190 0.4397 0.3898 -0.0346 -0.0454 -0.1566 270  THR A C   
146 O  O   . THR A 25 ? 0.4600 0.3815 0.3365 -0.0388 -0.0441 -0.1543 270  THR A O   
147 C  CB  . THR A 25 ? 0.4582 0.3634 0.3253 -0.0358 -0.0470 -0.1676 270  THR A CB  
148 O  OG1 . THR A 25 ? 0.5736 0.4777 0.4452 -0.0448 -0.0490 -0.1692 270  THR A OG1 
149 C  CG2 . THR A 25 ? 0.5827 0.4730 0.4487 -0.0312 -0.0469 -0.1719 270  THR A CG2 
150 N  N   . VAL A 26 ? 0.4726 0.3992 0.3357 -0.0307 -0.0478 -0.1567 271  VAL A N   
151 C  CA  . VAL A 26 ? 0.4270 0.3621 0.2916 -0.0268 -0.0520 -0.1548 271  VAL A CA  
152 C  C   . VAL A 26 ? 0.4704 0.4120 0.3290 -0.0226 -0.0613 -0.1603 271  VAL A C   
153 O  O   . VAL A 26 ? 0.4876 0.4222 0.3318 -0.0229 -0.0629 -0.1629 271  VAL A O   
154 C  CB  . VAL A 26 ? 0.5325 0.4584 0.3859 -0.0221 -0.0500 -0.1475 271  VAL A CB  
155 C  CG1 . VAL A 26 ? 0.4179 0.3405 0.2783 -0.0250 -0.0442 -0.1435 271  VAL A CG1 
156 C  CG2 . VAL A 26 ? 0.5223 0.4367 0.3560 -0.0230 -0.0474 -0.1460 271  VAL A CG2 
157 N  N   . ARG A 27 ? 0.4428 0.3991 0.3122 -0.0174 -0.0684 -0.1636 272  ARG A N   
158 C  CA  . ARG A 27 ? 0.4555 0.4204 0.3205 -0.0092 -0.0823 -0.1702 272  ARG A CA  
159 C  C   . ARG A 27 ? 0.5486 0.5152 0.4117 0.0052  -0.0911 -0.1689 272  ARG A C   
160 O  O   . ARG A 27 ? 0.4575 0.4272 0.3313 0.0066  -0.0847 -0.1664 272  ARG A O   
161 C  CB  . ARG A 27 ? 0.4355 0.4255 0.3255 -0.0165 -0.0863 -0.1830 272  ARG A CB  
162 C  CG  . ARG A 27 ? 0.4025 0.4173 0.3231 -0.0215 -0.0808 -0.1885 272  ARG A CG  
163 C  CD  . ARG A 27 ? 0.4215 0.4627 0.3671 -0.0332 -0.0830 -0.2030 272  ARG A CD  
164 N  NE  . ARG A 27 ? 0.4816 0.5541 0.4584 -0.0392 -0.0763 -0.2118 272  ARG A NE  
165 C  CZ  . ARG A 27 ? 0.5490 0.6189 0.5323 -0.0567 -0.0594 -0.2100 272  ARG A CZ  
166 N  NH1 . ARG A 27 ? 0.7672 0.8023 0.7283 -0.0664 -0.0513 -0.1992 272  ARG A NH1 
167 N  NH2 . ARG A 27 ? 0.7171 0.8179 0.7271 -0.0639 -0.0506 -0.2199 272  ARG A NH2 
168 N  N   . ASN A 28 ? 0.4776 0.4380 0.3225 0.0178  -0.1071 -0.1711 273  ASN A N   
169 C  CA  . ASN A 28 ? 0.4692 0.4303 0.3128 0.0363  -0.1209 -0.1729 273  ASN A CA  
170 C  C   . ASN A 28 ? 0.5029 0.5058 0.3833 0.0442  -0.1336 -0.1901 273  ASN A C   
171 O  O   . ASN A 28 ? 0.5493 0.5677 0.4358 0.0416  -0.1432 -0.1993 273  ASN A O   
172 C  CB  . ASN A 28 ? 0.6161 0.5397 0.4125 0.0486  -0.1349 -0.1653 273  ASN A CB  
173 C  CG  . ASN A 28 ? 0.6884 0.5717 0.4501 0.0421  -0.1226 -0.1502 273  ASN A CG  
174 O  OD1 . ASN A 28 ? 0.6992 0.5550 0.4242 0.0347  -0.1189 -0.1431 273  ASN A OD1 
175 N  ND2 . ASN A 28 ? 0.7290 0.6095 0.5014 0.0435  -0.1152 -0.1468 273  ASN A ND2 
176 N  N   . GLU A 29 ? 0.4747 0.4983 0.3811 0.0534  -0.1334 -0.1967 274  GLU A N   
177 C  CA  . GLU A 29 ? 0.5873 0.6539 0.5295 0.0667  -0.1485 -0.2160 274  GLU A CA  
178 C  C   . GLU A 29 ? 0.6454 0.6949 0.5725 0.0950  -0.1650 -0.2157 274  GLU A C   
179 O  O   . GLU A 29 ? 0.6279 0.6768 0.5636 0.1000  -0.1560 -0.2154 274  GLU A O   
180 C  CB  . GLU A 29 ? 0.5632 0.6752 0.5538 0.0517  -0.1313 -0.2290 274  GLU A CB  
181 C  CG  . GLU A 29 ? 0.6063 0.7281 0.6076 0.0241  -0.1177 -0.2302 274  GLU A CG  
182 N  N   . MET A 30 ? 0.6642 0.6935 0.5627 0.1137  -0.1903 -0.2154 275  MET A N   
183 C  CA  . MET A 30 ? 0.6981 0.6875 0.5612 0.1404  -0.2085 -0.2094 275  MET A CA  
184 C  C   . MET A 30 ? 0.7663 0.7039 0.5902 0.1295  -0.1903 -0.1887 275  MET A C   
185 O  O   . MET A 30 ? 0.8648 0.7747 0.6585 0.1101  -0.1777 -0.1748 275  MET A O   
186 C  CB  . MET A 30 ? 0.7917 0.8183 0.6960 0.1654  -0.2206 -0.2289 275  MET A CB  
187 N  N   . ASP A 31 ? 0.6893 0.6170 0.5165 0.1415  -0.1881 -0.1893 276  ASP A N   
188 C  CA  . ASP A 31 ? 0.7883 0.6685 0.5808 0.1307  -0.1725 -0.1723 276  ASP A CA  
189 C  C   . ASP A 31 ? 0.7164 0.6201 0.5366 0.1053  -0.1446 -0.1705 276  ASP A C   
190 O  O   . ASP A 31 ? 0.7172 0.5895 0.5137 0.0912  -0.1307 -0.1575 276  ASP A O   
191 C  CB  . ASP A 31 ? 0.7383 0.5893 0.5158 0.1549  -0.1842 -0.1741 276  ASP A CB  
192 C  CG  . ASP A 31 ? 1.0262 0.8405 0.7654 0.1829  -0.2153 -0.1737 276  ASP A CG  
193 O  OD1 . ASP A 31 ? 1.2448 0.9955 0.9221 0.1784  -0.2190 -0.1561 276  ASP A OD1 
194 O  OD2 . ASP A 31 ? 1.4584 1.3076 1.2285 0.2089  -0.2362 -0.1919 276  ASP A OD2 
195 N  N   . SER A 32 ? 0.5297 0.4869 0.3979 0.0986  -0.1371 -0.1839 277  SER A N   
196 C  CA  . SER A 32 ? 0.5415 0.5148 0.4292 0.0762  -0.1131 -0.1818 277  SER A CA  
197 C  C   . SER A 32 ? 0.5985 0.5598 0.4724 0.0544  -0.1028 -0.1709 277  SER A C   
198 O  O   . SER A 32 ? 0.5213 0.4845 0.3889 0.0527  -0.1108 -0.1716 277  SER A O   
199 C  CB  . SER A 32 ? 0.6169 0.6450 0.5534 0.0726  -0.1061 -0.1995 277  SER A CB  
200 O  OG  . SER A 32 ? 0.7868 0.8316 0.7414 0.0921  -0.1107 -0.2124 277  SER A OG  
201 N  N   . VAL A 33 ? 0.4996 0.4488 0.3684 0.0396  -0.0864 -0.1625 278  VAL A N   
202 C  CA  . VAL A 33 ? 0.4225 0.3661 0.2861 0.0214  -0.0763 -0.1556 278  VAL A CA  
203 C  C   . VAL A 33 ? 0.5110 0.4783 0.4006 0.0084  -0.0640 -0.1602 278  VAL A C   
204 O  O   . VAL A 33 ? 0.4756 0.4434 0.3695 0.0065  -0.0556 -0.1599 278  VAL A O   
205 C  CB  . VAL A 33 ? 0.4608 0.3712 0.2973 0.0151  -0.0697 -0.1437 278  VAL A CB  
206 C  CG1 . VAL A 33 ? 0.4462 0.3587 0.2856 -0.0001 -0.0600 -0.1408 278  VAL A CG1 
207 C  CG2 . VAL A 33 ? 0.4745 0.3538 0.2764 0.0226  -0.0791 -0.1379 278  VAL A CG2 
208 N  N   . ILE A 34 ? 0.3989 0.3803 0.2999 -0.0012 -0.0629 -0.1644 279  ILE A N   
209 C  CA  . ILE A 34 ? 0.4043 0.4013 0.3236 -0.0160 -0.0519 -0.1688 279  ILE A CA  
210 C  C   . ILE A 34 ? 0.5371 0.5154 0.4452 -0.0279 -0.0470 -0.1624 279  ILE A C   
211 O  O   . ILE A 34 ? 0.4678 0.4386 0.3674 -0.0270 -0.0526 -0.1621 279  ILE A O   
212 C  CB  . ILE A 34 ? 0.4633 0.4949 0.4101 -0.0191 -0.0552 -0.1835 279  ILE A CB  
213 C  CG1 . ILE A 34 ? 0.5425 0.5969 0.5043 -0.0007 -0.0658 -0.1935 279  ILE A CG1 
214 C  CG2 . ILE A 34 ? 0.4863 0.5305 0.4476 -0.0382 -0.0398 -0.1880 279  ILE A CG2 
215 C  CD1 . ILE A 34 ? 0.4999 0.5616 0.4694 0.0039  -0.0566 -0.1961 279  ILE A CD1 
216 N  N   . ILE A 35 ? 0.4358 0.4045 0.3409 -0.0377 -0.0373 -0.1585 280  ILE A N   
217 C  CA  . ILE A 35 ? 0.4708 0.4195 0.3656 -0.0458 -0.0354 -0.1541 280  ILE A CA  
218 C  C   . ILE A 35 ? 0.4290 0.3840 0.3323 -0.0566 -0.0354 -0.1617 280  ILE A C   
219 O  O   . ILE A 35 ? 0.4926 0.4639 0.4090 -0.0670 -0.0297 -0.1682 280  ILE A O   
220 C  CB  . ILE A 35 ? 0.5052 0.4353 0.3878 -0.0517 -0.0288 -0.1475 280  ILE A CB  
221 C  CG1 . ILE A 35 ? 0.4415 0.3665 0.3166 -0.0425 -0.0299 -0.1423 280  ILE A CG1 
222 C  CG2 . ILE A 35 ? 0.4756 0.3808 0.3458 -0.0551 -0.0312 -0.1442 280  ILE A CG2 
223 C  CD1 . ILE A 35 ? 0.6254 0.5436 0.4964 -0.0351 -0.0358 -0.1397 280  ILE A CD1 
224 N  N   . SER A 36 ? 0.4802 0.4239 0.3770 -0.0556 -0.0407 -0.1627 281  SER A N   
225 C  CA  . SER A 36 ? 0.5976 0.5412 0.4987 -0.0662 -0.0422 -0.1709 281  SER A CA  
226 C  C   . SER A 36 ? 0.4710 0.3826 0.3578 -0.0754 -0.0385 -0.1677 281  SER A C   
227 O  O   . SER A 36 ? 0.6603 0.5647 0.5462 -0.0915 -0.0323 -0.1695 281  SER A O   
228 C  CB  . SER A 36 ? 0.6487 0.5968 0.5472 -0.0585 -0.0513 -0.1764 281  SER A CB  
229 O  OG  . SER A 36 ? 0.6288 0.6023 0.5376 -0.0521 -0.0584 -0.1819 281  SER A OG  
230 N  N   . ARG A 37 ? 0.4863 0.3779 0.3610 -0.0654 -0.0423 -0.1641 282  ARG A N   
231 C  CA  . ARG A 37 ? 0.5249 0.3814 0.3837 -0.0682 -0.0432 -0.1619 282  ARG A CA  
232 C  C   . ARG A 37 ? 0.5118 0.3541 0.3612 -0.0571 -0.0453 -0.1538 282  ARG A C   
233 O  O   . ARG A 37 ? 0.6093 0.4682 0.4664 -0.0461 -0.0466 -0.1531 282  ARG A O   
234 C  CB  . ARG A 37 ? 0.5698 0.4147 0.4252 -0.0640 -0.0488 -0.1705 282  ARG A CB  
235 C  CG  . ARG A 37 ? 0.4988 0.3455 0.3581 -0.0781 -0.0489 -0.1786 282  ARG A CG  
236 C  CD  . ARG A 37 ? 0.5702 0.4053 0.4249 -0.0713 -0.0553 -0.1854 282  ARG A CD  
237 N  NE  . ARG A 37 ? 0.6126 0.4447 0.4705 -0.0858 -0.0566 -0.1913 282  ARG A NE  
238 C  CZ  . ARG A 37 ? 0.6280 0.4885 0.4983 -0.0904 -0.0592 -0.1964 282  ARG A CZ  
239 N  NH1 . ARG A 37 ? 0.6214 0.5104 0.4982 -0.0804 -0.0611 -0.1949 282  ARG A NH1 
240 N  NH2 . ARG A 37 ? 0.6658 0.5244 0.5412 -0.1052 -0.0608 -0.2035 282  ARG A NH2 
241 N  N   . ILE A 38 ? 0.6192 0.4284 0.4490 -0.0614 -0.0462 -0.1481 283  ILE A N   
242 C  CA  . ILE A 38 ? 0.5387 0.3296 0.3571 -0.0485 -0.0535 -0.1426 283  ILE A CA  
243 C  C   . ILE A 38 ? 0.6726 0.4323 0.4802 -0.0390 -0.0635 -0.1471 283  ILE A C   
244 O  O   . ILE A 38 ? 0.6674 0.3910 0.4543 -0.0483 -0.0643 -0.1461 283  ILE A O   
245 C  CB  . ILE A 38 ? 0.6748 0.4444 0.4706 -0.0566 -0.0506 -0.1326 283  ILE A CB  
246 C  CG1 . ILE A 38 ? 0.6564 0.4589 0.4652 -0.0635 -0.0402 -0.1313 283  ILE A CG1 
247 C  CG2 . ILE A 38 ? 0.6667 0.4157 0.4484 -0.0411 -0.0628 -0.1283 283  ILE A CG2 
248 C  CD1 . ILE A 38 ? 0.8072 0.6370 0.6334 -0.0500 -0.0434 -0.1326 283  ILE A CD1 
249 N  N   . VAL A 39 ? 0.5605 0.3339 0.3826 -0.0211 -0.0703 -0.1539 284  VAL A N   
250 C  CA  . VAL A 39 ? 0.6448 0.3974 0.4641 -0.0076 -0.0797 -0.1632 284  VAL A CA  
251 C  C   . VAL A 39 ? 0.6200 0.3378 0.4216 0.0074  -0.0947 -0.1601 284  VAL A C   
252 O  O   . VAL A 39 ? 0.5951 0.3260 0.4019 0.0152  -0.0995 -0.1568 284  VAL A O   
253 C  CB  . VAL A 39 ? 0.5860 0.3774 0.4330 0.0036  -0.0767 -0.1753 284  VAL A CB  
254 C  CG1 . VAL A 39 ? 0.5780 0.3564 0.4281 0.0188  -0.0831 -0.1854 284  VAL A CG1 
255 C  CG2 . VAL A 39 ? 0.7508 0.5683 0.6060 -0.0095 -0.0650 -0.1767 284  VAL A CG2 
256 N  N   . LYS A 40 ? 0.6610 0.3344 0.4409 0.0117  -0.1028 -0.1599 285  LYS A N   
257 C  CA  . LYS A 40 ? 0.6611 0.2930 0.4173 0.0291  -0.1212 -0.1563 285  LYS A CA  
258 C  C   . LYS A 40 ? 0.7844 0.4489 0.5709 0.0558  -0.1332 -0.1694 285  LYS A C   
259 O  O   . LYS A 40 ? 0.7214 0.4224 0.5402 0.0636  -0.1279 -0.1832 285  LYS A O   
260 C  CB  . LYS A 40 ? 0.7498 0.3279 0.4784 0.0308  -0.1278 -0.1541 285  LYS A CB  
261 C  CG  . LYS A 40 ? 0.8463 0.3693 0.5395 0.0495  -0.1498 -0.1475 285  LYS A CG  
262 C  CD  . LYS A 40 ? 1.0469 0.5138 0.7104 0.0511  -0.1561 -0.1447 285  LYS A CD  
263 N  N   . GLY A 41 ? 0.7764 0.4303 0.5526 0.0682  -0.1484 -0.1665 286  GLY A N   
264 C  CA  . GLY A 41 ? 0.8864 0.5741 0.6952 0.0938  -0.1624 -0.1814 286  GLY A CA  
265 C  C   . GLY A 41 ? 0.6391 0.3890 0.4839 0.0870  -0.1518 -0.1846 286  GLY A C   
266 O  O   . GLY A 41 ? 0.8846 0.6647 0.7562 0.1035  -0.1631 -0.1965 286  GLY A O   
267 N  N   . GLY A 42 ? 0.5786 0.3465 0.4244 0.0629  -0.1314 -0.1755 287  GLY A N   
268 C  CA  . GLY A 42 ? 0.5698 0.3863 0.4423 0.0546  -0.1207 -0.1773 287  GLY A CA  
269 C  C   . GLY A 42 ? 0.6706 0.4777 0.5263 0.0506  -0.1269 -0.1662 287  GLY A C   
270 O  O   . GLY A 42 ? 0.6122 0.3747 0.4312 0.0510  -0.1362 -0.1552 287  GLY A O   
271 N  N   . ALA A 43 ? 0.5665 0.4117 0.4442 0.0450  -0.1209 -0.1694 288  ALA A N   
272 C  CA  . ALA A 43 ? 0.5424 0.3808 0.4048 0.0412  -0.1266 -0.1614 288  ALA A CA  
273 C  C   . ALA A 43 ? 0.5496 0.3614 0.3795 0.0242  -0.1150 -0.1453 288  ALA A C   
274 O  O   . ALA A 43 ? 0.6759 0.4617 0.4764 0.0227  -0.1214 -0.1369 288  ALA A O   
275 C  CB  . ALA A 43 ? 0.4996 0.3827 0.3929 0.0357  -0.1207 -0.1698 288  ALA A CB  
276 N  N   . ALA A 44 ? 0.5519 0.3716 0.3866 0.0116  -0.0981 -0.1428 289  ALA A N   
277 C  CA  . ALA A 44 ? 0.4829 0.2876 0.2958 -0.0040 -0.0863 -0.1320 289  ALA A CA  
278 C  C   . ALA A 44 ? 0.6276 0.3858 0.4040 -0.0069 -0.0909 -0.1241 289  ALA A C   
279 O  O   . ALA A 44 ? 0.6173 0.3542 0.3651 -0.0152 -0.0884 -0.1156 289  ALA A O   
280 C  CB  . ALA A 44 ? 0.5764 0.4024 0.4055 -0.0139 -0.0716 -0.1340 289  ALA A CB  
281 N  N   . GLU A 45 ? 0.6424 0.3816 0.4161 -0.0014 -0.0966 -0.1273 290  GLU A N   
282 C  CA  . GLU A 45 ? 0.6427 0.3274 0.3761 -0.0050 -0.1019 -0.1198 290  GLU A CA  
283 C  C   . GLU A 45 ? 0.7884 0.4365 0.4878 0.0063  -0.1197 -0.1135 290  GLU A C   
284 O  O   . GLU A 45 ? 0.8364 0.4410 0.4909 -0.0052 -0.1177 -0.1020 290  GLU A O   
285 C  CB  . GLU A 45 ? 0.6158 0.2845 0.3539 0.0034  -0.1083 -0.1272 290  GLU A CB  
286 C  CG  . GLU A 45 ? 0.7266 0.3307 0.4190 -0.0039 -0.1124 -0.1193 290  GLU A CG  
287 C  CD  . GLU A 45 ? 0.7699 0.3257 0.4319 0.0184  -0.1372 -0.1177 290  GLU A CD  
288 O  OE1 . GLU A 45 ? 0.8445 0.4209 0.5340 0.0436  -0.1524 -0.1300 290  GLU A OE1 
289 O  OE2 . GLU A 45 ? 1.1134 0.6099 0.7225 0.0108  -0.1418 -0.1050 290  GLU A OE2 
290 N  N   . LYS A 46 ? 0.6614 0.3273 0.3811 0.0282  -0.1372 -0.1222 291  LYS A N   
291 C  CA  . LYS A 46 ? 0.6896 0.3248 0.3804 0.0438  -0.1601 -0.1193 291  LYS A CA  
292 C  C   . LYS A 46 ? 0.6901 0.3195 0.3545 0.0311  -0.1547 -0.1095 291  LYS A C   
293 O  O   . LYS A 46 ? 0.8952 0.4757 0.5095 0.0335  -0.1671 -0.1002 291  LYS A O   
294 C  CB  . LYS A 46 ? 0.6820 0.3554 0.4139 0.0683  -0.1785 -0.1357 291  LYS A CB  
295 C  CG  . LYS A 46 ? 0.8357 0.5043 0.5845 0.0886  -0.1907 -0.1479 291  LYS A CG  
296 C  CD  . LYS A 46 ? 0.7861 0.5016 0.5811 0.1121  -0.2072 -0.1678 291  LYS A CD  
297 C  CE  . LYS A 46 ? 0.7935 0.5159 0.6142 0.1319  -0.2141 -0.1843 291  LYS A CE  
298 N  NZ  . LYS A 46 ? 0.8896 0.5396 0.6631 0.1461  -0.2323 -0.1776 291  LYS A NZ  
299 N  N   . SER A 47 ? 0.6972 0.3717 0.3902 0.0181  -0.1366 -0.1119 292  SER A N   
300 C  CA  . SER A 47 ? 0.7779 0.4531 0.4517 0.0082  -0.1306 -0.1065 292  SER A CA  
301 C  C   . SER A 47 ? 0.8464 0.4870 0.4774 -0.0124 -0.1136 -0.0946 292  SER A C   
302 O  O   . SER A 47 ? 0.8522 0.4714 0.4465 -0.0185 -0.1128 -0.0885 292  SER A O   
303 C  CB  . SER A 47 ? 0.6039 0.3324 0.3197 0.0023  -0.1173 -0.1138 292  SER A CB  
304 O  OG  . SER A 47 ? 0.6674 0.4093 0.3936 -0.0130 -0.0952 -0.1117 292  SER A OG  
305 N  N   . GLY A 48 ? 0.7244 0.3627 0.3614 -0.0249 -0.0988 -0.0932 293  GLY A N   
306 C  CA  . GLY A 48 ? 0.8391 0.4560 0.4460 -0.0487 -0.0786 -0.0858 293  GLY A CA  
307 C  C   . GLY A 48 ? 0.7792 0.4363 0.4050 -0.0608 -0.0587 -0.0895 293  GLY A C   
308 O  O   . GLY A 48 ? 0.8803 0.5274 0.4831 -0.0800 -0.0406 -0.0864 293  GLY A O   
309 N  N   . LEU A 49 ? 0.6500 0.3516 0.3170 -0.0499 -0.0612 -0.0974 294  LEU A N   
310 C  CA  . LEU A 49 ? 0.6337 0.3666 0.3150 -0.0558 -0.0472 -0.1017 294  LEU A CA  
311 C  C   . LEU A 49 ? 0.6692 0.4437 0.3931 -0.0586 -0.0354 -0.1089 294  LEU A C   
312 O  O   . LEU A 49 ? 0.5951 0.3941 0.3321 -0.0605 -0.0255 -0.1137 294  LEU A O   
313 C  CB  . LEU A 49 ? 0.5991 0.3417 0.2848 -0.0431 -0.0599 -0.1048 294  LEU A CB  
314 C  CG  . LEU A 49 ? 0.7117 0.4173 0.3511 -0.0411 -0.0707 -0.0995 294  LEU A CG  
315 C  CD1 . LEU A 49 ? 0.9079 0.6280 0.5596 -0.0282 -0.0872 -0.1056 294  LEU A CD1 
316 C  CD2 . LEU A 49 ? 0.7480 0.4415 0.3555 -0.0569 -0.0518 -0.0970 294  LEU A CD2 
317 N  N   . LEU A 50 ? 0.6360 0.4163 0.3790 -0.0567 -0.0385 -0.1107 295  LEU A N   
318 C  CA  . LEU A 50 ? 0.5849 0.3997 0.3614 -0.0591 -0.0300 -0.1174 295  LEU A CA  
319 C  C   . LEU A 50 ? 0.5338 0.3424 0.3093 -0.0725 -0.0222 -0.1184 295  LEU A C   
320 O  O   . LEU A 50 ? 0.6359 0.4149 0.3953 -0.0738 -0.0286 -0.1150 295  LEU A O   
321 C  CB  . LEU A 50 ? 0.5082 0.3406 0.3097 -0.0463 -0.0396 -0.1212 295  LEU A CB  
322 C  CG  . LEU A 50 ? 0.5739 0.4178 0.3826 -0.0374 -0.0450 -0.1226 295  LEU A CG  
323 C  CD1 . LEU A 50 ? 0.7051 0.5661 0.5363 -0.0304 -0.0497 -0.1273 295  LEU A CD1 
324 C  CD2 . LEU A 50 ? 0.5241 0.3824 0.3357 -0.0400 -0.0360 -0.1243 295  LEU A CD2 
325 N  N   . HIS A 51 ? 0.5498 0.3862 0.3434 -0.0820 -0.0095 -0.1248 296  HIS A N   
326 C  CA  . HIS A 51 ? 0.6096 0.4467 0.4061 -0.0994 0.0000  -0.1288 296  HIS A CA  
327 C  C   . HIS A 51 ? 0.5854 0.4576 0.4175 -0.0959 -0.0023 -0.1384 296  HIS A C   
328 O  O   . HIS A 51 ? 0.5511 0.4521 0.4040 -0.0835 -0.0053 -0.1427 296  HIS A O   
329 C  CB  . HIS A 51 ? 0.5870 0.4320 0.3758 -0.1172 0.0186  -0.1321 296  HIS A CB  
330 C  CG  . HIS A 51 ? 0.6296 0.4334 0.3730 -0.1245 0.0226  -0.1223 296  HIS A CG  
331 N  ND1 . HIS A 51 ? 0.9387 0.7001 0.6511 -0.1140 0.0068  -0.1115 296  HIS A ND1 
332 C  CD2 . HIS A 51 ? 0.7572 0.5558 0.4784 -0.1407 0.0400  -0.1228 296  HIS A CD2 
333 C  CE1 . HIS A 51 ? 0.9996 0.7267 0.6686 -0.1224 0.0116  -0.1042 296  HIS A CE1 
334 N  NE2 . HIS A 51 ? 0.9300 0.6774 0.6010 -0.1402 0.0335  -0.1104 296  HIS A NE2 
335 N  N   . GLU A 52 ? 0.5412 0.4066 0.3756 -0.1067 -0.0021 -0.1419 297  GLU A N   
336 C  CA  . GLU A 52 ? 0.5574 0.4572 0.4228 -0.1068 -0.0041 -0.1532 297  GLU A CA  
337 C  C   . GLU A 52 ? 0.5252 0.4672 0.4158 -0.1111 0.0054  -0.1632 297  GLU A C   
338 O  O   . GLU A 52 ? 0.5501 0.4945 0.4360 -0.1275 0.0202  -0.1656 297  GLU A O   
339 C  CB  . GLU A 52 ? 0.6307 0.5139 0.4918 -0.1229 -0.0034 -0.1574 297  GLU A CB  
340 C  CG  . GLU A 52 ? 0.7870 0.6290 0.6259 -0.1147 -0.0143 -0.1509 297  GLU A CG  
341 N  N   . GLY A 53 ? 0.4696 0.4435 0.3845 -0.0953 -0.0032 -0.1699 298  GLY A N   
342 C  CA  . GLY A 53 ? 0.4246 0.4402 0.3670 -0.0932 0.0015  -0.1823 298  GLY A CA  
343 C  C   . GLY A 53 ? 0.4000 0.4186 0.3387 -0.0774 0.0019  -0.1794 298  GLY A C   
344 O  O   . GLY A 53 ? 0.5019 0.5536 0.4636 -0.0685 0.0022  -0.1908 298  GLY A O   
345 N  N   . ASP A 54 ? 0.4759 0.4606 0.3867 -0.0731 0.0007  -0.1661 299  ASP A N   
346 C  CA  . ASP A 54 ? 0.4330 0.4148 0.3369 -0.0590 -0.0007 -0.1635 299  ASP A CA  
347 C  C   . ASP A 54 ? 0.4775 0.4708 0.3932 -0.0398 -0.0138 -0.1664 299  ASP A C   
348 O  O   . ASP A 54 ? 0.4679 0.4520 0.3801 -0.0357 -0.0236 -0.1621 299  ASP A O   
349 C  CB  . ASP A 54 ? 0.4532 0.3986 0.3280 -0.0580 -0.0037 -0.1506 299  ASP A CB  
350 C  CG  . ASP A 54 ? 0.4899 0.4148 0.3408 -0.0723 0.0070  -0.1462 299  ASP A CG  
351 O  OD1 . ASP A 54 ? 0.5570 0.4962 0.4117 -0.0849 0.0212  -0.1533 299  ASP A OD1 
352 O  OD2 . ASP A 54 ? 0.5998 0.4938 0.4262 -0.0710 0.0008  -0.1367 299  ASP A OD2 
353 N  N   . GLU A 55 ? 0.3853 0.3946 0.3110 -0.0277 -0.0139 -0.1739 300  GLU A N   
354 C  CA  . GLU A 55 ? 0.4230 0.4269 0.3465 -0.0082 -0.0280 -0.1734 300  GLU A CA  
355 C  C   . GLU A 55 ? 0.4816 0.4532 0.3796 -0.0042 -0.0289 -0.1632 300  GLU A C   
356 O  O   . GLU A 55 ? 0.4915 0.4587 0.3830 -0.0051 -0.0214 -0.1646 300  GLU A O   
357 C  CB  . GLU A 55 ? 0.4794 0.5116 0.4249 0.0074  -0.0320 -0.1883 300  GLU A CB  
358 C  CG  . GLU A 55 ? 0.4457 0.4571 0.3766 0.0289  -0.0484 -0.1853 300  GLU A CG  
359 C  CD  . GLU A 55 ? 0.6863 0.7214 0.6375 0.0506  -0.0585 -0.2010 300  GLU A CD  
360 O  OE1 . GLU A 55 ? 0.4392 0.5170 0.4236 0.0489  -0.0509 -0.2174 300  GLU A OE1 
361 O  OE2 . GLU A 55 ? 0.4968 0.5067 0.4293 0.0696  -0.0743 -0.1979 300  GLU A OE2 
362 N  N   . VAL A 56 ? 0.4225 0.3729 0.3057 -0.0015 -0.0372 -0.1545 301  VAL A N   
363 C  CA  . VAL A 56 ? 0.5060 0.4291 0.3685 -0.0018 -0.0377 -0.1467 301  VAL A CA  
364 C  C   . VAL A 56 ? 0.5968 0.5036 0.4472 0.0116  -0.0447 -0.1476 301  VAL A C   
365 O  O   . VAL A 56 ? 0.4989 0.3977 0.3422 0.0197  -0.0537 -0.1464 301  VAL A O   
366 C  CB  . VAL A 56 ? 0.4532 0.3642 0.3074 -0.0092 -0.0396 -0.1392 301  VAL A CB  
367 C  CG1 . VAL A 56 ? 0.5416 0.4326 0.3815 -0.0128 -0.0388 -0.1345 301  VAL A CG1 
368 C  CG2 . VAL A 56 ? 0.5234 0.4436 0.3864 -0.0187 -0.0359 -0.1391 301  VAL A CG2 
369 N  N   . LEU A 57 ? 0.4817 0.3777 0.3243 0.0140  -0.0414 -0.1495 302  LEU A N   
370 C  CA  . LEU A 57 ? 0.4516 0.3252 0.2794 0.0274  -0.0483 -0.1516 302  LEU A CA  
371 C  C   . LEU A 57 ? 0.5383 0.3770 0.3408 0.0196  -0.0498 -0.1429 302  LEU A C   
372 O  O   . LEU A 57 ? 0.5817 0.3921 0.3637 0.0253  -0.0570 -0.1395 302  LEU A O   
373 C  CB  . LEU A 57 ? 0.4978 0.3788 0.3308 0.0353  -0.0432 -0.1621 302  LEU A CB  
374 C  CG  . LEU A 57 ? 0.4957 0.4166 0.3573 0.0417  -0.0382 -0.1752 302  LEU A CG  
375 C  CD1 . LEU A 57 ? 0.4991 0.4253 0.3620 0.0488  -0.0303 -0.1874 302  LEU A CD1 
376 C  CD2 . LEU A 57 ? 0.5274 0.4604 0.4019 0.0584  -0.0511 -0.1811 302  LEU A CD2 
377 N  N   . GLU A 58 ? 0.4929 0.3318 0.2952 0.0058  -0.0436 -0.1404 303  GLU A N   
378 C  CA  . GLU A 58 ? 0.4761 0.2908 0.2619 -0.0050 -0.0437 -0.1360 303  GLU A CA  
379 C  C   . GLU A 58 ? 0.4934 0.3246 0.2912 -0.0182 -0.0404 -0.1337 303  GLU A C   
380 O  O   . GLU A 58 ? 0.5013 0.3504 0.3107 -0.0185 -0.0386 -0.1351 303  GLU A O   
381 C  CB  . GLU A 58 ? 0.4903 0.2858 0.2631 -0.0043 -0.0438 -0.1406 303  GLU A CB  
382 C  CG  . GLU A 58 ? 0.6949 0.4753 0.4581 0.0126  -0.0474 -0.1468 303  GLU A CG  
383 C  CD  . GLU A 58 ? 0.7599 0.5253 0.5125 0.0119  -0.0455 -0.1525 303  GLU A CD  
384 O  OE1 . GLU A 58 ? 0.6653 0.4268 0.4159 -0.0031 -0.0438 -0.1491 303  GLU A OE1 
385 O  OE2 . GLU A 58 ? 0.6603 0.4244 0.4121 0.0269  -0.0455 -0.1611 303  GLU A OE2 
386 N  N   . ILE A 59 ? 0.4711 0.2945 0.2647 -0.0294 -0.0394 -0.1314 304  ILE A N   
387 C  CA  . ILE A 59 ? 0.4648 0.3055 0.2730 -0.0393 -0.0383 -0.1334 304  ILE A CA  
388 C  C   . ILE A 59 ? 0.4559 0.2860 0.2590 -0.0522 -0.0376 -0.1366 304  ILE A C   
389 O  O   . ILE A 59 ? 0.4885 0.3046 0.2807 -0.0613 -0.0330 -0.1350 304  ILE A O   
390 C  CB  . ILE A 59 ? 0.5267 0.3841 0.3472 -0.0421 -0.0358 -0.1324 304  ILE A CB  
391 C  CG1 . ILE A 59 ? 0.4422 0.3094 0.2680 -0.0324 -0.0369 -0.1305 304  ILE A CG1 
392 C  CG2 . ILE A 59 ? 0.5229 0.3996 0.3618 -0.0475 -0.0373 -0.1375 304  ILE A CG2 
393 C  CD1 . ILE A 59 ? 0.5235 0.4036 0.3585 -0.0345 -0.0351 -0.1310 304  ILE A CD1 
394 N  N   . ASN A 60 ? 0.5153 0.3506 0.3235 -0.0547 -0.0420 -0.1418 305  ASN A N   
395 C  CA  . ASN A 60 ? 0.5005 0.3271 0.3056 -0.0680 -0.0428 -0.1476 305  ASN A CA  
396 C  C   . ASN A 60 ? 0.5517 0.3442 0.3335 -0.0706 -0.0392 -0.1439 305  ASN A C   
397 O  O   . ASN A 60 ? 0.5263 0.3061 0.3016 -0.0866 -0.0348 -0.1454 305  ASN A O   
398 C  CB  . ASN A 60 ? 0.5401 0.3894 0.3659 -0.0821 -0.0391 -0.1533 305  ASN A CB  
399 C  CG  . ASN A 60 ? 0.4887 0.3706 0.3408 -0.0764 -0.0472 -0.1597 305  ASN A CG  
400 O  OD1 . ASN A 60 ? 0.5753 0.4559 0.4234 -0.0649 -0.0563 -0.1583 305  ASN A OD1 
401 N  ND2 . ASN A 60 ? 0.5574 0.4668 0.4343 -0.0841 -0.0440 -0.1675 305  ASN A ND2 
402 N  N   . GLY A 61 ? 0.5251 0.3020 0.2934 -0.0554 -0.0409 -0.1403 306  GLY A N   
403 C  CA  . GLY A 61 ? 0.5553 0.2955 0.2992 -0.0526 -0.0412 -0.1381 306  GLY A CA  
404 C  C   . GLY A 61 ? 0.6000 0.3144 0.3220 -0.0504 -0.0403 -0.1318 306  GLY A C   
405 O  O   . GLY A 61 ? 0.6282 0.3065 0.3252 -0.0412 -0.0443 -0.1293 306  GLY A O   
406 N  N   . ILE A 62 ? 0.5741 0.3051 0.3035 -0.0573 -0.0364 -0.1294 307  ILE A N   
407 C  CA  . ILE A 62 ? 0.5896 0.3002 0.2978 -0.0546 -0.0360 -0.1218 307  ILE A CA  
408 C  C   . ILE A 62 ? 0.5618 0.2808 0.2744 -0.0305 -0.0442 -0.1209 307  ILE A C   
409 O  O   . ILE A 62 ? 0.5934 0.3500 0.3341 -0.0244 -0.0440 -0.1240 307  ILE A O   
410 C  CB  . ILE A 62 ? 0.5830 0.3154 0.3015 -0.0695 -0.0270 -0.1205 307  ILE A CB  
411 C  CG1 . ILE A 62 ? 0.5780 0.3126 0.3006 -0.0945 -0.0174 -0.1256 307  ILE A CG1 
412 C  CG2 . ILE A 62 ? 0.6023 0.3091 0.2906 -0.0671 -0.0269 -0.1125 307  ILE A CG2 
413 C  CD1 . ILE A 62 ? 0.7836 0.5399 0.5155 -0.1101 -0.0055 -0.1274 307  ILE A CD1 
414 N  N   . GLU A 63 ? 0.6302 0.3138 0.3151 -0.0169 -0.0525 -0.1179 308  GLU A N   
415 C  CA  . GLU A 63 ? 0.6189 0.3167 0.3135 0.0070  -0.0622 -0.1206 308  GLU A CA  
416 C  C   . GLU A 63 ? 0.6865 0.4070 0.3895 0.0056  -0.0621 -0.1172 308  GLU A C   
417 O  O   . GLU A 63 ? 0.7190 0.4194 0.3982 -0.0059 -0.0592 -0.1103 308  GLU A O   
418 C  CB  . GLU A 63 ? 0.7240 0.3768 0.3861 0.0259  -0.0752 -0.1200 308  GLU A CB  
419 C  CG  . GLU A 63 ? 0.8307 0.5063 0.5111 0.0538  -0.0874 -0.1281 308  GLU A CG  
420 C  CD  . GLU A 63 ? 0.9391 0.6415 0.6478 0.0653  -0.0850 -0.1411 308  GLU A CD  
421 O  OE1 . GLU A 63 ? 0.6583 0.3656 0.3730 0.0512  -0.0743 -0.1426 308  GLU A OE1 
422 O  OE2 . GLU A 63 ? 1.2419 0.9624 0.9667 0.0887  -0.0940 -0.1515 308  GLU A OE2 
423 N  N   . ILE A 64 ? 0.6744 0.4357 0.4092 0.0152  -0.0638 -0.1231 309  ILE A N   
424 C  CA  . ILE A 64 ? 0.6517 0.4377 0.3987 0.0118  -0.0631 -0.1222 309  ILE A CA  
425 C  C   . ILE A 64 ? 0.9742 0.7657 0.7211 0.0307  -0.0766 -0.1257 309  ILE A C   
426 O  O   . ILE A 64 ? 0.6952 0.4815 0.4280 0.0301  -0.0811 -0.1224 309  ILE A O   
427 C  CB  . ILE A 64 ? 0.5446 0.3700 0.3260 0.0039  -0.0548 -0.1266 309  ILE A CB  
428 C  CG1 . ILE A 64 ? 0.6330 0.4555 0.4148 -0.0128 -0.0457 -0.1243 309  ILE A CG1 
429 C  CG2 . ILE A 64 ? 0.5736 0.4226 0.3686 0.0032  -0.0557 -0.1281 309  ILE A CG2 
430 C  CD1 . ILE A 64 ? 0.5908 0.3977 0.3546 -0.0254 -0.0410 -0.1198 309  ILE A CD1 
431 N  N   . ARG A 65 ? 0.5833 0.3876 0.3463 0.0479  -0.0833 -0.1344 310  ARG A N   
432 C  CA  . ARG A 65 ? 0.6261 0.4387 0.3931 0.0695  -0.0996 -0.1415 310  ARG A CA  
433 C  C   . ARG A 65 ? 0.7267 0.4897 0.4467 0.0783  -0.1138 -0.1329 310  ARG A C   
434 O  O   . ARG A 65 ? 0.9854 0.7013 0.6705 0.0770  -0.1141 -0.1256 310  ARG A O   
435 C  CB  . ARG A 65 ? 0.6398 0.4698 0.4293 0.0880  -0.1035 -0.1547 310  ARG A CB  
436 C  CG  . ARG A 65 ? 0.7114 0.5670 0.5206 0.1120  -0.1204 -0.1679 310  ARG A CG  
437 C  CD  . ARG A 65 ? 1.0383 0.9208 0.8773 0.1282  -0.1193 -0.1849 310  ARG A CD  
438 N  NE  . ARG A 65 ? 1.1678 1.1100 1.0536 0.1173  -0.1051 -0.1972 310  ARG A NE  
439 C  CZ  . ARG A 65 ? 1.3097 1.2808 1.2214 0.1196  -0.0934 -0.2110 310  ARG A CZ  
440 N  NH1 . ARG A 65 ? 0.9267 0.8743 0.8251 0.1350  -0.0953 -0.2156 310  ARG A NH1 
441 N  NH2 . ARG A 65 ? 1.1820 1.2020 1.1291 0.1048  -0.0784 -0.2207 310  ARG A NH2 
442 N  N   . GLY A 66 ? 0.6288 0.3978 0.3429 0.0852  -0.1256 -0.1334 311  GLY A N   
443 C  CA  . GLY A 66 ? 0.7335 0.4510 0.3944 0.0930  -0.1402 -0.1242 311  GLY A CA  
444 C  C   . GLY A 66 ? 0.6807 0.3792 0.3114 0.0693  -0.1284 -0.1128 311  GLY A C   
445 O  O   . GLY A 66 ? 0.8744 0.5297 0.4550 0.0715  -0.1377 -0.1044 311  GLY A O   
446 N  N   . LYS A 67 ? 0.7052 0.4342 0.3637 0.0474  -0.1081 -0.1132 312  LYS A N   
447 C  CA  . LYS A 67 ? 0.6496 0.3695 0.2880 0.0254  -0.0942 -0.1066 312  LYS A CA  
448 C  C   . LYS A 67 ? 0.6030 0.3598 0.2630 0.0241  -0.0951 -0.1132 312  LYS A C   
449 O  O   . LYS A 67 ? 0.6183 0.4161 0.3206 0.0308  -0.0986 -0.1226 312  LYS A O   
450 C  CB  . LYS A 67 ? 0.6814 0.4101 0.3363 0.0041  -0.0736 -0.1053 312  LYS A CB  
451 C  CG  . LYS A 67 ? 0.6719 0.3545 0.2927 -0.0039 -0.0694 -0.0980 312  LYS A CG  
452 C  CD  . LYS A 67 ? 0.7112 0.4084 0.3519 -0.0257 -0.0511 -0.0997 312  LYS A CD  
453 C  CE  . LYS A 67 ? 0.7718 0.4208 0.3760 -0.0380 -0.0463 -0.0936 312  LYS A CE  
454 N  NZ  . LYS A 67 ? 0.8795 0.5016 0.4741 -0.0191 -0.0603 -0.0937 312  LYS A NZ  
455 N  N   . ASP A 68 ? 0.6500 0.3899 0.2779 0.0136  -0.0907 -0.1091 313  ASP A N   
456 C  CA  . ASP A 68 ? 0.6081 0.3783 0.2525 0.0119  -0.0916 -0.1167 313  ASP A CA  
457 C  C   . ASP A 68 ? 0.5650 0.3655 0.2420 -0.0052 -0.0718 -0.1212 313  ASP A C   
458 O  O   . ASP A 68 ? 0.5828 0.3801 0.2644 -0.0174 -0.0573 -0.1182 313  ASP A O   
459 C  CB  . ASP A 68 ? 0.7618 0.4999 0.3533 0.0113  -0.0979 -0.1126 313  ASP A CB  
460 C  CG  . ASP A 68 ? 0.8250 0.5302 0.3756 -0.0100 -0.0780 -0.1042 313  ASP A CG  
461 O  OD1 . ASP A 68 ? 0.9309 0.6596 0.4996 -0.0265 -0.0589 -0.1094 313  ASP A OD1 
462 O  OD2 . ASP A 68 ? 0.7518 0.4062 0.2507 -0.0106 -0.0815 -0.0936 313  ASP A OD2 
463 N  N   . VAL A 69 ? 0.5736 0.4022 0.2727 -0.0049 -0.0736 -0.1298 314  VAL A N   
464 C  CA  . VAL A 69 ? 0.5676 0.4230 0.2988 -0.0155 -0.0602 -0.1360 314  VAL A CA  
465 C  C   . VAL A 69 ? 0.5142 0.3616 0.2332 -0.0300 -0.0423 -0.1346 314  VAL A C   
466 O  O   . VAL A 69 ? 0.5044 0.3665 0.2492 -0.0360 -0.0326 -0.1366 314  VAL A O   
467 C  CB  . VAL A 69 ? 0.6117 0.4852 0.3538 -0.0137 -0.0664 -0.1457 314  VAL A CB  
468 C  CG1 . VAL A 69 ? 0.6185 0.5068 0.3811 -0.0230 -0.0535 -0.1522 314  VAL A CG1 
469 C  CG2 . VAL A 69 ? 0.6027 0.4975 0.3730 -0.0046 -0.0797 -0.1512 314  VAL A CG2 
470 N  N   . ASN A 70 ? 0.5541 0.3792 0.2329 -0.0361 -0.0379 -0.1325 315  ASN A N   
471 C  CA  . ASN A 70 ? 0.5806 0.4050 0.2513 -0.0528 -0.0173 -0.1347 315  ASN A CA  
472 C  C   . ASN A 70 ? 0.5730 0.3833 0.2384 -0.0630 -0.0084 -0.1279 315  ASN A C   
473 O  O   . ASN A 70 ? 0.5800 0.4071 0.2636 -0.0762 0.0077  -0.1336 315  ASN A O   
474 C  CB  . ASN A 70 ? 0.6666 0.4699 0.2905 -0.0599 -0.0116 -0.1353 315  ASN A CB  
475 C  CG  . ASN A 70 ? 0.7292 0.5550 0.3676 -0.0546 -0.0139 -0.1464 315  ASN A CG  
476 O  OD1 . ASN A 70 ? 0.6993 0.5163 0.3178 -0.0461 -0.0271 -0.1451 315  ASN A OD1 
477 N  ND2 . ASN A 70 ? 0.5807 0.4365 0.2570 -0.0576 -0.0031 -0.1576 315  ASN A ND2 
478 N  N   . GLU A 71 ? 0.6169 0.3974 0.2597 -0.0562 -0.0199 -0.1178 316  GLU A N   
479 C  CA  . GLU A 71 ? 0.6585 0.4216 0.2967 -0.0647 -0.0140 -0.1122 316  GLU A CA  
480 C  C   . GLU A 71 ? 0.5528 0.3508 0.2426 -0.0635 -0.0120 -0.1184 316  GLU A C   
481 O  O   . GLU A 71 ? 0.6033 0.4072 0.3042 -0.0772 -0.0004 -0.1208 316  GLU A O   
482 C  CB  . GLU A 71 ? 0.7038 0.4271 0.3106 -0.0516 -0.0305 -0.1024 316  GLU A CB  
483 C  CG  . GLU A 71 ? 1.0954 0.7661 0.6367 -0.0539 -0.0343 -0.0929 316  GLU A CG  
484 C  CD  . GLU A 71 ? 1.0887 0.7154 0.5999 -0.0380 -0.0526 -0.0844 316  GLU A CD  
485 O  OE1 . GLU A 71 ? 0.9512 0.5840 0.4704 -0.0133 -0.0742 -0.0867 316  GLU A OE1 
486 O  OE2 . GLU A 71 ? 1.3626 0.9496 0.8443 -0.0502 -0.0457 -0.0774 316  GLU A OE2 
487 N  N   . VAL A 72 ? 0.5187 0.3384 0.2371 -0.0481 -0.0238 -0.1214 317  VAL A N   
488 C  CA  . VAL A 72 ? 0.5181 0.3635 0.2760 -0.0458 -0.0238 -0.1257 317  VAL A CA  
489 C  C   . VAL A 72 ? 0.5769 0.4489 0.3600 -0.0542 -0.0134 -0.1343 317  VAL A C   
490 O  O   . VAL A 72 ? 0.4941 0.3772 0.2965 -0.0593 -0.0096 -0.1374 317  VAL A O   
491 C  CB  . VAL A 72 ? 0.4633 0.3233 0.2406 -0.0315 -0.0356 -0.1274 317  VAL A CB  
492 C  CG1 . VAL A 72 ? 0.5111 0.3907 0.3194 -0.0315 -0.0340 -0.1307 317  VAL A CG1 
493 C  CG2 . VAL A 72 ? 0.5479 0.3900 0.3095 -0.0197 -0.0469 -0.1232 317  VAL A CG2 
494 N  N   . PHE A 73 ? 0.5741 0.4560 0.3571 -0.0541 -0.0104 -0.1399 318  PHE A N   
495 C  CA  . PHE A 73 ? 0.4822 0.3893 0.2892 -0.0583 -0.0015 -0.1511 318  PHE A CA  
496 C  C   . PHE A 73 ? 0.4644 0.3762 0.2699 -0.0741 0.0135  -0.1553 318  PHE A C   
497 O  O   . PHE A 73 ? 0.5405 0.4778 0.3772 -0.0760 0.0172  -0.1648 318  PHE A O   
498 C  CB  . PHE A 73 ? 0.5268 0.4389 0.3281 -0.0553 0.0000  -0.1580 318  PHE A CB  
499 C  CG  . PHE A 73 ? 0.5431 0.4610 0.3607 -0.0436 -0.0120 -0.1600 318  PHE A CG  
500 C  CD1 . PHE A 73 ? 0.5309 0.4622 0.3770 -0.0383 -0.0147 -0.1657 318  PHE A CD1 
501 C  CD2 . PHE A 73 ? 0.5507 0.4585 0.3527 -0.0387 -0.0213 -0.1571 318  PHE A CD2 
502 C  CE1 . PHE A 73 ? 0.5621 0.4909 0.4165 -0.0315 -0.0239 -0.1666 318  PHE A CE1 
503 C  CE2 . PHE A 73 ? 0.5422 0.4561 0.3601 -0.0329 -0.0301 -0.1606 318  PHE A CE2 
504 C  CZ  . PHE A 73 ? 0.7743 0.6955 0.6158 -0.0309 -0.0301 -0.1645 318  PHE A CZ  
505 N  N   . ASP A 74 ? 0.5210 0.4072 0.2886 -0.0857 0.0214  -0.1489 319  ASP A N   
506 C  CA  . ASP A 74 ? 0.5216 0.4066 0.2816 -0.1067 0.0385  -0.1521 319  ASP A CA  
507 C  C   . ASP A 74 ? 0.6216 0.5131 0.4048 -0.1102 0.0351  -0.1523 319  ASP A C   
508 O  O   . ASP A 74 ? 0.5598 0.4812 0.3731 -0.1202 0.0440  -0.1644 319  ASP A O   
509 C  CB  . ASP A 74 ? 0.6714 0.5112 0.3733 -0.1190 0.0447  -0.1410 319  ASP A CB  
510 C  CG  . ASP A 74 ? 0.7848 0.6186 0.4575 -0.1217 0.0524  -0.1436 319  ASP A CG  
511 O  OD1 . ASP A 74 ? 0.6361 0.5049 0.3374 -0.1178 0.0576  -0.1569 319  ASP A OD1 
512 O  OD2 . ASP A 74 ? 0.6540 0.4441 0.2712 -0.1269 0.0520  -0.1327 319  ASP A OD2 
513 N  N   . LEU A 75 ? 0.5278 0.3943 0.2985 -0.1007 0.0215  -0.1413 320  LEU A N   
514 C  CA  . LEU A 75 ? 0.5642 0.4319 0.3507 -0.1027 0.0169  -0.1415 320  LEU A CA  
515 C  C   . LEU A 75 ? 0.5177 0.4248 0.3497 -0.0952 0.0118  -0.1522 320  LEU A C   
516 O  O   . LEU A 75 ? 0.5147 0.4389 0.3676 -0.1043 0.0142  -0.1605 320  LEU A O   
517 C  CB  . LEU A 75 ? 0.5747 0.4128 0.3425 -0.0889 0.0028  -0.1307 320  LEU A CB  
518 C  CG  . LEU A 75 ? 0.6655 0.4557 0.3856 -0.0939 0.0031  -0.1205 320  LEU A CG  
519 C  CD1 . LEU A 75 ? 1.1496 0.9198 0.8591 -0.0730 -0.0132 -0.1139 320  LEU A CD1 
520 C  CD2 . LEU A 75 ? 0.9187 0.6906 0.6272 -0.1149 0.0128  -0.1214 320  LEU A CD2 
521 N  N   . LEU A 76 ? 0.4955 0.4142 0.3405 -0.0788 0.0031  -0.1528 321  LEU A N   
522 C  CA  . LEU A 76 ? 0.5521 0.4958 0.4299 -0.0686 -0.0052 -0.1605 321  LEU A CA  
523 C  C   . LEU A 76 ? 0.4912 0.4683 0.3977 -0.0738 0.0021  -0.1763 321  LEU A C   
524 O  O   . LEU A 76 ? 0.5298 0.5274 0.4633 -0.0694 -0.0054 -0.1850 321  LEU A O   
525 C  CB  . LEU A 76 ? 0.4850 0.4256 0.3633 -0.0537 -0.0139 -0.1573 321  LEU A CB  
526 C  CG  . LEU A 76 ? 0.5783 0.4994 0.4430 -0.0470 -0.0225 -0.1467 321  LEU A CG  
527 C  CD1 . LEU A 76 ? 0.5367 0.4569 0.4026 -0.0379 -0.0281 -0.1452 321  LEU A CD1 
528 C  CD2 . LEU A 76 ? 0.4478 0.3691 0.3205 -0.0459 -0.0287 -0.1466 321  LEU A CD2 
529 N  N   . SER A 77 ? 0.5243 0.5080 0.4241 -0.0823 0.0161  -0.1817 322  SER A N   
530 C  CA  . SER A 77 ? 0.4635 0.4851 0.3939 -0.0862 0.0259  -0.2005 322  SER A CA  
531 C  C   . SER A 77 ? 0.5072 0.5533 0.4615 -0.1012 0.0320  -0.2114 322  SER A C   
532 O  O   . SER A 77 ? 0.5193 0.6073 0.5130 -0.0996 0.0342  -0.2308 322  SER A O   
533 C  CB  . SER A 77 ? 0.5539 0.5744 0.4644 -0.0965 0.0439  -0.2041 322  SER A CB  
534 O  OG  . SER A 77 ? 0.6528 0.6545 0.5331 -0.1200 0.0595  -0.1983 322  SER A OG  
535 N  N   . ASP A 78 ? 0.4937 0.5148 0.4260 -0.1152 0.0337  -0.2010 323  ASP A N   
536 C  CA  . ASP A 78 ? 0.5637 0.6044 0.5157 -0.1338 0.0396  -0.2118 323  ASP A CA  
537 C  C   . ASP A 78 ? 0.4829 0.5211 0.4471 -0.1241 0.0200  -0.2099 323  ASP A C   
538 O  O   . ASP A 78 ? 0.5988 0.6489 0.5769 -0.1390 0.0211  -0.2184 323  ASP A O   
539 C  CB  . ASP A 78 ? 0.5728 0.5814 0.4863 -0.1614 0.0576  -0.2038 323  ASP A CB  
540 C  CG  . ASP A 78 ? 0.5176 0.5291 0.4142 -0.1765 0.0803  -0.2080 323  ASP A CG  
541 O  OD1 . ASP A 78 ? 0.5993 0.6588 0.5326 -0.1823 0.0925  -0.2284 323  ASP A OD1 
542 O  OD2 . ASP A 78 ? 0.6947 0.6604 0.5401 -0.1812 0.0852  -0.1921 323  ASP A OD2 
543 N  N   . MET A 79 ? 0.4553 0.4772 0.4121 -0.1014 0.0028  -0.1998 324  MET A N   
544 C  CA  . MET A 79 ? 0.4857 0.4999 0.4450 -0.0923 -0.0149 -0.1969 324  MET A CA  
545 C  C   . MET A 79 ? 0.4988 0.5405 0.4894 -0.0735 -0.0314 -0.2080 324  MET A C   
546 O  O   . MET A 79 ? 0.5129 0.5508 0.5026 -0.0565 -0.0379 -0.2051 324  MET A O   
547 C  CB  . MET A 79 ? 0.4827 0.4565 0.4073 -0.0824 -0.0212 -0.1785 324  MET A CB  
548 C  CG  . MET A 79 ? 0.6756 0.6163 0.5678 -0.0955 -0.0123 -0.1686 324  MET A CG  
549 S  SD  . MET A 79 ? 0.6606 0.5661 0.5230 -0.0795 -0.0206 -0.1528 324  MET A SD  
550 C  CE  . MET A 79 ? 0.6012 0.4666 0.4283 -0.0919 -0.0143 -0.1458 324  MET A CE  
551 N  N   . HIS A 80 ? 0.4259 0.4931 0.4425 -0.0768 -0.0398 -0.2217 325  HIS A N   
552 C  CA  . HIS A 80 ? 0.4114 0.5035 0.4563 -0.0567 -0.0600 -0.2342 325  HIS A CA  
553 C  C   . HIS A 80 ? 0.4846 0.5621 0.5187 -0.0519 -0.0792 -0.2313 325  HIS A C   
554 O  O   . HIS A 80 ? 0.6870 0.7452 0.7015 -0.0671 -0.0739 -0.2246 325  HIS A O   
555 C  CB  . HIS A 80 ? 0.4863 0.6341 0.5803 -0.0618 -0.0550 -0.2598 325  HIS A CB  
556 C  CG  . HIS A 80 ? 0.6871 0.8482 0.7851 -0.0758 -0.0292 -0.2639 325  HIS A CG  
557 N  ND1 . HIS A 80 ? 0.5858 0.7481 0.6848 -0.0608 -0.0264 -0.2647 325  HIS A ND1 
558 C  CD2 . HIS A 80 ? 0.5398 0.7071 0.6338 -0.1046 -0.0046 -0.2665 325  HIS A CD2 
559 C  CE1 . HIS A 80 ? 0.5391 0.7112 0.6353 -0.0789 -0.0014 -0.2686 325  HIS A CE1 
560 N  NE2 . HIS A 80 ? 0.5178 0.6914 0.6089 -0.1062 0.0126  -0.2690 325  HIS A NE2 
561 N  N   . GLY A 81 ? 0.4708 0.5527 0.5131 -0.0300 -0.1023 -0.2365 326  GLY A N   
562 C  CA  . GLY A 81 ? 0.5679 0.6322 0.5930 -0.0237 -0.1226 -0.2337 326  GLY A CA  
563 C  C   . GLY A 81 ? 0.4927 0.5056 0.4681 -0.0196 -0.1226 -0.2114 326  GLY A C   
564 O  O   . GLY A 81 ? 0.6423 0.6347 0.6013 -0.0085 -0.1220 -0.2010 326  GLY A O   
565 N  N   . THR A 82 ? 0.5295 0.5225 0.4819 -0.0295 -0.1215 -0.2042 327  THR A N   
566 C  CA  . THR A 82 ? 0.4975 0.4490 0.4071 -0.0270 -0.1186 -0.1869 327  THR A CA  
567 C  C   . THR A 82 ? 0.5897 0.5289 0.4887 -0.0381 -0.0974 -0.1785 327  THR A C   
568 O  O   . THR A 82 ? 0.6226 0.5685 0.5296 -0.0530 -0.0862 -0.1822 327  THR A O   
569 C  CB  . THR A 82 ? 0.5341 0.4698 0.4221 -0.0304 -0.1258 -0.1840 327  THR A CB  
570 O  OG1 . THR A 82 ? 0.6508 0.6028 0.5523 -0.0208 -0.1469 -0.1933 327  THR A OG1 
571 C  CG2 . THR A 82 ? 0.5762 0.4753 0.4229 -0.0255 -0.1227 -0.1692 327  THR A CG2 
572 N  N   . LEU A 83 ? 0.5479 0.4672 0.4277 -0.0314 -0.0923 -0.1663 328  LEU A N   
573 C  CA  . LEU A 83 ? 0.5962 0.5042 0.4655 -0.0377 -0.0757 -0.1578 328  LEU A CA  
574 C  C   . LEU A 83 ? 0.5196 0.4021 0.3595 -0.0350 -0.0739 -0.1492 328  LEU A C   
575 O  O   . LEU A 83 ? 0.6468 0.5180 0.4726 -0.0284 -0.0780 -0.1443 328  LEU A O   
576 C  CB  . LEU A 83 ? 0.5529 0.4686 0.4322 -0.0339 -0.0692 -0.1551 328  LEU A CB  
577 C  CG  . LEU A 83 ? 0.5690 0.5093 0.4730 -0.0402 -0.0621 -0.1636 328  LEU A CG  
578 C  CD1 . LEU A 83 ? 0.6550 0.6231 0.5874 -0.0369 -0.0720 -0.1781 328  LEU A CD1 
579 C  CD2 . LEU A 83 ? 0.6464 0.5865 0.5505 -0.0363 -0.0549 -0.1599 328  LEU A CD2 
580 N  N   . THR A 84 ? 0.4867 0.3584 0.3158 -0.0408 -0.0672 -0.1487 329  THR A N   
581 C  CA  . THR A 84 ? 0.4474 0.3021 0.2546 -0.0374 -0.0628 -0.1441 329  THR A CA  
582 C  C   . THR A 84 ? 0.5821 0.4342 0.3881 -0.0349 -0.0523 -0.1401 329  THR A C   
583 O  O   . THR A 84 ? 0.5461 0.3945 0.3541 -0.0370 -0.0483 -0.1404 329  THR A O   
584 C  CB  . THR A 84 ? 0.4716 0.3181 0.2712 -0.0411 -0.0629 -0.1476 329  THR A CB  
585 O  OG1 . THR A 84 ? 0.5218 0.3747 0.3245 -0.0437 -0.0744 -0.1529 329  THR A OG1 
586 C  CG2 . THR A 84 ? 0.4922 0.3263 0.2724 -0.0356 -0.0567 -0.1454 329  THR A CG2 
587 N  N   . PHE A 85 ? 0.5014 0.3548 0.3034 -0.0311 -0.0485 -0.1365 330  PHE A N   
588 C  CA  . PHE A 85 ? 0.4519 0.3116 0.2596 -0.0280 -0.0403 -0.1351 330  PHE A CA  
589 C  C   . PHE A 85 ? 0.4719 0.3273 0.2691 -0.0242 -0.0340 -0.1388 330  PHE A C   
590 O  O   . PHE A 85 ? 0.5673 0.4161 0.3491 -0.0262 -0.0319 -0.1402 330  PHE A O   
591 C  CB  . PHE A 85 ? 0.4412 0.3092 0.2558 -0.0290 -0.0384 -0.1320 330  PHE A CB  
592 C  CG  . PHE A 85 ? 0.4803 0.3552 0.3082 -0.0295 -0.0429 -0.1310 330  PHE A CG  
593 C  CD1 . PHE A 85 ? 0.4815 0.3551 0.3114 -0.0292 -0.0513 -0.1322 330  PHE A CD1 
594 C  CD2 . PHE A 85 ? 0.5478 0.4322 0.3866 -0.0287 -0.0399 -0.1310 330  PHE A CD2 
595 C  CE1 . PHE A 85 ? 0.6598 0.5442 0.5056 -0.0282 -0.0540 -0.1348 330  PHE A CE1 
596 C  CE2 . PHE A 85 ? 0.4867 0.3777 0.3357 -0.0294 -0.0420 -0.1321 330  PHE A CE2 
597 C  CZ  . PHE A 85 ? 0.5627 0.4552 0.4169 -0.0290 -0.0478 -0.1347 330  PHE A CZ  
598 N  N   . VAL A 86 ? 0.4430 0.3011 0.2461 -0.0176 -0.0315 -0.1416 331  VAL A N   
599 C  CA  . VAL A 86 ? 0.4481 0.3115 0.2502 -0.0104 -0.0250 -0.1487 331  VAL A CA  
600 C  C   . VAL A 86 ? 0.5362 0.4226 0.3580 -0.0072 -0.0217 -0.1506 331  VAL A C   
601 O  O   . VAL A 86 ? 0.4346 0.3224 0.2643 -0.0025 -0.0278 -0.1486 331  VAL A O   
602 C  CB  . VAL A 86 ? 0.5377 0.3845 0.3314 -0.0008 -0.0285 -0.1537 331  VAL A CB  
603 C  CG1 . VAL A 86 ? 0.5358 0.3927 0.3327 0.0103  -0.0220 -0.1649 331  VAL A CG1 
604 C  CG2 . VAL A 86 ? 0.6106 0.4350 0.3862 -0.0076 -0.0326 -0.1530 331  VAL A CG2 
605 N  N   . LEU A 87 ? 0.4703 0.3736 0.2978 -0.0118 -0.0118 -0.1553 332  LEU A N   
606 C  CA  . LEU A 87 ? 0.5113 0.4395 0.3603 -0.0138 -0.0087 -0.1584 332  LEU A CA  
607 C  C   . LEU A 87 ? 0.6134 0.5681 0.4757 -0.0162 0.0046  -0.1707 332  LEU A C   
608 O  O   . LEU A 87 ? 0.5676 0.5191 0.4171 -0.0189 0.0145  -0.1754 332  LEU A O   
609 C  CB  . LEU A 87 ? 0.5435 0.4653 0.3889 -0.0263 -0.0095 -0.1496 332  LEU A CB  
610 C  CG  . LEU A 87 ? 0.5218 0.4269 0.3453 -0.0385 -0.0037 -0.1446 332  LEU A CG  
611 C  CD1 . LEU A 87 ? 0.5657 0.4834 0.3907 -0.0513 0.0111  -0.1496 332  LEU A CD1 
612 C  CD2 . LEU A 87 ? 0.6340 0.5220 0.4503 -0.0415 -0.0131 -0.1356 332  LEU A CD2 
613 N  N   . ILE A 88 ? 0.4770 0.4604 0.3654 -0.0164 0.0055  -0.1777 333  ILE A N   
614 C  CA  . ILE A 88 ? 0.4390 0.4580 0.3493 -0.0228 0.0199  -0.1925 333  ILE A CA  
615 C  C   . ILE A 88 ? 0.5165 0.5442 0.4330 -0.0433 0.0268  -0.1903 333  ILE A C   
616 O  O   . ILE A 88 ? 0.4605 0.4972 0.3928 -0.0415 0.0170  -0.1900 333  ILE A O   
617 C  CB  . ILE A 88 ? 0.5522 0.6055 0.4956 -0.0034 0.0129  -0.2089 333  ILE A CB  
618 C  CG1 . ILE A 88 ? 0.4950 0.5312 0.4277 0.0185  0.0044  -0.2115 333  ILE A CG1 
619 C  CG2 . ILE A 88 ? 0.4718 0.5733 0.4470 -0.0117 0.0293  -0.2286 333  ILE A CG2 
620 C  CD1 . ILE A 88 ? 0.5604 0.6189 0.5185 0.0431  -0.0090 -0.2256 333  ILE A CD1 
621 N  N   . PRO A 89 ? 0.5764 0.5956 0.4750 -0.0637 0.0437  -0.1886 334  PRO A N   
622 C  CA  . PRO A 89 ? 0.5334 0.5490 0.4291 -0.0863 0.0512  -0.1853 334  PRO A CA  
623 C  C   . PRO A 89 ? 0.5551 0.6179 0.4921 -0.0931 0.0572  -0.2024 334  PRO A C   
624 O  O   . PRO A 89 ? 0.6025 0.7061 0.5686 -0.0852 0.0633  -0.2197 334  PRO A O   
625 C  CB  . PRO A 89 ? 0.6773 0.6697 0.5375 -0.1057 0.0695  -0.1813 334  PRO A CB  
626 C  CG  . PRO A 89 ? 0.8931 0.8661 0.7311 -0.0908 0.0645  -0.1769 334  PRO A CG  
627 C  CD  . PRO A 89 ? 0.7386 0.7416 0.6095 -0.0676 0.0555  -0.1881 334  PRO A CD  
628 N  N   . SER A 90 ? 0.6514 0.7100 0.5924 -0.1066 0.0543  -0.1994 335  SER A N   
629 C  CA  . SER A 90 ? 0.6869 0.7905 0.6674 -0.1172 0.0587  -0.2168 335  SER A CA  
630 C  C   . SER A 90 ? 1.5039 1.6372 1.4962 -0.1408 0.0855  -0.2319 335  SER A C   
631 O  O   . SER A 90 ? 1.0228 1.2132 1.0609 -0.1413 0.0907  -0.2541 335  SER A O   
632 C  CB  . SER A 90 ? 0.5913 0.6743 0.5648 -0.1312 0.0521  -0.2102 335  SER A CB  
633 O  OXT . SER A 90 ? 1.1495 1.2514 1.1049 -0.1604 0.1027  -0.2232 335  SER A OXT 
634 C  C1  . GOL B .  ? 0.9807 0.5175 0.3664 -0.1335 -0.1166 -0.1199 1336 GOL A C1  
635 O  O1  . GOL B .  ? 0.9939 0.5224 0.3611 -0.1243 -0.1108 -0.1257 1336 GOL A O1  
636 C  C2  . GOL B .  ? 0.9618 0.5350 0.3463 -0.1277 -0.1212 -0.1109 1336 GOL A C2  
637 O  O2  . GOL B .  ? 0.9583 0.4939 0.3412 -0.1228 -0.1175 -0.0920 1336 GOL A O2  
638 C  C3  . GOL B .  ? 0.9340 0.5623 0.3663 -0.1288 -0.1407 -0.1234 1336 GOL A C3  
639 O  O3  . GOL B .  ? 0.9151 0.5519 0.3956 -0.1343 -0.1620 -0.1383 1336 GOL A O3  
640 CL CL  . CL  C .  ? 0.6157 0.8359 0.8328 -0.2261 -0.0791 -0.1402 1337 CL  A CL  
641 C  C   . ACT D .  ? 1.0303 0.8227 0.8163 0.1522  -0.0467 0.2190  1338 ACT A C   
642 O  O   . ACT D .  ? 1.0496 0.8144 0.8110 0.1404  -0.0417 0.2279  1338 ACT A O   
643 O  OXT . ACT D .  ? 1.0298 0.8349 0.8349 0.1580  -0.0496 0.2058  1338 ACT A OXT 
644 C  CH3 . ACT D .  ? 1.0146 0.8072 0.8054 0.1602  -0.0450 0.2244  1338 ACT A CH3 
# 
